data_7M6S
#
_entry.id   7M6S
#
_cell.length_a   1.00
_cell.length_b   1.00
_cell.length_c   1.00
_cell.angle_alpha   90.00
_cell.angle_beta   90.00
_cell.angle_gamma   90.00
#
_symmetry.space_group_name_H-M   'P 1'
#
loop_
_entity.id
_entity.type
_entity.pdbx_description
1 polymer 'Glycine receptor subunit alphaZ1'
2 non-polymer 2-acetamido-2-deoxy-beta-D-glucopyranose
3 non-polymer GLYCINE
#
_entity_poly.entity_id   1
_entity_poly.type   'polypeptide(L)'
_entity_poly.pdbx_seq_one_letter_code
;MFALGIYLWETIVFFSLAASQQAAARKAASPMPPSEFLDKLMGKVSGYDARIRPNFKGPPVNVTCNIFINSFGSIAETTM
DYRVNIFLRQQWNDPRLAYSEYPDDSLDLDPSMLDSIWKPDLFFANEKGANFHEVTTDNKLLRISKNGNVLYSIRITLVL
ACPMDLKNFPMDVQTCIMQLESFGYTMNDLIFEWDEKGAVQVADGLTLPQFILKEEKDLRYCTKHYNTGKFTCIEARFHL
ERQMGYYLIQMYIPSLLIVILSWVSFWINMDAAPARVGLGITTVLTMTTQSSGSRASLPKVSYVKAIDIWMAVCLLFVFS
ALLEYAAVNFIARQHKELLRFQRRRRHLKEDEAGDGRFSFAAYGMGPACLQAKDGMAIKGNNNNAPTSTNPPEKTVEEMR
KLFISRAKRIDTVSRVAFPLVFLIFNIFYWITYKIIRSEDIHKQ
;
_entity_poly.pdbx_strand_id   A,B,C,D,E
#
loop_
_chem_comp.id
_chem_comp.type
_chem_comp.name
_chem_comp.formula
NAG D-saccharide, beta linking 2-acetamido-2-deoxy-beta-D-glucopyranose 'C8 H15 N O6'
#
# COMPACT_ATOMS: atom_id res chain seq x y z
N MET A 32 -8.57 -37.87 -47.75
CA MET A 32 -9.46 -37.92 -46.61
C MET A 32 -9.65 -36.52 -46.03
N PRO A 33 -10.84 -36.21 -45.54
CA PRO A 33 -11.08 -34.90 -44.93
C PRO A 33 -10.55 -34.85 -43.52
N PRO A 34 -10.03 -33.71 -43.09
CA PRO A 34 -9.53 -33.61 -41.71
C PRO A 34 -10.64 -33.52 -40.70
N SER A 35 -11.72 -32.81 -41.02
CA SER A 35 -12.81 -32.59 -40.07
C SER A 35 -13.48 -33.91 -39.69
N GLU A 36 -13.77 -34.74 -40.68
CA GLU A 36 -14.45 -36.02 -40.45
C GLU A 36 -13.63 -36.92 -39.55
N PHE A 37 -12.31 -36.94 -39.77
CA PHE A 37 -11.41 -37.71 -38.93
C PHE A 37 -11.36 -37.14 -37.52
N LEU A 38 -11.29 -35.82 -37.42
CA LEU A 38 -11.16 -35.15 -36.14
C LEU A 38 -12.37 -35.37 -35.25
N ASP A 39 -13.57 -35.41 -35.83
CA ASP A 39 -14.70 -35.74 -34.96
C ASP A 39 -14.84 -37.24 -34.76
N LYS A 40 -14.45 -38.04 -35.75
CA LYS A 40 -14.57 -39.50 -35.64
C LYS A 40 -13.67 -40.05 -34.55
N LEU A 41 -12.54 -39.41 -34.32
CA LEU A 41 -11.58 -39.94 -33.36
C LEU A 41 -12.05 -39.72 -31.93
N MET A 42 -12.52 -38.52 -31.62
CA MET A 42 -12.93 -38.14 -30.27
C MET A 42 -14.34 -37.57 -30.21
N GLY A 43 -15.32 -38.17 -30.87
CA GLY A 43 -16.64 -37.58 -30.83
C GLY A 43 -17.74 -38.52 -30.36
N LYS A 44 -18.89 -38.42 -31.02
CA LYS A 44 -20.09 -39.16 -30.61
C LYS A 44 -20.09 -40.60 -31.10
N VAL A 45 -19.44 -40.86 -32.23
CA VAL A 45 -19.39 -42.24 -32.71
C VAL A 45 -18.35 -43.00 -31.90
N SER A 46 -17.32 -42.29 -31.45
CA SER A 46 -16.28 -42.88 -30.62
C SER A 46 -16.81 -42.99 -29.21
N GLY A 47 -16.57 -44.13 -28.58
CA GLY A 47 -16.97 -44.35 -27.20
C GLY A 47 -16.07 -43.70 -26.15
N TYR A 48 -15.35 -42.66 -26.54
CA TYR A 48 -14.39 -42.02 -25.65
C TYR A 48 -15.14 -41.09 -24.70
N ASP A 49 -15.34 -41.56 -23.47
CA ASP A 49 -15.99 -40.80 -22.43
C ASP A 49 -14.90 -40.13 -21.61
N ALA A 50 -15.02 -38.82 -21.41
CA ALA A 50 -14.02 -38.09 -20.64
C ALA A 50 -14.17 -38.27 -19.14
N ARG A 51 -15.12 -39.06 -18.71
CA ARG A 51 -15.35 -39.33 -17.32
C ARG A 51 -14.70 -40.63 -16.85
N ILE A 52 -14.09 -41.39 -17.74
CA ILE A 52 -13.50 -42.68 -17.39
C ILE A 52 -11.99 -42.57 -17.51
N ARG A 53 -11.29 -43.05 -16.49
CA ARG A 53 -9.84 -43.10 -16.51
C ARG A 53 -9.37 -44.10 -17.55
N PRO A 54 -8.30 -43.81 -18.28
CA PRO A 54 -7.73 -44.81 -19.19
C PRO A 54 -7.15 -46.00 -18.42
N ASN A 55 -7.25 -47.18 -19.04
CA ASN A 55 -6.88 -48.46 -18.44
C ASN A 55 -7.63 -48.72 -17.14
N PHE A 56 -8.95 -48.53 -17.20
CA PHE A 56 -9.82 -48.73 -16.04
C PHE A 56 -9.78 -50.19 -15.60
N LYS A 57 -9.82 -50.38 -14.27
CA LYS A 57 -9.61 -51.68 -13.61
C LYS A 57 -8.27 -52.28 -13.99
N GLY A 58 -7.25 -51.44 -14.02
CA GLY A 58 -5.94 -51.82 -14.48
C GLY A 58 -4.83 -51.11 -13.75
N PRO A 59 -3.58 -51.44 -14.09
CA PRO A 59 -2.40 -50.83 -13.45
C PRO A 59 -2.39 -49.32 -13.56
N PRO A 60 -1.93 -48.64 -12.49
CA PRO A 60 -1.90 -47.17 -12.45
C PRO A 60 -1.22 -46.51 -13.64
N VAL A 61 -1.82 -45.41 -14.10
CA VAL A 61 -1.35 -44.66 -15.25
C VAL A 61 -0.14 -43.79 -14.89
N ASN A 62 1.00 -44.12 -15.47
CA ASN A 62 2.23 -43.39 -15.21
C ASN A 62 2.22 -42.08 -15.99
N VAL A 63 2.44 -40.96 -15.31
CA VAL A 63 2.46 -39.64 -15.90
C VAL A 63 3.85 -39.05 -15.70
N THR A 64 4.47 -38.52 -16.75
CA THR A 64 5.80 -37.93 -16.59
C THR A 64 5.72 -36.42 -16.76
N CYS A 65 6.34 -35.68 -15.83
CA CYS A 65 6.26 -34.22 -15.85
C CYS A 65 7.58 -33.52 -16.12
N ASN A 66 7.57 -32.60 -17.08
CA ASN A 66 8.71 -31.75 -17.44
C ASN A 66 8.41 -30.28 -17.14
N ILE A 67 9.28 -29.57 -16.40
CA ILE A 67 8.99 -28.20 -16.00
C ILE A 67 10.05 -27.25 -16.55
N PHE A 68 9.62 -26.16 -17.20
CA PHE A 68 10.56 -25.14 -17.67
C PHE A 68 10.24 -23.79 -17.02
N ILE A 69 11.26 -23.12 -16.49
CA ILE A 69 11.08 -21.87 -15.75
C ILE A 69 11.20 -20.70 -16.72
N ASN A 70 10.07 -20.06 -17.06
CA ASN A 70 10.13 -18.87 -17.91
C ASN A 70 10.79 -17.68 -17.22
N SER A 71 10.45 -17.43 -15.96
CA SER A 71 11.02 -16.30 -15.22
C SER A 71 10.90 -16.54 -13.73
N PHE A 72 11.69 -15.81 -12.97
CA PHE A 72 11.68 -15.87 -11.52
C PHE A 72 11.66 -14.45 -10.98
N GLY A 73 11.08 -14.23 -9.81
CA GLY A 73 11.11 -12.91 -9.22
C GLY A 73 10.17 -12.80 -8.05
N SER A 74 9.95 -11.54 -7.59
CA SER A 74 9.03 -11.24 -6.48
C SER A 74 9.31 -11.99 -5.19
N ILE A 75 10.58 -12.05 -4.77
CA ILE A 75 10.90 -12.70 -3.52
C ILE A 75 11.20 -11.67 -2.43
N ALA A 76 10.38 -11.69 -1.38
CA ALA A 76 10.58 -10.80 -0.25
C ALA A 76 10.31 -11.55 1.05
N GLU A 77 11.00 -11.13 2.11
CA GLU A 77 10.89 -11.77 3.41
C GLU A 77 9.50 -11.65 4.04
N THR A 78 8.90 -10.46 3.99
CA THR A 78 7.60 -10.23 4.62
C THR A 78 6.52 -11.07 3.98
N THR A 79 6.51 -11.10 2.66
CA THR A 79 5.49 -11.82 1.89
C THR A 79 5.63 -13.33 2.11
N MET A 80 6.88 -13.83 2.22
CA MET A 80 7.24 -15.24 2.38
C MET A 80 6.74 -16.09 1.21
N ASP A 81 6.76 -15.49 0.02
CA ASP A 81 6.37 -16.21 -1.18
C ASP A 81 7.18 -15.69 -2.36
N TYR A 82 7.26 -16.52 -3.40
CA TYR A 82 7.95 -16.23 -4.65
C TYR A 82 7.00 -16.45 -5.82
N ARG A 83 7.02 -15.55 -6.80
CA ARG A 83 6.22 -15.71 -8.01
C ARG A 83 7.05 -16.19 -9.19
N VAL A 84 6.69 -17.37 -9.74
CA VAL A 84 7.46 -17.96 -10.83
C VAL A 84 6.55 -18.30 -12.01
N ASN A 85 6.91 -17.83 -13.20
CA ASN A 85 6.20 -18.20 -14.43
C ASN A 85 6.73 -19.53 -14.95
N ILE A 86 5.87 -20.52 -15.18
CA ILE A 86 6.37 -21.83 -15.58
C ILE A 86 5.57 -22.43 -16.72
N PHE A 87 6.26 -23.23 -17.53
CA PHE A 87 5.68 -24.00 -18.61
C PHE A 87 5.67 -25.46 -18.18
N LEU A 88 4.49 -26.06 -18.09
CA LEU A 88 4.32 -27.41 -17.59
C LEU A 88 3.94 -28.37 -18.70
N ARG A 89 4.73 -29.44 -18.85
CA ARG A 89 4.48 -30.47 -19.86
C ARG A 89 4.17 -31.79 -19.18
N GLN A 90 3.02 -32.38 -19.53
CA GLN A 90 2.54 -33.63 -18.96
C GLN A 90 2.47 -34.67 -20.07
N GLN A 91 3.12 -35.82 -19.91
CA GLN A 91 3.04 -36.82 -20.97
C GLN A 91 2.45 -38.10 -20.41
N TRP A 92 1.35 -38.57 -21.02
CA TRP A 92 0.81 -39.85 -20.57
C TRP A 92 0.35 -40.73 -21.73
N ASN A 93 0.53 -42.03 -21.57
CA ASN A 93 0.18 -43.03 -22.57
C ASN A 93 -1.33 -43.26 -22.60
N ASP A 94 -1.95 -43.21 -23.79
CA ASP A 94 -3.37 -43.52 -23.89
C ASP A 94 -3.55 -44.64 -24.91
N PRO A 95 -4.07 -45.82 -24.54
CA PRO A 95 -4.34 -46.86 -25.57
C PRO A 95 -5.38 -46.42 -26.58
N ARG A 96 -6.42 -45.74 -26.11
CA ARG A 96 -7.47 -45.22 -26.95
C ARG A 96 -6.89 -44.01 -27.68
N LEU A 97 -7.53 -43.63 -28.80
CA LEU A 97 -7.16 -42.51 -29.69
C LEU A 97 -5.95 -42.85 -30.56
N ALA A 98 -5.56 -44.12 -30.62
CA ALA A 98 -4.47 -44.62 -31.46
C ALA A 98 -5.05 -44.91 -32.84
N TYR A 99 -5.15 -43.84 -33.62
CA TYR A 99 -5.80 -43.86 -34.94
C TYR A 99 -5.11 -44.80 -35.93
N SER A 100 -3.78 -44.74 -36.04
CA SER A 100 -2.96 -45.59 -36.92
C SER A 100 -3.34 -45.51 -38.41
N GLU A 101 -3.94 -44.41 -38.87
CA GLU A 101 -4.34 -44.32 -40.28
C GLU A 101 -3.77 -43.11 -41.02
N TYR A 102 -2.96 -42.29 -40.37
CA TYR A 102 -2.40 -41.07 -40.94
C TYR A 102 -0.89 -41.20 -41.06
N PRO A 103 -0.31 -40.87 -42.21
CA PRO A 103 1.15 -41.02 -42.40
C PRO A 103 1.98 -40.20 -41.43
N ASP A 104 1.59 -38.95 -41.15
CA ASP A 104 2.36 -38.10 -40.25
C ASP A 104 2.41 -38.69 -38.84
N ASP A 105 3.58 -38.62 -38.21
CA ASP A 105 3.77 -39.22 -36.89
C ASP A 105 2.89 -38.61 -35.80
N SER A 106 2.75 -37.29 -35.79
CA SER A 106 1.98 -36.66 -34.71
C SER A 106 1.04 -35.60 -35.26
N LEU A 107 -0.05 -35.36 -34.54
CA LEU A 107 -0.99 -34.33 -34.96
C LEU A 107 -1.14 -33.25 -33.90
N ASP A 108 -0.89 -32.01 -34.29
CA ASP A 108 -1.09 -30.85 -33.42
C ASP A 108 -2.58 -30.57 -33.29
N LEU A 109 -3.05 -30.18 -32.10
CA LEU A 109 -4.48 -29.97 -31.95
C LEU A 109 -4.77 -28.68 -31.19
N ASP A 110 -5.98 -28.16 -31.39
CA ASP A 110 -6.43 -26.91 -30.79
C ASP A 110 -6.70 -27.00 -29.29
N PRO A 111 -6.70 -25.85 -28.59
CA PRO A 111 -7.06 -25.82 -27.15
C PRO A 111 -8.45 -26.31 -26.84
N SER A 112 -9.42 -26.05 -27.72
CA SER A 112 -10.80 -26.48 -27.56
C SER A 112 -10.91 -28.00 -27.46
N MET A 113 -10.08 -28.70 -28.23
CA MET A 113 -10.06 -30.16 -28.26
C MET A 113 -9.69 -30.76 -26.91
N LEU A 114 -8.91 -30.04 -26.11
CA LEU A 114 -8.44 -30.52 -24.79
C LEU A 114 -9.58 -30.85 -23.83
N ASP A 115 -10.67 -30.09 -23.86
CA ASP A 115 -11.76 -30.36 -22.92
C ASP A 115 -12.33 -31.76 -23.13
N SER A 116 -12.45 -32.20 -24.38
CA SER A 116 -12.99 -33.53 -24.65
C SER A 116 -12.13 -34.65 -24.05
N ILE A 117 -10.80 -34.50 -24.13
CA ILE A 117 -9.86 -35.50 -23.62
C ILE A 117 -9.85 -35.56 -22.10
N TRP A 118 -9.60 -36.76 -21.56
CA TRP A 118 -9.44 -36.97 -20.12
C TRP A 118 -8.13 -36.31 -19.70
N LYS A 119 -8.17 -35.54 -18.61
CA LYS A 119 -6.96 -34.85 -18.18
C LYS A 119 -6.59 -35.17 -16.74
N PRO A 120 -5.33 -35.51 -16.46
CA PRO A 120 -4.92 -35.74 -15.07
C PRO A 120 -4.98 -34.49 -14.19
N ASP A 121 -5.49 -34.66 -12.98
CA ASP A 121 -5.57 -33.58 -12.01
C ASP A 121 -4.19 -33.21 -11.46
N LEU A 122 -3.91 -31.92 -11.36
CA LEU A 122 -2.67 -31.42 -10.78
C LEU A 122 -2.94 -30.38 -9.71
N PHE A 123 -2.28 -30.56 -8.58
CA PHE A 123 -2.37 -29.65 -7.46
C PHE A 123 -1.01 -29.37 -6.85
N PHE A 124 -0.89 -28.21 -6.21
CA PHE A 124 0.34 -27.76 -5.60
C PHE A 124 0.08 -27.66 -4.12
N ALA A 125 1.04 -28.14 -3.32
CA ALA A 125 0.87 -28.16 -1.86
C ALA A 125 0.68 -26.76 -1.27
N ASN A 126 1.40 -25.78 -1.78
CA ASN A 126 1.30 -24.40 -1.31
C ASN A 126 1.01 -23.48 -2.49
N GLU A 127 -0.23 -23.49 -2.95
CA GLU A 127 -0.65 -22.75 -4.12
C GLU A 127 -1.59 -21.60 -3.76
N LYS A 128 -1.25 -20.42 -4.26
CA LYS A 128 -2.03 -19.18 -4.14
C LYS A 128 -2.08 -18.64 -5.56
N GLY A 129 -3.15 -17.87 -5.88
CA GLY A 129 -3.20 -17.27 -7.21
C GLY A 129 -3.25 -18.35 -8.28
N ALA A 130 -2.24 -18.35 -9.16
CA ALA A 130 -2.10 -19.31 -10.26
C ALA A 130 -3.16 -19.25 -11.33
N ASN A 131 -3.70 -18.06 -11.58
CA ASN A 131 -4.68 -17.90 -12.65
C ASN A 131 -4.03 -18.11 -14.01
N PHE A 132 -4.75 -18.77 -14.91
CA PHE A 132 -4.26 -19.02 -16.25
C PHE A 132 -4.20 -17.74 -17.08
N HIS A 133 -3.20 -17.68 -17.95
CA HIS A 133 -3.07 -16.56 -18.88
C HIS A 133 -3.91 -16.81 -20.12
N GLU A 134 -4.82 -15.90 -20.46
CA GLU A 134 -5.70 -16.10 -21.61
C GLU A 134 -5.71 -14.82 -22.45
N VAL A 135 -4.61 -14.55 -23.16
CA VAL A 135 -4.54 -13.42 -24.07
C VAL A 135 -4.72 -13.92 -25.49
N THR A 136 -5.74 -13.39 -26.17
CA THR A 136 -6.21 -13.70 -27.53
C THR A 136 -6.82 -15.10 -27.58
N THR A 137 -6.04 -16.10 -27.21
CA THR A 137 -6.44 -17.49 -27.11
C THR A 137 -5.83 -18.03 -25.83
N ASP A 138 -6.42 -19.09 -25.28
CA ASP A 138 -5.84 -19.73 -24.11
C ASP A 138 -4.49 -20.35 -24.48
N ASN A 139 -3.53 -20.26 -23.56
CA ASN A 139 -2.18 -20.75 -23.82
C ASN A 139 -2.12 -22.24 -23.54
N LYS A 140 -2.71 -23.02 -24.44
CA LYS A 140 -2.68 -24.47 -24.32
C LYS A 140 -2.17 -25.18 -25.57
N LEU A 141 -1.26 -26.15 -25.40
CA LEU A 141 -0.74 -26.90 -26.54
C LEU A 141 -1.07 -28.39 -26.39
N LEU A 142 -1.65 -28.99 -27.43
CA LEU A 142 -1.93 -30.43 -27.43
C LEU A 142 -1.22 -31.14 -28.57
N ARG A 143 -0.46 -32.19 -28.27
CA ARG A 143 0.16 -33.00 -29.32
C ARG A 143 -0.17 -34.48 -29.17
N ILE A 144 -0.73 -35.11 -30.19
CA ILE A 144 -1.10 -36.53 -30.07
C ILE A 144 -0.23 -37.39 -31.00
N SER A 145 0.55 -38.31 -30.44
CA SER A 145 1.38 -39.18 -31.27
C SER A 145 0.57 -40.38 -31.79
N LYS A 146 1.15 -41.09 -32.78
CA LYS A 146 0.46 -42.26 -33.37
C LYS A 146 0.21 -43.37 -32.35
N ASN A 147 1.18 -43.61 -31.46
CA ASN A 147 1.06 -44.62 -30.40
C ASN A 147 0.06 -44.23 -29.34
N GLY A 148 -0.35 -42.97 -29.34
CA GLY A 148 -1.32 -42.42 -28.44
C GLY A 148 -0.74 -41.73 -27.24
N ASN A 149 0.59 -41.61 -27.17
CA ASN A 149 1.12 -40.83 -26.08
C ASN A 149 0.64 -39.39 -26.29
N VAL A 150 0.24 -38.73 -25.22
CA VAL A 150 -0.34 -37.41 -25.35
C VAL A 150 0.53 -36.40 -24.61
N LEU A 151 0.82 -35.25 -25.26
CA LEU A 151 1.63 -34.23 -24.60
C LEU A 151 0.65 -33.09 -24.31
N TYR A 152 0.57 -32.67 -23.05
CA TYR A 152 -0.29 -31.57 -22.63
C TYR A 152 0.59 -30.42 -22.12
N SER A 153 0.51 -29.24 -22.72
CA SER A 153 1.38 -28.12 -22.32
C SER A 153 0.58 -26.89 -21.90
N ILE A 154 0.94 -26.31 -20.74
CA ILE A 154 0.23 -25.14 -20.19
C ILE A 154 1.27 -24.17 -19.63
N ARG A 155 0.96 -22.86 -19.68
CA ARG A 155 1.77 -21.82 -19.07
C ARG A 155 1.05 -21.14 -17.93
N ILE A 156 1.61 -21.17 -16.71
CA ILE A 156 0.89 -20.58 -15.57
C ILE A 156 1.89 -19.89 -14.64
N THR A 157 1.42 -18.85 -13.93
CA THR A 157 2.22 -18.17 -12.91
C THR A 157 1.85 -18.58 -11.50
N LEU A 158 2.74 -19.26 -10.79
CA LEU A 158 2.41 -19.79 -9.48
C LEU A 158 3.06 -18.98 -8.37
N VAL A 159 2.28 -18.59 -7.37
CA VAL A 159 2.82 -17.90 -6.20
C VAL A 159 2.88 -19.00 -5.15
N LEU A 160 4.05 -19.30 -4.61
CA LEU A 160 4.07 -20.36 -3.61
C LEU A 160 4.74 -19.89 -2.34
N ALA A 161 4.19 -20.29 -1.19
CA ALA A 161 4.81 -19.96 0.08
C ALA A 161 6.17 -20.62 0.24
N CYS A 162 7.15 -19.87 0.73
CA CYS A 162 8.44 -20.50 0.91
C CYS A 162 8.75 -20.40 2.40
N PRO A 163 9.12 -21.49 3.05
CA PRO A 163 9.51 -21.43 4.49
C PRO A 163 10.96 -20.99 4.61
N MET A 164 11.18 -19.69 4.40
CA MET A 164 12.53 -19.16 4.50
C MET A 164 13.09 -19.12 5.92
N ASP A 165 14.40 -19.30 5.97
CA ASP A 165 15.24 -19.32 7.15
C ASP A 165 15.80 -17.92 7.35
N LEU A 166 15.55 -17.33 8.51
CA LEU A 166 16.03 -15.98 8.77
C LEU A 166 17.13 -15.95 9.82
N LYS A 167 17.80 -17.08 10.05
CA LYS A 167 18.84 -17.21 11.07
C LYS A 167 19.92 -16.14 10.90
N ASN A 168 20.64 -16.16 9.78
CA ASN A 168 21.69 -15.16 9.61
C ASN A 168 21.26 -14.28 8.45
N PHE A 169 20.82 -13.07 8.77
CA PHE A 169 20.32 -12.16 7.73
C PHE A 169 21.30 -11.79 6.62
N PRO A 170 22.59 -11.39 6.90
CA PRO A 170 23.46 -10.99 5.79
C PRO A 170 23.81 -12.07 4.80
N MET A 171 24.15 -13.24 5.33
CA MET A 171 24.52 -14.36 4.49
C MET A 171 23.69 -15.56 4.86
N ASP A 172 22.95 -16.09 3.90
CA ASP A 172 22.14 -17.28 4.11
C ASP A 172 21.87 -17.93 2.77
N VAL A 173 21.51 -19.20 2.81
CA VAL A 173 21.11 -19.92 1.62
C VAL A 173 19.66 -20.32 1.81
N GLN A 174 18.81 -19.98 0.87
CA GLN A 174 17.39 -20.23 1.01
C GLN A 174 16.96 -21.31 0.04
N THR A 175 16.26 -22.32 0.52
CA THR A 175 15.77 -23.34 -0.37
C THR A 175 14.27 -23.26 -0.46
N CYS A 176 13.75 -23.16 -1.68
CA CYS A 176 12.32 -23.05 -1.93
C CYS A 176 11.89 -24.34 -2.62
N ILE A 177 10.80 -24.93 -2.13
CA ILE A 177 10.32 -26.21 -2.60
C ILE A 177 8.96 -26.10 -3.27
N MET A 178 8.82 -26.77 -4.41
CA MET A 178 7.55 -26.82 -5.13
C MET A 178 7.05 -28.25 -5.13
N GLN A 179 5.81 -28.46 -4.68
CA GLN A 179 5.25 -29.80 -4.54
C GLN A 179 4.02 -29.99 -5.41
N LEU A 180 4.00 -31.08 -6.17
CA LEU A 180 2.90 -31.46 -7.06
C LEU A 180 2.25 -32.75 -6.57
N GLU A 181 0.93 -32.70 -6.34
CA GLU A 181 0.15 -33.80 -5.79
C GLU A 181 -1.14 -33.97 -6.58
N SER A 182 -1.74 -35.16 -6.48
CA SER A 182 -3.04 -35.44 -7.08
C SER A 182 -4.15 -35.33 -6.05
N PHE A 183 -4.99 -34.31 -6.19
CA PHE A 183 -6.05 -34.06 -5.21
C PHE A 183 -7.11 -35.14 -5.18
N GLY A 184 -7.58 -35.58 -6.34
CA GLY A 184 -8.68 -36.51 -6.40
C GLY A 184 -8.41 -37.97 -6.50
N TYR A 185 -7.18 -38.36 -6.81
CA TYR A 185 -6.88 -39.76 -7.06
C TYR A 185 -5.84 -40.26 -6.07
N THR A 186 -5.98 -41.51 -5.66
CA THR A 186 -5.06 -42.09 -4.71
C THR A 186 -3.80 -42.57 -5.42
N MET A 187 -2.88 -43.17 -4.64
CA MET A 187 -1.64 -43.70 -5.21
C MET A 187 -1.94 -44.75 -6.27
N ASN A 188 -2.91 -45.60 -5.99
CA ASN A 188 -3.37 -46.54 -6.98
C ASN A 188 -4.16 -45.74 -8.01
N ASP A 189 -3.99 -46.10 -9.29
CA ASP A 189 -4.60 -45.59 -10.54
C ASP A 189 -4.01 -44.30 -11.13
N LEU A 190 -2.97 -43.69 -10.57
CA LEU A 190 -2.26 -42.50 -11.07
C LEU A 190 -0.97 -42.24 -10.30
N ILE A 191 0.14 -42.34 -11.00
CA ILE A 191 1.47 -42.19 -10.43
C ILE A 191 2.14 -41.07 -11.21
N PHE A 192 2.81 -40.16 -10.50
CA PHE A 192 3.57 -39.07 -11.09
C PHE A 192 5.07 -39.28 -10.95
N GLU A 193 5.78 -39.20 -12.07
CA GLU A 193 7.21 -39.45 -12.12
C GLU A 193 7.91 -38.33 -12.88
N TRP A 194 9.19 -38.19 -12.55
CA TRP A 194 10.07 -37.19 -13.13
C TRP A 194 10.70 -37.73 -14.40
N ASP A 195 11.11 -36.81 -15.25
CA ASP A 195 11.76 -37.15 -16.50
C ASP A 195 13.24 -37.36 -16.19
N GLU A 196 13.78 -38.48 -16.68
CA GLU A 196 15.18 -38.83 -16.40
C GLU A 196 16.15 -37.80 -16.95
N LYS A 197 15.91 -37.28 -18.15
CA LYS A 197 16.81 -36.30 -18.74
C LYS A 197 16.05 -35.01 -18.97
N GLY A 198 16.68 -33.89 -18.59
CA GLY A 198 16.13 -32.56 -18.74
C GLY A 198 14.79 -32.36 -18.06
N ALA A 199 14.69 -32.82 -16.82
CA ALA A 199 13.45 -32.71 -16.04
C ALA A 199 13.07 -31.26 -15.79
N VAL A 200 14.04 -30.41 -15.47
CA VAL A 200 13.80 -29.01 -15.17
C VAL A 200 14.76 -28.16 -15.97
N GLN A 201 14.21 -27.22 -16.73
CA GLN A 201 15.01 -26.31 -17.53
C GLN A 201 14.75 -24.89 -17.07
N VAL A 202 15.69 -24.01 -17.34
CA VAL A 202 15.56 -22.62 -16.94
C VAL A 202 15.77 -21.76 -18.18
N ALA A 203 15.10 -20.61 -18.21
CA ALA A 203 15.26 -19.72 -19.37
C ALA A 203 16.68 -19.19 -19.44
N ASP A 204 17.20 -19.13 -20.66
CA ASP A 204 18.57 -18.65 -20.88
C ASP A 204 18.68 -17.18 -20.54
N GLY A 205 19.82 -16.82 -19.93
CA GLY A 205 20.06 -15.45 -19.53
C GLY A 205 19.05 -14.87 -18.58
N LEU A 206 18.63 -15.65 -17.59
CA LEU A 206 17.66 -15.24 -16.59
C LEU A 206 18.39 -14.97 -15.30
N THR A 207 18.20 -13.77 -14.75
CA THR A 207 18.87 -13.37 -13.53
C THR A 207 17.90 -12.70 -12.57
N LEU A 208 18.28 -12.75 -11.29
CA LEU A 208 17.57 -12.17 -10.18
C LEU A 208 18.45 -11.11 -9.53
N PRO A 209 17.91 -9.93 -9.23
CA PRO A 209 18.75 -8.86 -8.64
C PRO A 209 19.32 -9.19 -7.28
N GLN A 210 18.57 -9.85 -6.40
CA GLN A 210 19.00 -10.14 -5.04
C GLN A 210 19.71 -11.48 -4.89
N PHE A 211 19.20 -12.54 -5.51
CA PHE A 211 19.72 -13.87 -5.32
C PHE A 211 20.38 -14.43 -6.56
N ILE A 212 21.31 -15.36 -6.34
CA ILE A 212 21.98 -16.12 -7.37
C ILE A 212 21.42 -17.53 -7.33
N LEU A 213 20.84 -17.97 -8.43
CA LEU A 213 20.31 -19.33 -8.52
C LEU A 213 21.45 -20.32 -8.64
N LYS A 214 21.32 -21.47 -7.98
CA LYS A 214 22.34 -22.51 -8.06
C LYS A 214 21.93 -23.58 -9.05
N GLU A 215 22.86 -23.95 -9.92
CA GLU A 215 22.60 -24.92 -10.98
C GLU A 215 22.82 -26.33 -10.47
N GLU A 216 21.98 -26.73 -9.51
CA GLU A 216 21.94 -28.13 -9.08
C GLU A 216 20.55 -28.72 -9.24
N LYS A 217 19.53 -28.07 -8.65
CA LYS A 217 18.11 -28.39 -8.81
C LYS A 217 17.75 -29.84 -8.46
N ASP A 218 18.14 -30.26 -7.26
CA ASP A 218 17.81 -31.60 -6.76
C ASP A 218 16.30 -31.85 -6.64
N LEU A 219 15.86 -32.97 -7.22
CA LEU A 219 14.46 -33.35 -7.25
C LEU A 219 14.24 -34.64 -6.48
N ARG A 220 13.29 -34.64 -5.55
CA ARG A 220 12.98 -35.88 -4.84
C ARG A 220 11.47 -35.99 -4.63
N TYR A 221 10.97 -37.22 -4.47
CA TYR A 221 9.53 -37.37 -4.28
C TYR A 221 9.16 -38.02 -2.96
N CYS A 222 8.22 -37.41 -2.26
CA CYS A 222 7.70 -37.85 -0.97
C CYS A 222 6.19 -38.08 -1.07
N THR A 223 5.75 -39.29 -0.76
CA THR A 223 4.33 -39.61 -0.80
C THR A 223 3.58 -38.91 0.33
N LYS A 224 2.28 -38.72 0.14
CA LYS A 224 1.41 -38.06 1.11
C LYS A 224 0.40 -39.04 1.69
N HIS A 225 0.30 -39.08 3.01
CA HIS A 225 -0.65 -39.93 3.72
C HIS A 225 -1.71 -39.08 4.38
N TYR A 226 -2.98 -39.43 4.14
CA TYR A 226 -4.13 -38.74 4.69
C TYR A 226 -5.12 -39.78 5.19
N ASN A 227 -6.10 -39.29 5.96
CA ASN A 227 -7.17 -40.16 6.46
C ASN A 227 -7.95 -40.79 5.32
N THR A 228 -8.23 -40.00 4.28
CA THR A 228 -8.93 -40.52 3.12
C THR A 228 -8.11 -41.58 2.38
N GLY A 229 -6.81 -41.36 2.23
CA GLY A 229 -6.00 -42.31 1.50
C GLY A 229 -4.58 -41.83 1.31
N LYS A 230 -3.84 -42.56 0.47
CA LYS A 230 -2.46 -42.26 0.13
C LYS A 230 -2.39 -41.66 -1.27
N PHE A 231 -1.77 -40.48 -1.38
CA PHE A 231 -1.71 -39.71 -2.63
C PHE A 231 -0.27 -39.46 -3.05
N THR A 232 0.02 -39.68 -4.33
CA THR A 232 1.36 -39.48 -4.87
C THR A 232 1.74 -38.00 -4.91
N CYS A 233 3.05 -37.73 -4.74
CA CYS A 233 3.55 -36.37 -4.83
C CYS A 233 5.01 -36.37 -5.30
N ILE A 234 5.42 -35.25 -5.89
CA ILE A 234 6.80 -35.04 -6.33
C ILE A 234 7.24 -33.65 -5.92
N GLU A 235 8.52 -33.50 -5.60
CA GLU A 235 9.03 -32.24 -5.08
C GLU A 235 10.26 -31.80 -5.87
N ALA A 236 10.39 -30.48 -6.03
CA ALA A 236 11.51 -29.85 -6.69
C ALA A 236 12.13 -28.82 -5.76
N ARG A 237 13.46 -28.83 -5.62
CA ARG A 237 14.14 -27.95 -4.68
C ARG A 237 15.04 -26.98 -5.41
N PHE A 238 14.95 -25.69 -5.07
CA PHE A 238 15.78 -24.64 -5.65
C PHE A 238 16.59 -23.95 -4.56
N HIS A 239 17.87 -23.72 -4.85
CA HIS A 239 18.79 -23.09 -3.92
C HIS A 239 19.12 -21.67 -4.37
N LEU A 240 19.01 -20.72 -3.45
CA LEU A 240 19.25 -19.31 -3.70
C LEU A 240 20.33 -18.77 -2.77
N GLU A 241 21.27 -18.01 -3.32
CA GLU A 241 22.33 -17.38 -2.54
C GLU A 241 22.19 -15.87 -2.56
N ARG A 242 22.21 -15.25 -1.37
CA ARG A 242 22.10 -13.80 -1.28
C ARG A 242 23.34 -13.06 -1.78
N GLN A 243 23.10 -11.90 -2.41
CA GLN A 243 24.18 -11.00 -2.78
C GLN A 243 24.48 -10.10 -1.59
N MET A 244 25.74 -10.10 -1.17
CA MET A 244 26.17 -9.34 0.01
C MET A 244 26.51 -7.88 -0.28
N GLY A 245 26.56 -7.48 -1.55
CA GLY A 245 27.00 -6.15 -1.90
C GLY A 245 26.14 -5.01 -1.35
N TYR A 246 24.82 -5.13 -1.43
CA TYR A 246 23.94 -4.05 -0.98
C TYR A 246 23.99 -3.84 0.52
N TYR A 247 24.01 -4.93 1.29
CA TYR A 247 23.92 -4.85 2.74
C TYR A 247 25.11 -4.11 3.34
N LEU A 248 26.31 -4.31 2.78
CA LEU A 248 27.51 -3.65 3.29
C LEU A 248 27.39 -2.14 3.19
N ILE A 249 27.08 -1.64 1.99
CA ILE A 249 26.93 -0.22 1.73
C ILE A 249 25.79 0.37 2.54
N GLN A 250 24.67 -0.33 2.59
CA GLN A 250 23.50 0.16 3.30
C GLN A 250 23.70 0.23 4.80
N MET A 251 24.28 -0.79 5.41
CA MET A 251 24.33 -0.84 6.87
C MET A 251 25.72 -0.84 7.48
N TYR A 252 26.64 -1.67 6.98
CA TYR A 252 27.94 -1.83 7.63
C TYR A 252 28.76 -0.55 7.56
N ILE A 253 28.80 0.09 6.39
CA ILE A 253 29.62 1.29 6.21
C ILE A 253 29.16 2.46 7.08
N PRO A 254 27.83 2.81 7.16
CA PRO A 254 27.46 3.95 8.04
C PRO A 254 27.78 3.71 9.49
N SER A 255 27.51 2.50 9.98
CA SER A 255 27.77 2.20 11.38
C SER A 255 29.25 2.34 11.69
N LEU A 256 30.09 1.83 10.78
CA LEU A 256 31.54 1.88 10.98
C LEU A 256 32.05 3.32 11.01
N LEU A 257 31.58 4.16 10.07
CA LEU A 257 31.99 5.57 10.07
C LEU A 257 31.57 6.24 11.36
N ILE A 258 30.36 5.93 11.85
CA ILE A 258 29.84 6.55 13.06
C ILE A 258 30.74 6.18 14.24
N VAL A 259 31.11 4.90 14.32
CA VAL A 259 31.93 4.39 15.41
C VAL A 259 33.29 5.09 15.40
N ILE A 260 33.88 5.23 14.20
CA ILE A 260 35.19 5.87 14.08
C ILE A 260 35.10 7.33 14.53
N LEU A 261 34.02 8.01 14.12
CA LEU A 261 33.86 9.43 14.45
C LEU A 261 33.78 9.60 15.94
N SER A 262 33.00 8.74 16.58
CA SER A 262 32.78 8.85 18.01
C SER A 262 34.08 8.64 18.75
N TRP A 263 34.87 7.62 18.35
CA TRP A 263 36.10 7.35 19.07
C TRP A 263 37.09 8.49 18.95
N VAL A 264 37.32 8.94 17.70
CA VAL A 264 38.26 10.02 17.41
C VAL A 264 37.89 11.27 18.18
N SER A 265 36.61 11.68 18.06
CA SER A 265 36.15 12.89 18.71
C SER A 265 36.26 12.78 20.21
N PHE A 266 35.94 11.60 20.76
CA PHE A 266 35.98 11.44 22.21
C PHE A 266 37.39 11.62 22.72
N TRP A 267 38.38 11.03 22.03
CA TRP A 267 39.76 11.13 22.48
C TRP A 267 40.29 12.55 22.43
N ILE A 268 39.94 13.31 21.39
CA ILE A 268 40.37 14.70 21.33
C ILE A 268 39.36 15.51 22.14
N ASN A 269 39.62 16.82 22.36
CA ASN A 269 38.75 17.78 23.08
C ASN A 269 38.34 17.27 24.47
N MET A 270 39.31 16.67 25.17
CA MET A 270 39.12 16.18 26.53
C MET A 270 38.79 17.29 27.53
N ASP A 271 39.44 18.44 27.42
CA ASP A 271 39.15 19.54 28.34
C ASP A 271 37.70 20.02 28.21
N ALA A 272 37.17 20.05 26.99
CA ALA A 272 35.80 20.50 26.73
C ALA A 272 34.80 19.35 26.96
N ALA A 273 34.47 19.18 28.24
CA ALA A 273 33.53 18.14 28.65
C ALA A 273 32.12 18.30 28.08
N PRO A 274 31.48 19.50 28.01
CA PRO A 274 30.16 19.56 27.37
C PRO A 274 30.21 19.13 25.93
N ALA A 275 31.29 19.50 25.24
CA ALA A 275 31.45 19.12 23.85
C ALA A 275 31.52 17.61 23.71
N ARG A 276 32.23 16.94 24.63
CA ARG A 276 32.38 15.48 24.53
C ARG A 276 31.07 14.78 24.82
N VAL A 277 30.35 15.21 25.86
CA VAL A 277 29.13 14.53 26.26
C VAL A 277 28.07 14.70 25.17
N GLY A 278 28.00 15.90 24.58
CA GLY A 278 27.04 16.16 23.53
C GLY A 278 27.30 15.28 22.33
N LEU A 279 28.58 15.12 21.96
CA LEU A 279 28.95 14.26 20.84
C LEU A 279 28.55 12.83 21.11
N GLY A 280 28.81 12.36 22.35
CA GLY A 280 28.53 10.97 22.68
C GLY A 280 27.05 10.67 22.58
N ILE A 281 26.23 11.56 23.15
CA ILE A 281 24.79 11.33 23.17
C ILE A 281 24.23 11.34 21.77
N THR A 282 24.67 12.29 20.93
CA THR A 282 24.14 12.37 19.56
C THR A 282 24.49 11.11 18.80
N THR A 283 25.71 10.63 19.01
CA THR A 283 26.18 9.43 18.34
C THR A 283 25.35 8.22 18.75
N VAL A 284 25.02 8.11 20.05
CA VAL A 284 24.18 7.01 20.53
C VAL A 284 22.79 7.09 19.90
N LEU A 285 22.23 8.29 19.80
CA LEU A 285 20.87 8.47 19.28
C LEU A 285 20.82 8.03 17.82
N THR A 286 21.84 8.40 17.05
CA THR A 286 21.91 7.98 15.66
C THR A 286 22.06 6.47 15.57
N MET A 287 22.86 5.87 16.45
CA MET A 287 23.09 4.44 16.41
C MET A 287 21.77 3.68 16.62
N THR A 288 21.02 4.06 17.67
CA THR A 288 19.77 3.35 17.96
C THR A 288 18.74 3.56 16.84
N THR A 289 18.61 4.81 16.34
CA THR A 289 17.63 5.03 15.28
C THR A 289 18.01 4.24 14.02
N GLN A 290 19.31 4.19 13.69
CA GLN A 290 19.75 3.42 12.53
C GLN A 290 19.45 1.94 12.71
N SER A 291 19.67 1.42 13.93
CA SER A 291 19.40 0.01 14.20
C SER A 291 17.92 -0.30 14.04
N SER A 292 17.06 0.57 14.58
CA SER A 292 15.63 0.39 14.42
C SER A 292 15.24 0.47 12.96
N GLY A 293 15.87 1.39 12.21
CA GLY A 293 15.55 1.50 10.79
C GLY A 293 15.93 0.23 10.06
N SER A 294 17.07 -0.36 10.46
CA SER A 294 17.56 -1.57 9.83
C SER A 294 16.56 -2.70 10.00
N ARG A 295 15.99 -2.80 11.20
CA ARG A 295 14.99 -3.83 11.46
C ARG A 295 13.61 -3.32 11.02
N ALA A 296 13.40 -3.29 9.70
CA ALA A 296 12.10 -2.85 9.23
C ALA A 296 11.61 -3.61 8.01
N SER A 297 12.53 -3.82 7.07
CA SER A 297 12.21 -4.55 5.84
C SER A 297 11.82 -6.00 6.09
N LEU A 298 12.46 -6.64 7.03
CA LEU A 298 12.24 -8.03 7.38
C LEU A 298 11.15 -8.20 8.44
N PRO A 299 10.59 -9.42 8.59
CA PRO A 299 9.57 -9.64 9.61
C PRO A 299 10.16 -9.92 10.99
N LYS A 300 9.27 -10.12 11.95
CA LYS A 300 9.63 -10.36 13.34
C LYS A 300 9.84 -11.84 13.63
N VAL A 301 10.94 -12.16 14.31
CA VAL A 301 11.29 -13.53 14.68
C VAL A 301 11.86 -13.53 16.09
N SER A 302 11.69 -14.65 16.80
CA SER A 302 12.19 -14.77 18.16
C SER A 302 13.71 -14.80 18.22
N TYR A 303 14.34 -15.55 17.33
CA TYR A 303 15.78 -15.74 17.36
C TYR A 303 16.51 -14.46 16.96
N VAL A 304 17.79 -14.38 17.32
CA VAL A 304 18.59 -13.19 17.10
C VAL A 304 19.50 -13.38 15.90
N LYS A 305 19.36 -12.48 14.92
CA LYS A 305 20.12 -12.46 13.69
C LYS A 305 21.52 -11.84 13.86
N ALA A 306 22.37 -12.14 12.86
CA ALA A 306 23.73 -11.63 12.86
C ALA A 306 23.77 -10.11 12.84
N ILE A 307 22.88 -9.50 12.05
CA ILE A 307 22.82 -8.04 11.95
C ILE A 307 22.51 -7.45 13.31
N ASP A 308 21.63 -8.12 14.07
CA ASP A 308 21.31 -7.70 15.42
C ASP A 308 22.54 -7.73 16.30
N ILE A 309 23.34 -8.80 16.17
CA ILE A 309 24.56 -8.94 16.95
C ILE A 309 25.54 -7.81 16.65
N TRP A 310 25.70 -7.49 15.36
CA TRP A 310 26.60 -6.42 14.96
C TRP A 310 26.13 -5.07 15.48
N MET A 311 24.82 -4.79 15.39
CA MET A 311 24.29 -3.54 15.89
C MET A 311 24.47 -3.44 17.40
N ALA A 312 24.24 -4.54 18.11
CA ALA A 312 24.37 -4.54 19.55
C ALA A 312 25.79 -4.26 20.01
N VAL A 313 26.78 -4.90 19.39
CA VAL A 313 28.18 -4.64 19.80
C VAL A 313 28.58 -3.20 19.47
N CYS A 314 28.19 -2.69 18.29
CA CYS A 314 28.54 -1.32 17.94
C CYS A 314 27.93 -0.32 18.93
N LEU A 315 26.67 -0.56 19.30
CA LEU A 315 25.98 0.27 20.27
C LEU A 315 26.68 0.19 21.62
N LEU A 316 27.15 -1.02 21.98
CA LEU A 316 27.85 -1.20 23.25
C LEU A 316 29.14 -0.40 23.29
N PHE A 317 29.90 -0.39 22.19
CA PHE A 317 31.16 0.36 22.14
C PHE A 317 30.90 1.86 22.29
N VAL A 318 29.91 2.34 21.54
CA VAL A 318 29.55 3.75 21.56
C VAL A 318 29.05 4.13 22.94
N PHE A 319 28.30 3.24 23.57
CA PHE A 319 27.80 3.41 24.92
C PHE A 319 28.94 3.56 25.92
N SER A 320 29.85 2.58 25.91
CA SER A 320 31.03 2.54 26.78
C SER A 320 31.84 3.82 26.80
N ALA A 321 32.10 4.37 25.60
CA ALA A 321 32.87 5.63 25.46
C ALA A 321 32.40 6.76 26.39
N LEU A 322 31.08 6.94 26.47
CA LEU A 322 30.50 7.97 27.33
C LEU A 322 30.81 7.72 28.80
N LEU A 323 30.71 6.46 29.22
CA LEU A 323 31.01 6.10 30.59
C LEU A 323 32.48 6.36 30.92
N GLU A 324 33.36 6.09 29.95
CA GLU A 324 34.78 6.39 30.14
C GLU A 324 35.01 7.88 30.37
N TYR A 325 34.32 8.71 29.58
CA TYR A 325 34.42 10.16 29.75
C TYR A 325 33.88 10.59 31.11
N ALA A 326 32.75 10.00 31.53
CA ALA A 326 32.15 10.32 32.81
C ALA A 326 33.08 10.01 33.97
N ALA A 327 33.76 8.87 33.89
CA ALA A 327 34.71 8.48 34.93
C ALA A 327 35.86 9.47 35.02
N VAL A 328 36.40 9.86 33.86
CA VAL A 328 37.47 10.84 33.83
C VAL A 328 37.02 12.18 34.41
N ASN A 329 35.80 12.61 34.06
CA ASN A 329 35.26 13.87 34.57
C ASN A 329 35.11 13.80 36.08
N PHE A 330 34.65 12.65 36.61
CA PHE A 330 34.51 12.48 38.06
C PHE A 330 35.85 12.58 38.77
N ILE A 331 36.89 11.96 38.20
CA ILE A 331 38.22 12.04 38.79
C ILE A 331 38.73 13.47 38.77
N ALA A 332 38.48 14.20 37.68
CA ALA A 332 38.88 15.60 37.57
C ALA A 332 38.17 16.45 38.61
N ARG A 333 36.89 16.16 38.84
CA ARG A 333 36.10 16.85 39.86
C ARG A 333 36.70 16.63 41.23
N GLN A 334 37.13 15.39 41.50
CA GLN A 334 37.75 15.07 42.78
C GLN A 334 39.03 15.86 42.96
N HIS A 335 39.81 15.99 41.87
CA HIS A 335 41.06 16.75 41.90
C HIS A 335 40.80 18.23 42.20
N LYS A 336 39.82 18.84 41.52
CA LYS A 336 39.54 20.26 41.76
C LYS A 336 38.99 20.51 43.16
N GLU A 337 38.09 19.65 43.66
CA GLU A 337 37.55 19.85 45.01
C GLU A 337 38.66 19.72 46.06
N LEU A 338 39.53 18.71 45.91
CA LEU A 338 40.60 18.55 46.88
C LEU A 338 41.56 19.73 46.77
N LEU A 339 41.79 20.24 45.56
CA LEU A 339 42.70 21.38 45.39
C LEU A 339 42.11 22.59 46.13
N ARG A 340 40.78 22.75 46.03
CA ARG A 340 40.08 23.85 46.68
C ARG A 340 40.27 23.78 48.19
N PHE A 341 40.22 22.56 48.74
CA PHE A 341 40.41 22.28 50.17
C PHE A 341 41.70 22.90 50.73
N LYS A 394 53.42 21.22 48.62
CA LYS A 394 52.26 21.43 49.47
C LYS A 394 51.47 20.13 49.65
N THR A 395 50.45 20.18 50.50
CA THR A 395 49.63 19.00 50.76
C THR A 395 48.64 18.73 49.64
N VAL A 396 48.17 19.77 48.95
CA VAL A 396 47.27 19.54 47.82
C VAL A 396 48.04 19.35 46.50
N GLU A 397 49.23 19.94 46.37
CA GLU A 397 50.07 19.53 45.26
C GLU A 397 50.75 18.20 45.51
N GLU A 398 50.64 17.64 46.72
CA GLU A 398 51.06 16.27 46.94
C GLU A 398 50.18 15.32 46.15
N MET A 399 48.90 15.66 45.97
CA MET A 399 47.95 14.81 45.26
C MET A 399 47.57 15.35 43.89
N ARG A 400 48.04 16.55 43.53
CA ARG A 400 47.73 17.10 42.22
C ARG A 400 48.34 16.27 41.10
N LYS A 401 49.63 15.90 41.26
CA LYS A 401 50.33 15.11 40.25
C LYS A 401 49.70 13.73 40.10
N LEU A 402 49.32 13.14 41.24
CA LEU A 402 48.73 11.80 41.27
C LEU A 402 47.41 11.76 40.53
N PHE A 403 46.52 12.71 40.83
CA PHE A 403 45.20 12.70 40.19
C PHE A 403 45.29 13.06 38.71
N ILE A 404 46.08 14.07 38.34
CA ILE A 404 46.23 14.42 36.93
C ILE A 404 46.87 13.28 36.14
N SER A 405 47.90 12.65 36.70
CA SER A 405 48.56 11.51 36.06
C SER A 405 47.63 10.33 35.89
N ARG A 406 46.80 10.05 36.90
CA ARG A 406 45.86 8.93 36.81
C ARG A 406 44.82 9.16 35.72
N ALA A 407 44.25 10.38 35.67
CA ALA A 407 43.25 10.70 34.66
C ALA A 407 43.86 10.64 33.26
N LYS A 408 45.07 11.20 33.11
CA LYS A 408 45.74 11.14 31.83
C LYS A 408 46.07 9.71 31.45
N ARG A 409 46.49 8.88 32.42
CA ARG A 409 46.79 7.48 32.13
C ARG A 409 45.58 6.74 31.62
N ILE A 410 44.40 7.07 32.16
CA ILE A 410 43.15 6.52 31.66
C ILE A 410 42.93 6.91 30.19
N ASP A 411 42.95 8.22 29.92
CA ASP A 411 42.70 8.70 28.56
C ASP A 411 43.71 8.16 27.54
N THR A 412 45.00 8.17 27.91
CA THR A 412 46.06 7.69 27.01
C THR A 412 45.94 6.21 26.74
N VAL A 413 45.54 5.41 27.73
CA VAL A 413 45.49 3.98 27.48
C VAL A 413 44.26 3.66 26.65
N SER A 414 43.08 4.05 27.14
CA SER A 414 41.80 3.98 26.42
C SER A 414 41.83 4.33 24.93
N ARG A 415 42.57 5.40 24.61
CA ARG A 415 42.67 5.90 23.25
C ARG A 415 43.30 4.89 22.29
N VAL A 416 44.44 4.33 22.69
CA VAL A 416 45.09 3.31 21.88
C VAL A 416 44.34 1.97 21.98
N ALA A 417 43.82 1.65 23.16
CA ALA A 417 43.26 0.33 23.45
C ALA A 417 42.00 0.00 22.66
N PHE A 418 41.07 0.95 22.52
CA PHE A 418 39.79 0.59 21.89
C PHE A 418 39.81 0.12 20.44
N PRO A 419 40.55 0.73 19.48
CA PRO A 419 40.53 0.16 18.12
C PRO A 419 41.06 -1.25 18.03
N LEU A 420 42.10 -1.61 18.78
CA LEU A 420 42.63 -2.97 18.69
C LEU A 420 41.58 -3.98 19.16
N VAL A 421 40.87 -3.65 20.25
CA VAL A 421 39.87 -4.50 20.89
C VAL A 421 38.56 -4.43 20.07
N PHE A 422 38.61 -3.75 18.93
CA PHE A 422 37.50 -3.67 18.00
C PHE A 422 37.84 -4.39 16.72
N LEU A 423 39.09 -4.22 16.28
CA LEU A 423 39.62 -4.92 15.12
C LEU A 423 39.65 -6.43 15.35
N ILE A 424 40.06 -6.86 16.55
CA ILE A 424 40.11 -8.29 16.85
C ILE A 424 38.72 -8.90 16.82
N PHE A 425 37.69 -8.15 17.26
CA PHE A 425 36.33 -8.68 17.23
C PHE A 425 35.85 -8.77 15.80
N ASN A 426 36.13 -7.73 15.00
CA ASN A 426 35.69 -7.68 13.61
C ASN A 426 36.25 -8.86 12.83
N ILE A 427 37.54 -9.14 13.05
CA ILE A 427 38.20 -10.29 12.41
C ILE A 427 37.56 -11.60 12.85
N PHE A 428 37.27 -11.72 14.16
CA PHE A 428 36.65 -12.93 14.70
C PHE A 428 35.28 -13.17 14.08
N TYR A 429 34.48 -12.11 13.99
CA TYR A 429 33.13 -12.16 13.46
C TYR A 429 33.12 -12.63 12.01
N TRP A 430 33.92 -11.95 11.17
CA TRP A 430 33.94 -12.32 9.75
C TRP A 430 34.43 -13.74 9.53
N ILE A 431 35.50 -14.16 10.23
CA ILE A 431 36.02 -15.52 9.98
C ILE A 431 35.00 -16.58 10.40
N THR A 432 34.32 -16.40 11.55
CA THR A 432 33.35 -17.41 11.96
C THR A 432 32.17 -17.48 10.99
N TYR A 433 31.67 -16.33 10.51
CA TYR A 433 30.58 -16.38 9.56
C TYR A 433 31.00 -16.99 8.23
N LYS A 434 32.22 -16.66 7.77
CA LYS A 434 32.73 -17.20 6.51
C LYS A 434 32.88 -18.73 6.57
N ILE A 435 33.43 -19.26 7.68
CA ILE A 435 33.52 -20.71 7.78
C ILE A 435 32.13 -21.33 7.88
N ILE A 436 31.21 -20.67 8.59
CA ILE A 436 29.86 -21.22 8.75
C ILE A 436 29.16 -21.30 7.39
N ARG A 437 29.26 -20.24 6.57
CA ARG A 437 28.64 -20.25 5.23
C ARG A 437 29.27 -21.31 4.35
N SER A 438 30.60 -21.45 4.42
CA SER A 438 31.31 -22.44 3.63
C SER A 438 30.90 -23.86 3.98
N GLU A 439 30.82 -24.18 5.28
CA GLU A 439 30.40 -25.52 5.66
C GLU A 439 28.92 -25.81 5.39
N ASP A 440 28.03 -24.84 5.63
CA ASP A 440 26.59 -25.15 5.44
C ASP A 440 26.17 -25.47 4.00
N MET B 32 -19.85 -55.42 -17.36
CA MET B 32 -20.74 -54.27 -17.44
C MET B 32 -19.95 -53.01 -17.80
N PRO B 33 -20.55 -52.11 -18.57
CA PRO B 33 -19.85 -50.87 -18.93
C PRO B 33 -19.93 -49.87 -17.79
N PRO B 34 -18.89 -49.07 -17.60
CA PRO B 34 -18.92 -48.07 -16.53
C PRO B 34 -19.80 -46.88 -16.88
N SER B 35 -19.78 -46.45 -18.14
CA SER B 35 -20.51 -45.27 -18.55
C SER B 35 -22.02 -45.45 -18.38
N GLU B 36 -22.53 -46.62 -18.82
CA GLU B 36 -23.96 -46.89 -18.74
C GLU B 36 -24.44 -46.88 -17.29
N PHE B 37 -23.64 -47.45 -16.39
CA PHE B 37 -23.96 -47.45 -14.98
C PHE B 37 -23.90 -46.04 -14.42
N LEU B 38 -22.87 -45.29 -14.80
CA LEU B 38 -22.67 -43.94 -14.27
C LEU B 38 -23.80 -43.01 -14.66
N ASP B 39 -24.35 -43.13 -15.87
CA ASP B 39 -25.51 -42.29 -16.15
C ASP B 39 -26.79 -42.87 -15.60
N LYS B 40 -26.89 -44.21 -15.51
CA LYS B 40 -28.11 -44.84 -15.00
C LYS B 40 -28.33 -44.53 -13.54
N LEU B 41 -27.25 -44.33 -12.79
CA LEU B 41 -27.40 -44.12 -11.36
C LEU B 41 -27.91 -42.72 -11.04
N MET B 42 -27.36 -41.71 -11.69
CA MET B 42 -27.69 -40.32 -11.43
C MET B 42 -28.08 -39.56 -12.70
N GLY B 43 -28.93 -40.12 -13.57
CA GLY B 43 -29.24 -39.38 -14.78
C GLY B 43 -30.73 -39.19 -15.02
N LYS B 44 -31.12 -39.34 -16.30
CA LYS B 44 -32.49 -39.04 -16.71
C LYS B 44 -33.44 -40.19 -16.43
N VAL B 45 -32.95 -41.42 -16.44
CA VAL B 45 -33.82 -42.54 -16.12
C VAL B 45 -34.04 -42.60 -14.62
N SER B 46 -33.04 -42.17 -13.85
CA SER B 46 -33.14 -42.11 -12.41
C SER B 46 -33.94 -40.88 -12.03
N GLY B 47 -34.86 -41.06 -11.09
CA GLY B 47 -35.67 -39.96 -10.59
C GLY B 47 -34.96 -39.04 -9.60
N TYR B 48 -33.63 -39.00 -9.64
CA TYR B 48 -32.86 -38.23 -8.68
C TYR B 48 -32.86 -36.77 -9.10
N ASP B 49 -33.69 -35.98 -8.43
CA ASP B 49 -33.79 -34.55 -8.68
C ASP B 49 -32.89 -33.86 -7.66
N ALA B 50 -32.01 -32.98 -8.13
CA ALA B 50 -31.11 -32.28 -7.24
C ALA B 50 -31.77 -31.14 -6.49
N ARG B 51 -33.05 -30.92 -6.71
CA ARG B 51 -33.80 -29.89 -6.05
C ARG B 51 -34.55 -30.38 -4.83
N ILE B 52 -34.53 -31.67 -4.55
CA ILE B 52 -35.27 -32.24 -3.42
C ILE B 52 -34.29 -32.72 -2.37
N ARG B 53 -34.55 -32.36 -1.13
CA ARG B 53 -33.75 -32.82 0.00
C ARG B 53 -33.94 -34.32 0.19
N PRO B 54 -32.89 -35.07 0.52
CA PRO B 54 -33.06 -36.48 0.85
C PRO B 54 -33.86 -36.66 2.13
N ASN B 55 -34.63 -37.75 2.18
CA ASN B 55 -35.58 -38.05 3.26
C ASN B 55 -36.59 -36.92 3.45
N PHE B 56 -37.18 -36.48 2.35
CA PHE B 56 -38.17 -35.42 2.37
C PHE B 56 -39.39 -35.83 3.17
N LYS B 57 -39.96 -34.87 3.91
CA LYS B 57 -41.03 -35.08 4.90
C LYS B 57 -40.60 -36.09 5.96
N GLY B 58 -39.35 -35.98 6.40
CA GLY B 58 -38.78 -36.92 7.31
C GLY B 58 -37.80 -36.28 8.28
N PRO B 59 -37.23 -37.10 9.17
CA PRO B 59 -36.29 -36.61 10.18
C PRO B 59 -35.08 -35.90 9.58
N PRO B 60 -34.62 -34.82 10.23
CA PRO B 60 -33.49 -34.03 9.71
C PRO B 60 -32.24 -34.82 9.37
N VAL B 61 -31.62 -34.44 8.25
CA VAL B 61 -30.42 -35.10 7.74
C VAL B 61 -29.18 -34.71 8.52
N ASN B 62 -28.60 -35.68 9.21
CA ASN B 62 -27.42 -35.44 10.03
C ASN B 62 -26.19 -35.38 9.11
N VAL B 63 -25.42 -34.31 9.22
CA VAL B 63 -24.21 -34.10 8.43
C VAL B 63 -23.03 -34.02 9.38
N THR B 64 -21.96 -34.77 9.10
CA THR B 64 -20.79 -34.72 9.99
C THR B 64 -19.63 -34.04 9.27
N CYS B 65 -18.99 -33.09 9.95
CA CYS B 65 -17.91 -32.31 9.33
C CYS B 65 -16.53 -32.54 9.95
N ASN B 66 -15.55 -32.81 9.09
CA ASN B 66 -14.14 -33.00 9.46
C ASN B 66 -13.29 -31.88 8.83
N ILE B 67 -12.47 -31.19 9.62
CA ILE B 67 -11.70 -30.06 9.09
C ILE B 67 -10.20 -30.30 9.26
N PHE B 68 -9.42 -30.12 8.19
CA PHE B 68 -7.97 -30.23 8.27
C PHE B 68 -7.31 -28.92 7.87
N ILE B 69 -6.37 -28.44 8.69
CA ILE B 69 -5.73 -27.14 8.45
C ILE B 69 -4.48 -27.32 7.61
N ASN B 70 -4.55 -26.94 6.32
CA ASN B 70 -3.35 -27.01 5.48
C ASN B 70 -2.27 -26.03 5.91
N SER B 71 -2.63 -24.79 6.21
CA SER B 71 -1.66 -23.77 6.60
C SER B 71 -2.36 -22.68 7.39
N PHE B 72 -1.56 -21.90 8.13
CA PHE B 72 -2.05 -20.78 8.89
C PHE B 72 -1.13 -19.60 8.62
N GLY B 73 -1.64 -18.37 8.72
CA GLY B 73 -0.78 -17.21 8.55
C GLY B 73 -1.60 -15.94 8.41
N SER B 74 -0.90 -14.85 8.01
CA SER B 74 -1.51 -13.54 7.76
C SER B 74 -2.29 -12.99 8.96
N ILE B 75 -1.74 -13.05 10.15
CA ILE B 75 -2.42 -12.48 11.31
C ILE B 75 -1.79 -11.17 11.72
N ALA B 76 -2.57 -10.09 11.65
CA ALA B 76 -2.11 -8.78 12.07
C ALA B 76 -3.23 -8.06 12.81
N GLU B 77 -2.82 -7.20 13.74
CA GLU B 77 -3.75 -6.45 14.59
C GLU B 77 -4.64 -5.48 13.81
N THR B 78 -4.06 -4.72 12.87
CA THR B 78 -4.82 -3.72 12.13
C THR B 78 -5.90 -4.36 11.27
N THR B 79 -5.54 -5.43 10.58
CA THR B 79 -6.43 -6.13 9.68
C THR B 79 -7.58 -6.79 10.46
N MET B 80 -7.27 -7.32 11.65
CA MET B 80 -8.20 -8.04 12.54
C MET B 80 -8.79 -9.27 11.87
N ASP B 81 -7.97 -9.92 11.03
CA ASP B 81 -8.39 -11.15 10.38
C ASP B 81 -7.18 -12.06 10.18
N TYR B 82 -7.46 -13.34 10.01
CA TYR B 82 -6.48 -14.39 9.78
C TYR B 82 -6.85 -15.17 8.52
N ARG B 83 -5.87 -15.48 7.69
CA ARG B 83 -6.09 -16.30 6.50
C ARG B 83 -5.64 -17.73 6.69
N VAL B 84 -6.57 -18.68 6.57
CA VAL B 84 -6.27 -20.09 6.81
C VAL B 84 -6.70 -20.95 5.62
N ASN B 85 -5.79 -21.77 5.10
CA ASN B 85 -6.12 -22.72 4.05
C ASN B 85 -6.68 -24.00 4.68
N ILE B 86 -7.87 -24.46 4.26
CA ILE B 86 -8.46 -25.61 4.93
C ILE B 86 -9.05 -26.60 3.95
N PHE B 87 -9.02 -27.87 4.34
CA PHE B 87 -9.63 -28.97 3.62
C PHE B 87 -10.87 -29.39 4.40
N LEU B 88 -12.04 -29.29 3.75
CA LEU B 88 -13.32 -29.55 4.39
C LEU B 88 -13.93 -30.84 3.88
N ARG B 89 -14.25 -31.75 4.80
CA ARG B 89 -14.88 -33.03 4.47
C ARG B 89 -16.28 -33.08 5.08
N GLN B 90 -17.28 -33.33 4.24
CA GLN B 90 -18.68 -33.40 4.64
C GLN B 90 -19.19 -34.81 4.39
N GLN B 91 -19.74 -35.48 5.40
CA GLN B 91 -20.24 -36.83 5.16
C GLN B 91 -21.73 -36.89 5.48
N TRP B 92 -22.54 -37.30 4.51
CA TRP B 92 -23.96 -37.46 4.79
C TRP B 92 -24.55 -38.71 4.16
N ASN B 93 -25.49 -39.31 4.88
CA ASN B 93 -26.17 -40.54 4.45
C ASN B 93 -27.20 -40.25 3.37
N ASP B 94 -27.17 -40.99 2.27
CA ASP B 94 -28.19 -40.83 1.22
C ASP B 94 -28.85 -42.19 0.97
N PRO B 95 -30.15 -42.35 1.21
CA PRO B 95 -30.81 -43.64 0.87
C PRO B 95 -30.77 -43.91 -0.63
N ARG B 96 -30.98 -42.88 -1.43
CA ARG B 96 -30.94 -42.98 -2.88
C ARG B 96 -29.47 -43.09 -3.26
N LEU B 97 -29.22 -43.59 -4.48
CA LEU B 97 -27.88 -43.82 -5.08
C LEU B 97 -27.20 -45.05 -4.49
N ALA B 98 -27.94 -45.88 -3.75
CA ALA B 98 -27.44 -47.13 -3.16
C ALA B 98 -27.60 -48.22 -4.22
N TYR B 99 -26.60 -48.25 -5.12
CA TYR B 99 -26.61 -49.13 -6.29
C TYR B 99 -26.64 -50.62 -5.93
N SER B 100 -25.79 -51.05 -5.00
CA SER B 100 -25.71 -52.44 -4.51
C SER B 100 -25.44 -53.48 -5.61
N GLU B 101 -24.80 -53.11 -6.72
CA GLU B 101 -24.54 -54.06 -7.80
C GLU B 101 -23.09 -54.19 -8.21
N TYR B 102 -22.18 -53.47 -7.55
CA TYR B 102 -20.76 -53.45 -7.88
C TYR B 102 -19.96 -54.05 -6.74
N PRO B 103 -19.02 -54.96 -7.02
CA PRO B 103 -18.26 -55.61 -5.95
C PRO B 103 -17.42 -54.66 -5.11
N ASP B 104 -16.78 -53.66 -5.73
CA ASP B 104 -15.95 -52.72 -4.99
C ASP B 104 -16.79 -51.92 -3.99
N ASP B 105 -16.24 -51.72 -2.79
CA ASP B 105 -16.99 -51.03 -1.73
C ASP B 105 -17.33 -49.59 -2.06
N SER B 106 -16.42 -48.83 -2.66
CA SER B 106 -16.69 -47.42 -2.91
C SER B 106 -16.27 -47.03 -4.32
N LEU B 107 -16.92 -46.01 -4.86
CA LEU B 107 -16.55 -45.53 -6.19
C LEU B 107 -16.12 -44.07 -6.15
N ASP B 108 -14.91 -43.81 -6.63
CA ASP B 108 -14.41 -42.44 -6.76
C ASP B 108 -15.09 -41.75 -7.94
N LEU B 109 -15.40 -40.47 -7.81
CA LEU B 109 -16.10 -39.82 -8.91
C LEU B 109 -15.51 -38.45 -9.21
N ASP B 110 -15.76 -37.98 -10.43
CA ASP B 110 -15.23 -36.72 -10.94
C ASP B 110 -15.89 -35.48 -10.33
N PRO B 111 -15.22 -34.32 -10.39
CA PRO B 111 -15.82 -33.06 -9.92
C PRO B 111 -17.10 -32.66 -10.64
N SER B 112 -17.19 -32.95 -11.94
CA SER B 112 -18.37 -32.63 -12.75
C SER B 112 -19.61 -33.33 -12.21
N MET B 113 -19.45 -34.56 -11.72
CA MET B 113 -20.55 -35.35 -11.17
C MET B 113 -21.19 -34.69 -9.95
N LEU B 114 -20.41 -33.90 -9.20
CA LEU B 114 -20.90 -33.23 -7.99
C LEU B 114 -22.09 -32.32 -8.23
N ASP B 115 -22.13 -31.62 -9.37
CA ASP B 115 -23.24 -30.70 -9.60
C ASP B 115 -24.57 -31.42 -9.62
N SER B 116 -24.62 -32.63 -10.19
CA SER B 116 -25.87 -33.38 -10.26
C SER B 116 -26.39 -33.74 -8.87
N ILE B 117 -25.50 -34.11 -7.95
CA ILE B 117 -25.88 -34.51 -6.60
C ILE B 117 -26.36 -33.32 -5.76
N TRP B 118 -27.29 -33.61 -4.84
CA TRP B 118 -27.77 -32.61 -3.88
C TRP B 118 -26.65 -32.29 -2.91
N LYS B 119 -26.39 -31.01 -2.65
CA LYS B 119 -25.30 -30.65 -1.76
C LYS B 119 -25.75 -29.78 -0.60
N PRO B 120 -25.38 -30.10 0.64
CA PRO B 120 -25.73 -29.23 1.76
C PRO B 120 -25.05 -27.86 1.72
N ASP B 121 -25.84 -26.84 2.02
CA ASP B 121 -25.35 -25.45 2.06
C ASP B 121 -24.44 -25.23 3.26
N LEU B 122 -23.31 -24.55 3.05
CA LEU B 122 -22.39 -24.18 4.12
C LEU B 122 -22.07 -22.71 4.09
N PHE B 123 -22.15 -22.09 5.24
CA PHE B 123 -21.84 -20.69 5.42
C PHE B 123 -21.02 -20.45 6.69
N PHE B 124 -20.26 -19.37 6.68
CA PHE B 124 -19.38 -19.01 7.77
C PHE B 124 -19.89 -17.68 8.31
N ALA B 125 -19.94 -17.57 9.65
CA ALA B 125 -20.49 -16.36 10.28
C ALA B 125 -19.70 -15.11 9.93
N ASN B 126 -18.38 -15.21 9.84
CA ASN B 126 -17.53 -14.08 9.50
C ASN B 126 -16.64 -14.46 8.32
N GLU B 127 -17.23 -14.46 7.13
CA GLU B 127 -16.56 -14.89 5.91
C GLU B 127 -16.32 -13.72 4.96
N LYS B 128 -15.08 -13.60 4.51
CA LYS B 128 -14.62 -12.63 3.51
C LYS B 128 -13.81 -13.46 2.52
N GLY B 129 -13.75 -13.00 1.26
CA GLY B 129 -12.94 -13.73 0.28
C GLY B 129 -13.47 -15.15 0.10
N ALA B 130 -12.63 -16.14 0.40
CA ALA B 130 -12.96 -17.57 0.30
C ALA B 130 -13.22 -18.08 -1.11
N ASN B 131 -12.55 -17.50 -2.09
CA ASN B 131 -12.65 -17.98 -3.46
C ASN B 131 -12.05 -19.38 -3.59
N PHE B 132 -12.71 -20.23 -4.37
CA PHE B 132 -12.23 -21.58 -4.60
C PHE B 132 -10.97 -21.59 -5.47
N HIS B 133 -10.08 -22.54 -5.19
CA HIS B 133 -8.89 -22.73 -5.99
C HIS B 133 -9.20 -23.61 -7.19
N GLU B 134 -8.93 -23.13 -8.41
CA GLU B 134 -9.24 -23.91 -9.61
C GLU B 134 -8.03 -23.90 -10.53
N VAL B 135 -6.99 -24.65 -10.16
CA VAL B 135 -5.81 -24.80 -11.01
C VAL B 135 -5.89 -26.14 -11.71
N THR B 136 -5.86 -26.12 -13.05
CA THR B 136 -5.97 -27.23 -13.99
C THR B 136 -7.38 -27.83 -13.97
N THR B 137 -7.80 -28.29 -12.79
CA THR B 137 -9.12 -28.82 -12.53
C THR B 137 -9.56 -28.26 -11.19
N ASP B 138 -10.87 -28.21 -10.97
CA ASP B 138 -11.36 -27.77 -9.67
C ASP B 138 -10.96 -28.78 -8.61
N ASN B 139 -10.61 -28.28 -7.42
CA ASN B 139 -10.12 -29.14 -6.34
C ASN B 139 -11.32 -29.72 -5.58
N LYS B 140 -11.98 -30.69 -6.21
CA LYS B 140 -13.12 -31.35 -5.59
C LYS B 140 -12.98 -32.87 -5.58
N LEU B 141 -13.26 -33.51 -4.44
CA LEU B 141 -13.21 -34.97 -4.36
C LEU B 141 -14.57 -35.53 -3.97
N LEU B 142 -15.07 -36.51 -4.73
CA LEU B 142 -16.32 -37.19 -4.41
C LEU B 142 -16.12 -38.68 -4.21
N ARG B 143 -16.58 -39.21 -3.06
CA ARG B 143 -16.53 -40.66 -2.85
C ARG B 143 -17.89 -41.21 -2.47
N ILE B 144 -18.40 -42.21 -3.20
CA ILE B 144 -19.73 -42.75 -2.89
C ILE B 144 -19.61 -44.20 -2.39
N SER B 145 -20.03 -44.45 -1.15
CA SER B 145 -19.98 -45.82 -0.62
C SER B 145 -21.20 -46.64 -1.06
N LYS B 146 -21.13 -47.97 -0.87
CA LYS B 146 -22.24 -48.85 -1.27
C LYS B 146 -23.53 -48.55 -0.51
N ASN B 147 -23.42 -48.24 0.78
CA ASN B 147 -24.57 -47.90 1.61
C ASN B 147 -25.16 -46.55 1.26
N GLY B 148 -24.43 -45.77 0.48
CA GLY B 148 -24.84 -44.48 0.00
C GLY B 148 -24.32 -43.33 0.82
N ASN B 149 -23.49 -43.60 1.82
CA ASN B 149 -22.90 -42.46 2.51
C ASN B 149 -22.03 -41.74 1.50
N VAL B 150 -22.07 -40.42 1.51
CA VAL B 150 -21.34 -39.66 0.50
C VAL B 150 -20.30 -38.79 1.17
N LEU B 151 -19.06 -38.79 0.64
CA LEU B 151 -18.01 -37.96 1.21
C LEU B 151 -17.79 -36.85 0.19
N TYR B 152 -17.88 -35.60 0.63
CA TYR B 152 -17.66 -34.43 -0.22
C TYR B 152 -16.43 -33.68 0.29
N SER B 153 -15.39 -33.50 -0.52
CA SER B 153 -14.15 -32.86 -0.08
C SER B 153 -13.80 -31.64 -0.92
N ILE B 154 -13.49 -30.51 -0.25
CA ILE B 154 -13.17 -29.25 -0.94
C ILE B 154 -11.99 -28.59 -0.22
N ARG B 155 -11.16 -27.86 -0.97
CA ARG B 155 -10.06 -27.06 -0.42
C ARG B 155 -10.29 -25.57 -0.63
N ILE B 156 -10.36 -24.77 0.45
CA ILE B 156 -10.65 -23.35 0.28
C ILE B 156 -9.82 -22.54 1.27
N THR B 157 -9.51 -21.29 0.90
CA THR B 157 -8.82 -20.34 1.78
C THR B 157 -9.77 -19.31 2.40
N LEU B 158 -9.98 -19.37 3.70
CA LEU B 158 -10.97 -18.50 4.34
C LEU B 158 -10.29 -17.38 5.11
N VAL B 159 -10.74 -16.15 4.90
CA VAL B 159 -10.26 -15.02 5.66
C VAL B 159 -11.37 -14.77 6.66
N LEU B 160 -11.08 -14.84 7.96
CA LEU B 160 -12.17 -14.61 8.90
C LEU B 160 -11.79 -13.53 9.91
N ALA B 161 -12.75 -12.67 10.24
CA ALA B 161 -12.53 -11.65 11.25
C ALA B 161 -12.29 -12.27 12.62
N CYS B 162 -11.30 -11.77 13.35
CA CYS B 162 -11.10 -12.33 14.67
C CYS B 162 -11.28 -11.18 15.64
N PRO B 163 -12.08 -11.33 16.68
CA PRO B 163 -12.24 -10.27 17.71
C PRO B 163 -11.10 -10.36 18.71
N MET B 164 -9.93 -9.91 18.29
CA MET B 164 -8.78 -9.94 19.18
C MET B 164 -8.84 -8.94 20.33
N ASP B 165 -8.23 -9.39 21.42
CA ASP B 165 -8.11 -8.71 22.69
C ASP B 165 -6.79 -7.96 22.70
N LEU B 166 -6.82 -6.65 22.90
CA LEU B 166 -5.59 -5.88 22.90
C LEU B 166 -5.23 -5.35 24.28
N LYS B 167 -5.79 -5.95 25.33
CA LYS B 167 -5.58 -5.51 26.72
C LYS B 167 -4.10 -5.40 27.05
N ASN B 168 -3.37 -6.51 27.03
CA ASN B 168 -1.95 -6.42 27.36
C ASN B 168 -1.19 -6.77 26.10
N PHE B 169 -0.61 -5.74 25.47
CA PHE B 169 0.10 -5.95 24.21
C PHE B 169 1.27 -6.92 24.24
N PRO B 170 2.24 -6.87 25.23
CA PRO B 170 3.38 -7.79 25.15
C PRO B 170 3.04 -9.26 25.30
N MET B 171 2.20 -9.56 26.28
CA MET B 171 1.79 -10.92 26.55
C MET B 171 0.27 -11.01 26.56
N ASP B 172 -0.26 -11.85 25.67
CA ASP B 172 -1.70 -12.06 25.61
C ASP B 172 -1.96 -13.39 24.95
N VAL B 173 -3.15 -13.93 25.18
CA VAL B 173 -3.57 -15.14 24.50
C VAL B 173 -4.77 -14.78 23.66
N GLN B 174 -4.72 -15.11 22.38
CA GLN B 174 -5.78 -14.71 21.46
C GLN B 174 -6.56 -15.93 21.02
N THR B 175 -7.87 -15.87 21.12
CA THR B 175 -8.67 -16.99 20.67
C THR B 175 -9.45 -16.57 19.43
N CYS B 176 -9.31 -17.34 18.36
CA CYS B 176 -9.98 -17.07 17.10
C CYS B 176 -11.01 -18.17 16.88
N ILE B 177 -12.23 -17.78 16.53
CA ILE B 177 -13.35 -18.69 16.40
C ILE B 177 -13.85 -18.77 14.96
N MET B 178 -14.10 -19.99 14.51
CA MET B 178 -14.66 -20.22 13.18
C MET B 178 -16.04 -20.84 13.34
N GLN B 179 -17.04 -20.22 12.70
CA GLN B 179 -18.43 -20.65 12.84
C GLN B 179 -19.03 -21.09 11.51
N LEU B 180 -19.65 -22.27 11.51
CA LEU B 180 -20.31 -22.86 10.35
C LEU B 180 -21.82 -22.95 10.59
N GLU B 181 -22.60 -22.36 9.69
CA GLU B 181 -24.06 -22.27 9.78
C GLU B 181 -24.70 -22.62 8.45
N SER B 182 -25.97 -22.99 8.49
CA SER B 182 -26.75 -23.25 7.28
C SER B 182 -27.62 -22.03 6.93
N PHE B 183 -27.28 -21.37 5.83
CA PHE B 183 -27.98 -20.14 5.44
C PHE B 183 -29.43 -20.38 5.05
N GLY B 184 -29.68 -21.39 4.24
CA GLY B 184 -31.02 -21.61 3.71
C GLY B 184 -31.95 -22.54 4.42
N TYR B 185 -31.45 -23.35 5.35
CA TYR B 185 -32.27 -24.37 5.96
C TYR B 185 -32.35 -24.15 7.47
N THR B 186 -33.51 -24.44 8.04
CA THR B 186 -33.70 -24.24 9.47
C THR B 186 -33.13 -25.44 10.23
N MET B 187 -33.29 -25.40 11.56
CA MET B 187 -32.81 -26.48 12.42
C MET B 187 -33.48 -27.79 12.02
N ASN B 188 -34.76 -27.75 11.75
CA ASN B 188 -35.47 -28.90 11.23
C ASN B 188 -35.00 -29.07 9.79
N ASP B 189 -34.79 -30.32 9.38
CA ASP B 189 -34.39 -30.88 8.07
C ASP B 189 -32.90 -30.86 7.72
N LEU B 190 -32.01 -30.38 8.60
CA LEU B 190 -30.53 -30.36 8.43
C LEU B 190 -29.82 -29.99 9.71
N ILE B 191 -29.04 -30.92 10.24
CA ILE B 191 -28.33 -30.78 11.50
C ILE B 191 -26.86 -31.01 11.20
N PHE B 192 -26.00 -30.14 11.72
CA PHE B 192 -24.55 -30.28 11.59
C PHE B 192 -23.90 -30.70 12.89
N GLU B 193 -23.10 -31.77 12.82
CA GLU B 193 -22.46 -32.36 13.98
C GLU B 193 -20.98 -32.57 13.70
N TRP B 194 -20.23 -32.61 14.79
CA TRP B 194 -18.79 -32.80 14.79
C TRP B 194 -18.46 -34.28 14.80
N ASP B 195 -17.27 -34.59 14.33
CA ASP B 195 -16.79 -35.97 14.31
C ASP B 195 -16.20 -36.26 15.67
N GLU B 196 -16.60 -37.40 16.25
CA GLU B 196 -16.16 -37.77 17.59
C GLU B 196 -14.63 -37.95 17.66
N LYS B 197 -14.03 -38.55 16.66
CA LYS B 197 -12.59 -38.78 16.68
C LYS B 197 -11.96 -38.06 15.49
N GLY B 198 -10.87 -37.35 15.76
CA GLY B 198 -10.12 -36.61 14.75
C GLY B 198 -10.93 -35.58 14.01
N ALA B 199 -11.72 -34.80 14.76
CA ALA B 199 -12.56 -33.76 14.18
C ALA B 199 -11.75 -32.68 13.48
N VAL B 200 -10.64 -32.26 14.07
CA VAL B 200 -9.80 -31.21 13.51
C VAL B 200 -8.37 -31.69 13.51
N GLN B 201 -7.73 -31.65 12.34
CA GLN B 201 -6.34 -32.04 12.19
C GLN B 201 -5.55 -30.85 11.70
N VAL B 202 -4.25 -30.87 11.96
CA VAL B 202 -3.38 -29.78 11.54
C VAL B 202 -2.25 -30.38 10.74
N ALA B 203 -1.73 -29.62 9.77
CA ALA B 203 -0.63 -30.11 8.95
C ALA B 203 0.61 -30.31 9.81
N ASP B 204 1.32 -31.41 9.55
CA ASP B 204 2.53 -31.72 10.30
C ASP B 204 3.63 -30.71 10.01
N GLY B 205 4.37 -30.35 11.06
CA GLY B 205 5.45 -29.39 10.95
C GLY B 205 5.02 -28.03 10.46
N LEU B 206 3.89 -27.53 10.95
CA LEU B 206 3.36 -26.24 10.57
C LEU B 206 3.62 -25.27 11.71
N THR B 207 4.26 -24.15 11.40
CA THR B 207 4.58 -23.16 12.41
C THR B 207 4.26 -21.76 11.92
N LEU B 208 4.06 -20.87 12.89
CA LEU B 208 3.77 -19.47 12.72
C LEU B 208 4.89 -18.65 13.33
N PRO B 209 5.39 -17.63 12.64
CA PRO B 209 6.52 -16.84 13.18
C PRO B 209 6.20 -16.09 14.47
N GLN B 210 5.02 -15.52 14.59
CA GLN B 210 4.63 -14.72 15.74
C GLN B 210 3.97 -15.50 16.87
N PHE B 211 3.07 -16.41 16.55
CA PHE B 211 2.29 -17.10 17.55
C PHE B 211 2.61 -18.59 17.61
N ILE B 212 2.35 -19.16 18.78
CA ILE B 212 2.47 -20.59 19.05
C ILE B 212 1.05 -21.13 19.16
N LEU B 213 0.70 -22.07 18.30
CA LEU B 213 -0.61 -22.71 18.36
C LEU B 213 -0.67 -23.66 19.54
N LYS B 214 -1.83 -23.69 20.21
CA LYS B 214 -2.01 -24.59 21.34
C LYS B 214 -2.77 -25.84 20.92
N GLU B 215 -2.25 -27.00 21.31
CA GLU B 215 -2.83 -28.28 20.92
C GLU B 215 -3.95 -28.68 21.88
N GLU B 216 -5.02 -27.89 21.89
CA GLU B 216 -6.23 -28.26 22.60
C GLU B 216 -7.44 -28.28 21.68
N LYS B 217 -7.69 -27.19 20.97
CA LYS B 217 -8.71 -27.06 19.92
C LYS B 217 -10.13 -27.44 20.37
N ASP B 218 -10.59 -26.82 21.44
CA ASP B 218 -11.93 -27.03 21.96
C ASP B 218 -13.04 -26.62 20.97
N LEU B 219 -13.97 -27.54 20.74
CA LEU B 219 -15.06 -27.37 19.79
C LEU B 219 -16.39 -27.36 20.51
N ARG B 220 -17.22 -26.34 20.28
CA ARG B 220 -18.55 -26.33 20.87
C ARG B 220 -19.57 -25.79 19.87
N TYR B 221 -20.83 -26.15 20.02
CA TYR B 221 -21.83 -25.67 19.08
C TYR B 221 -22.92 -24.85 19.75
N CYS B 222 -23.20 -23.69 19.16
CA CYS B 222 -24.22 -22.75 19.60
C CYS B 222 -25.22 -22.50 18.48
N THR B 223 -26.50 -22.76 18.76
CA THR B 223 -27.55 -22.55 17.77
C THR B 223 -27.79 -21.06 17.53
N LYS B 224 -28.33 -20.74 16.36
CA LYS B 224 -28.61 -19.36 15.96
C LYS B 224 -30.10 -19.12 15.86
N HIS B 225 -30.57 -18.05 16.49
CA HIS B 225 -31.98 -17.66 16.45
C HIS B 225 -32.15 -16.37 15.67
N TYR B 226 -33.06 -16.38 14.70
CA TYR B 226 -33.36 -15.25 13.85
C TYR B 226 -34.86 -15.10 13.74
N ASN B 227 -35.29 -13.95 13.21
CA ASN B 227 -36.71 -13.69 12.98
C ASN B 227 -37.31 -14.71 12.02
N THR B 228 -36.56 -15.05 10.97
CA THR B 228 -37.02 -16.04 10.03
C THR B 228 -37.14 -17.42 10.66
N GLY B 229 -36.18 -17.81 11.49
CA GLY B 229 -36.23 -19.13 12.08
C GLY B 229 -34.98 -19.43 12.89
N LYS B 230 -34.87 -20.71 13.29
CA LYS B 230 -33.75 -21.23 14.05
C LYS B 230 -32.84 -22.04 13.15
N PHE B 231 -31.56 -21.70 13.12
CA PHE B 231 -30.56 -22.31 12.23
C PHE B 231 -29.42 -22.94 13.01
N THR B 232 -29.05 -24.15 12.65
CA THR B 232 -27.96 -24.87 13.31
C THR B 232 -26.60 -24.23 13.03
N CYS B 233 -25.70 -24.34 14.01
CA CYS B 233 -24.34 -23.85 13.84
C CYS B 233 -23.37 -24.64 14.72
N ILE B 234 -22.10 -24.64 14.30
CA ILE B 234 -21.02 -25.29 15.05
C ILE B 234 -19.83 -24.35 15.08
N GLU B 235 -19.06 -24.38 16.17
CA GLU B 235 -17.97 -23.46 16.37
C GLU B 235 -16.69 -24.22 16.72
N ALA B 236 -15.57 -23.69 16.25
CA ALA B 236 -14.23 -24.22 16.52
C ALA B 236 -13.38 -23.11 17.11
N ARG B 237 -12.66 -23.40 18.18
CA ARG B 237 -11.87 -22.38 18.88
C ARG B 237 -10.38 -22.71 18.82
N PHE B 238 -9.57 -21.72 18.45
CA PHE B 238 -8.12 -21.89 18.39
C PHE B 238 -7.44 -20.89 19.31
N HIS B 239 -6.44 -21.37 20.06
CA HIS B 239 -5.71 -20.56 21.02
C HIS B 239 -4.29 -20.28 20.50
N LEU B 240 -3.91 -19.01 20.55
CA LEU B 240 -2.62 -18.53 20.06
C LEU B 240 -1.87 -17.82 21.17
N GLU B 241 -0.58 -18.13 21.33
CA GLU B 241 0.29 -17.49 22.32
C GLU B 241 1.37 -16.67 21.64
N ARG B 242 1.50 -15.41 22.04
CA ARG B 242 2.52 -14.53 21.46
C ARG B 242 3.94 -14.90 21.86
N GLN B 243 4.88 -14.72 20.92
CA GLN B 243 6.30 -14.87 21.21
C GLN B 243 6.80 -13.53 21.74
N MET B 244 7.41 -13.54 22.92
CA MET B 244 7.89 -12.35 23.58
C MET B 244 9.27 -11.90 23.14
N GLY B 245 9.98 -12.72 22.36
CA GLY B 245 11.36 -12.43 22.01
C GLY B 245 11.57 -11.14 21.23
N TYR B 246 10.75 -10.89 20.21
CA TYR B 246 10.93 -9.70 19.38
C TYR B 246 10.67 -8.40 20.12
N TYR B 247 9.63 -8.37 20.95
CA TYR B 247 9.23 -7.14 21.62
C TYR B 247 10.30 -6.62 22.56
N LEU B 248 11.00 -7.52 23.26
CA LEU B 248 12.04 -7.12 24.19
C LEU B 248 13.15 -6.36 23.48
N ILE B 249 13.70 -6.97 22.43
CA ILE B 249 14.79 -6.39 21.66
C ILE B 249 14.35 -5.10 20.99
N GLN B 250 13.14 -5.10 20.42
CA GLN B 250 12.64 -3.94 19.70
C GLN B 250 12.37 -2.76 20.62
N MET B 251 11.74 -2.97 21.77
CA MET B 251 11.32 -1.85 22.59
C MET B 251 11.93 -1.77 23.97
N TYR B 252 11.97 -2.87 24.73
CA TYR B 252 12.41 -2.82 26.11
C TYR B 252 13.89 -2.44 26.24
N ILE B 253 14.73 -3.05 25.42
CA ILE B 253 16.18 -2.79 25.50
C ILE B 253 16.54 -1.35 25.16
N PRO B 254 16.03 -0.71 24.06
CA PRO B 254 16.43 0.68 23.80
C PRO B 254 16.00 1.64 24.89
N SER B 255 14.78 1.46 25.41
CA SER B 255 14.28 2.35 26.45
C SER B 255 15.15 2.24 27.70
N LEU B 256 15.52 1.00 28.06
CA LEU B 256 16.32 0.76 29.24
C LEU B 256 17.70 1.39 29.11
N LEU B 257 18.36 1.23 27.94
CA LEU B 257 19.67 1.85 27.73
C LEU B 257 19.56 3.36 27.84
N ILE B 258 18.49 3.94 27.29
CA ILE B 258 18.30 5.39 27.30
C ILE B 258 18.19 5.86 28.73
N VAL B 259 17.40 5.15 29.53
CA VAL B 259 17.16 5.51 30.93
C VAL B 259 18.49 5.48 31.70
N ILE B 260 19.29 4.43 31.47
CA ILE B 260 20.57 4.29 32.17
C ILE B 260 21.49 5.43 31.78
N LEU B 261 21.52 5.79 30.49
CA LEU B 261 22.41 6.84 30.01
C LEU B 261 22.05 8.14 30.67
N SER B 262 20.75 8.43 30.73
CA SER B 262 20.30 9.69 31.28
C SER B 262 20.68 9.79 32.74
N TRP B 263 20.46 8.71 33.50
CA TRP B 263 20.74 8.78 34.93
C TRP B 263 22.23 8.99 35.19
N VAL B 264 23.07 8.17 34.54
CA VAL B 264 24.52 8.23 34.71
C VAL B 264 25.04 9.62 34.36
N SER B 265 24.65 10.11 33.17
CA SER B 265 25.12 11.39 32.70
C SER B 265 24.64 12.51 33.61
N PHE B 266 23.40 12.41 34.10
CA PHE B 266 22.88 13.48 34.96
C PHE B 266 23.69 13.57 36.24
N TRP B 267 24.00 12.41 36.84
CA TRP B 267 24.74 12.42 38.10
C TRP B 267 26.14 12.99 37.95
N ILE B 268 26.82 12.65 36.85
CA ILE B 268 28.15 13.22 36.64
C ILE B 268 27.95 14.59 35.98
N ASN B 269 29.04 15.36 35.80
CA ASN B 269 29.06 16.70 35.16
C ASN B 269 28.04 17.67 35.77
N MET B 270 27.93 17.62 37.10
CA MET B 270 27.05 18.51 37.85
C MET B 270 27.41 19.98 37.72
N ASP B 271 28.70 20.32 37.73
CA ASP B 271 29.10 21.72 37.57
C ASP B 271 28.66 22.28 36.21
N ALA B 272 28.74 21.47 35.15
CA ALA B 272 28.37 21.91 33.80
C ALA B 272 26.86 21.78 33.58
N ALA B 273 26.17 22.81 34.06
CA ALA B 273 24.71 22.87 33.95
C ALA B 273 24.18 22.90 32.51
N PRO B 274 24.75 23.67 31.54
CA PRO B 274 24.22 23.57 30.16
C PRO B 274 24.35 22.17 29.61
N ALA B 275 25.46 21.50 29.94
CA ALA B 275 25.67 20.14 29.47
C ALA B 275 24.60 19.22 30.01
N ARG B 276 24.23 19.39 31.29
CA ARG B 276 23.22 18.51 31.90
C ARG B 276 21.84 18.75 31.31
N VAL B 277 21.46 20.02 31.16
CA VAL B 277 20.12 20.34 30.68
C VAL B 277 19.96 19.86 29.24
N GLY B 278 21.01 20.04 28.42
CA GLY B 278 20.96 19.62 27.04
C GLY B 278 20.79 18.12 26.94
N LEU B 279 21.52 17.37 27.79
CA LEU B 279 21.40 15.92 27.80
C LEU B 279 19.99 15.49 28.17
N GLY B 280 19.42 16.16 29.19
CA GLY B 280 18.11 15.77 29.68
C GLY B 280 17.05 15.96 28.61
N ILE B 281 17.10 17.12 27.94
CA ILE B 281 16.09 17.44 26.95
C ILE B 281 16.18 16.49 25.77
N THR B 282 17.41 16.18 25.31
CA THR B 282 17.56 15.30 24.15
C THR B 282 17.03 13.93 24.49
N THR B 283 17.30 13.48 25.73
CA THR B 283 16.85 12.18 26.18
C THR B 283 15.33 12.11 26.21
N VAL B 284 14.67 13.19 26.67
CA VAL B 284 13.21 13.24 26.70
C VAL B 284 12.65 13.17 25.28
N LEU B 285 13.28 13.90 24.35
CA LEU B 285 12.79 13.96 22.97
C LEU B 285 12.86 12.59 22.33
N THR B 286 13.96 11.87 22.57
CA THR B 286 14.06 10.52 22.05
C THR B 286 13.03 9.61 22.67
N MET B 287 12.78 9.77 23.98
CA MET B 287 11.82 8.91 24.66
C MET B 287 10.43 9.06 24.06
N THR B 288 9.98 10.32 23.88
CA THR B 288 8.63 10.54 23.35
C THR B 288 8.53 10.06 21.90
N THR B 289 9.55 10.35 21.06
CA THR B 289 9.47 9.90 19.67
C THR B 289 9.46 8.38 19.61
N GLN B 290 10.27 7.70 20.45
CA GLN B 290 10.27 6.24 20.47
C GLN B 290 8.92 5.70 20.89
N SER B 291 8.29 6.33 21.89
CA SER B 291 6.98 5.89 22.35
C SER B 291 5.93 6.02 21.24
N SER B 292 5.95 7.17 20.55
CA SER B 292 5.04 7.36 19.43
C SER B 292 5.30 6.34 18.34
N GLY B 293 6.58 6.04 18.07
CA GLY B 293 6.90 5.07 17.06
C GLY B 293 6.37 3.70 17.44
N SER B 294 6.45 3.38 18.74
CA SER B 294 5.99 2.09 19.24
C SER B 294 4.50 1.94 18.98
N ARG B 295 3.75 3.01 19.21
CA ARG B 295 2.31 2.96 18.96
C ARG B 295 2.03 3.28 17.50
N ALA B 296 2.32 2.31 16.63
CA ALA B 296 2.06 2.54 15.22
C ALA B 296 1.56 1.30 14.50
N SER B 297 2.19 0.16 14.78
CA SER B 297 1.81 -1.11 14.16
C SER B 297 0.41 -1.55 14.55
N LEU B 298 0.01 -1.32 15.76
CA LEU B 298 -1.28 -1.70 16.29
C LEU B 298 -2.36 -0.64 16.08
N PRO B 299 -3.65 -0.99 16.19
CA PRO B 299 -4.70 0.01 16.02
C PRO B 299 -4.98 0.79 17.31
N LYS B 300 -5.92 1.71 17.20
CA LYS B 300 -6.31 2.59 18.30
C LYS B 300 -7.40 1.98 19.17
N VAL B 301 -7.21 2.04 20.49
CA VAL B 301 -8.18 1.51 21.46
C VAL B 301 -8.25 2.47 22.64
N SER B 302 -9.42 2.50 23.29
CA SER B 302 -9.62 3.38 24.43
C SER B 302 -8.80 2.96 25.65
N TYR B 303 -8.74 1.67 25.94
CA TYR B 303 -8.06 1.18 27.13
C TYR B 303 -6.55 1.33 26.99
N VAL B 304 -5.86 1.28 28.12
CA VAL B 304 -4.42 1.50 28.18
C VAL B 304 -3.69 0.17 28.31
N LYS B 305 -2.80 -0.09 27.37
CA LYS B 305 -1.98 -1.29 27.30
C LYS B 305 -0.76 -1.23 28.21
N ALA B 306 -0.21 -2.42 28.46
CA ALA B 306 0.96 -2.57 29.32
C ALA B 306 2.15 -1.79 28.76
N ILE B 307 2.35 -1.85 27.44
CA ILE B 307 3.45 -1.14 26.79
C ILE B 307 3.32 0.35 27.05
N ASP B 308 2.08 0.87 27.02
CA ASP B 308 1.82 2.26 27.34
C ASP B 308 2.25 2.58 28.75
N ILE B 309 1.92 1.69 29.68
CA ILE B 309 2.29 1.88 31.09
C ILE B 309 3.81 1.95 31.25
N TRP B 310 4.52 1.04 30.57
CA TRP B 310 5.97 1.01 30.65
C TRP B 310 6.59 2.29 30.06
N MET B 311 6.08 2.73 28.92
CA MET B 311 6.58 3.95 28.31
C MET B 311 6.32 5.15 29.18
N ALA B 312 5.13 5.21 29.79
CA ALA B 312 4.78 6.33 30.65
C ALA B 312 5.68 6.43 31.88
N VAL B 313 5.94 5.30 32.55
CA VAL B 313 6.83 5.36 33.73
C VAL B 313 8.25 5.75 33.33
N CYS B 314 8.76 5.19 32.22
CA CYS B 314 10.11 5.52 31.80
C CYS B 314 10.23 7.01 31.47
N LEU B 315 9.21 7.55 30.79
CA LEU B 315 9.18 8.97 30.46
C LEU B 315 9.11 9.80 31.74
N LEU B 316 8.37 9.32 32.74
CA LEU B 316 8.24 10.02 34.01
C LEU B 316 9.60 10.11 34.72
N PHE B 317 10.36 9.01 34.72
CA PHE B 317 11.67 9.00 35.37
C PHE B 317 12.62 9.98 34.70
N VAL B 318 12.64 9.92 33.36
CA VAL B 318 13.51 10.78 32.56
C VAL B 318 13.10 12.24 32.77
N PHE B 319 11.80 12.49 32.86
CA PHE B 319 11.26 13.81 33.11
C PHE B 319 11.73 14.35 34.46
N SER B 320 11.50 13.56 35.52
CA SER B 320 11.89 13.89 36.89
C SER B 320 13.34 14.35 37.04
N ALA B 321 14.26 13.60 36.41
CA ALA B 321 15.70 13.92 36.46
C ALA B 321 16.02 15.40 36.16
N LEU B 322 15.37 15.94 35.12
CA LEU B 322 15.58 17.34 34.75
C LEU B 322 15.14 18.29 35.84
N LEU B 323 13.99 17.99 36.46
CA LEU B 323 13.49 18.82 37.55
C LEU B 323 14.43 18.79 38.74
N GLU B 324 15.03 17.62 39.01
CA GLU B 324 16.01 17.51 40.08
C GLU B 324 17.21 18.41 39.82
N TYR B 325 17.69 18.41 38.57
CA TYR B 325 18.80 19.29 38.19
C TYR B 325 18.41 20.77 38.32
N ALA B 326 17.20 21.10 37.91
CA ALA B 326 16.72 22.48 38.00
C ALA B 326 16.67 22.97 39.44
N ALA B 327 16.21 22.11 40.34
CA ALA B 327 16.15 22.47 41.76
C ALA B 327 17.55 22.72 42.30
N VAL B 328 18.49 21.83 41.97
CA VAL B 328 19.88 22.01 42.41
C VAL B 328 20.47 23.32 41.87
N ASN B 329 20.20 23.62 40.59
CA ASN B 329 20.69 24.85 39.97
C ASN B 329 20.11 26.07 40.69
N PHE B 330 18.83 26.02 41.04
CA PHE B 330 18.18 27.11 41.75
C PHE B 330 18.82 27.35 43.11
N ILE B 331 19.10 26.28 43.84
CA ILE B 331 19.76 26.39 45.13
C ILE B 331 21.15 26.99 44.98
N ALA B 332 21.89 26.56 43.95
CA ALA B 332 23.22 27.10 43.67
C ALA B 332 23.15 28.59 43.35
N ARG B 333 22.13 29.00 42.61
CA ARG B 333 21.91 30.39 42.27
C ARG B 333 21.68 31.20 43.54
N GLN B 334 20.90 30.65 44.46
CA GLN B 334 20.64 31.32 45.73
C GLN B 334 21.93 31.50 46.52
N HIS B 335 22.79 30.47 46.49
CA HIS B 335 24.08 30.54 47.18
C HIS B 335 24.98 31.62 46.58
N LYS B 336 25.07 31.69 45.25
CA LYS B 336 25.92 32.71 44.64
C LYS B 336 25.39 34.12 44.85
N GLU B 337 24.07 34.33 44.74
CA GLU B 337 23.53 35.67 44.97
C GLU B 337 23.75 36.12 46.41
N LEU B 338 23.52 35.21 47.37
CA LEU B 338 23.72 35.59 48.77
C LEU B 338 25.21 35.86 49.00
N LEU B 339 26.10 35.08 48.35
CA LEU B 339 27.53 35.29 48.53
C LEU B 339 27.91 36.67 48.01
N ARG B 340 27.29 37.07 46.90
CA ARG B 340 27.54 38.37 46.28
C ARG B 340 27.15 39.49 47.24
N PHE B 341 26.02 39.29 47.94
CA PHE B 341 25.50 40.24 48.94
C PHE B 341 26.55 40.63 49.99
N LYS B 394 32.63 34.65 58.49
CA LYS B 394 31.87 35.78 57.96
C LYS B 394 30.37 35.47 57.94
N THR B 395 29.57 36.49 57.59
CA THR B 395 28.13 36.30 57.54
C THR B 395 27.68 35.56 56.29
N VAL B 396 28.40 35.69 55.18
CA VAL B 396 28.04 34.92 53.98
C VAL B 396 28.72 33.56 53.95
N GLU B 397 29.90 33.41 54.58
CA GLU B 397 30.39 32.06 54.79
C GLU B 397 29.70 31.36 55.94
N GLU B 398 28.85 32.08 56.70
CA GLU B 398 27.99 31.40 57.65
C GLU B 398 26.98 30.52 56.92
N MET B 399 26.56 30.93 55.71
CA MET B 399 25.58 30.20 54.94
C MET B 399 26.16 29.49 53.73
N ARG B 400 27.45 29.71 53.44
CA ARG B 400 28.09 29.03 52.32
C ARG B 400 28.13 27.52 52.51
N LYS B 401 28.54 27.08 53.71
CA LYS B 401 28.64 25.65 54.02
C LYS B 401 27.27 25.00 53.98
N LEU B 402 26.26 25.70 54.50
CA LEU B 402 24.89 25.19 54.57
C LEU B 402 24.32 24.97 53.19
N PHE B 403 24.44 25.97 52.30
CA PHE B 403 23.87 25.83 50.97
C PHE B 403 24.62 24.81 50.12
N ILE B 404 25.96 24.82 50.16
CA ILE B 404 26.73 23.83 49.39
C ILE B 404 26.46 22.42 49.90
N SER B 405 26.40 22.24 51.21
CA SER B 405 26.10 20.93 51.81
C SER B 405 24.71 20.45 51.45
N ARG B 406 23.72 21.34 51.46
CA ARG B 406 22.35 20.96 51.11
C ARG B 406 22.26 20.51 49.65
N ALA B 407 22.87 21.27 48.74
CA ALA B 407 22.85 20.93 47.33
C ALA B 407 23.56 19.61 47.07
N LYS B 408 24.72 19.42 47.70
CA LYS B 408 25.45 18.18 47.58
C LYS B 408 24.65 17.02 48.17
N ARG B 409 23.97 17.25 49.29
CA ARG B 409 23.17 16.19 49.92
C ARG B 409 22.05 15.74 48.99
N ILE B 410 21.47 16.69 48.24
CA ILE B 410 20.48 16.36 47.23
C ILE B 410 21.07 15.46 46.15
N ASP B 411 22.16 15.93 45.53
CA ASP B 411 22.79 15.16 44.45
C ASP B 411 23.26 13.77 44.89
N THR B 412 23.89 13.69 46.07
CA THR B 412 24.41 12.42 46.58
C THR B 412 23.28 11.45 46.91
N VAL B 413 22.15 11.94 47.43
CA VAL B 413 21.11 11.00 47.78
C VAL B 413 20.39 10.53 46.53
N SER B 414 19.87 11.48 45.73
CA SER B 414 19.28 11.23 44.41
C SER B 414 20.01 10.22 43.52
N ARG B 415 21.35 10.31 43.52
CA ARG B 415 22.19 9.45 42.69
C ARG B 415 22.06 7.98 43.05
N VAL B 416 22.18 7.66 44.34
CA VAL B 416 22.00 6.29 44.79
C VAL B 416 20.52 5.89 44.77
N ALA B 417 19.62 6.82 45.11
CA ALA B 417 18.21 6.52 45.33
C ALA B 417 17.48 6.08 44.06
N PHE B 418 17.70 6.74 42.93
CA PHE B 418 16.87 6.42 41.76
C PHE B 418 16.96 4.99 41.19
N PRO B 419 18.13 4.34 41.03
CA PRO B 419 18.08 2.96 40.51
C PRO B 419 17.32 1.98 41.39
N LEU B 420 17.44 2.09 42.72
CA LEU B 420 16.73 1.16 43.58
C LEU B 420 15.21 1.30 43.41
N VAL B 421 14.74 2.56 43.30
CA VAL B 421 13.33 2.91 43.19
C VAL B 421 12.86 2.67 41.75
N PHE B 422 13.75 2.11 40.93
CA PHE B 422 13.45 1.73 39.56
C PHE B 422 13.47 0.22 39.42
N LEU B 423 14.45 -0.40 40.08
CA LEU B 423 14.55 -1.85 40.14
C LEU B 423 13.36 -2.46 40.85
N ILE B 424 12.91 -1.85 41.95
CA ILE B 424 11.76 -2.38 42.68
C ILE B 424 10.49 -2.31 41.82
N PHE B 425 10.35 -1.27 40.99
CA PHE B 425 9.18 -1.19 40.14
C PHE B 425 9.26 -2.24 39.05
N ASN B 426 10.44 -2.40 38.46
CA ASN B 426 10.62 -3.35 37.37
C ASN B 426 10.28 -4.76 37.84
N ILE B 427 10.75 -5.12 39.04
CA ILE B 427 10.43 -6.42 39.64
C ILE B 427 8.94 -6.57 39.87
N PHE B 428 8.30 -5.51 40.38
CA PHE B 428 6.85 -5.54 40.65
C PHE B 428 6.06 -5.75 39.36
N TYR B 429 6.44 -5.02 38.30
CA TYR B 429 5.79 -5.10 37.01
C TYR B 429 5.85 -6.50 36.42
N TRP B 430 7.07 -7.05 36.34
CA TRP B 430 7.21 -8.37 35.74
C TRP B 430 6.48 -9.44 36.54
N ILE B 431 6.56 -9.42 37.88
CA ILE B 431 5.90 -10.48 38.65
C ILE B 431 4.38 -10.41 38.48
N THR B 432 3.79 -9.19 38.50
CA THR B 432 2.33 -9.12 38.36
C THR B 432 1.89 -9.58 36.96
N TYR B 433 2.64 -9.22 35.91
CA TYR B 433 2.24 -9.69 34.59
C TYR B 433 2.41 -11.19 34.46
N LYS B 434 3.49 -11.75 35.02
CA LYS B 434 3.74 -13.19 34.94
C LYS B 434 2.64 -13.98 35.66
N ILE B 435 2.23 -13.54 36.86
CA ILE B 435 1.14 -14.25 37.53
C ILE B 435 -0.15 -14.09 36.74
N ILE B 436 -0.39 -12.90 36.18
CA ILE B 436 -1.63 -12.67 35.43
C ILE B 436 -1.70 -13.60 34.21
N ARG B 437 -0.59 -13.73 33.46
CA ARG B 437 -0.57 -14.61 32.29
C ARG B 437 -0.76 -16.06 32.71
N SER B 438 -0.12 -16.47 33.81
CA SER B 438 -0.23 -17.84 34.30
C SER B 438 -1.65 -18.18 34.71
N GLU B 439 -2.32 -17.28 35.44
CA GLU B 439 -3.71 -17.56 35.84
C GLU B 439 -4.69 -17.50 34.67
N ASP B 440 -4.54 -16.54 33.75
CA ASP B 440 -5.55 -16.43 32.66
C ASP B 440 -5.61 -17.63 31.70
N MET C 32 -48.59 -37.26 -3.71
CA MET C 32 -48.20 -36.45 -4.87
C MET C 32 -46.68 -36.30 -4.92
N PRO C 33 -46.10 -36.28 -6.11
CA PRO C 33 -44.66 -36.11 -6.22
C PRO C 33 -44.27 -34.65 -6.07
N PRO C 34 -43.12 -34.38 -5.46
CA PRO C 34 -42.70 -32.99 -5.31
C PRO C 34 -42.18 -32.38 -6.60
N SER C 35 -41.47 -33.17 -7.40
CA SER C 35 -40.87 -32.66 -8.63
C SER C 35 -41.92 -32.19 -9.62
N GLU C 36 -42.98 -33.00 -9.81
CA GLU C 36 -44.03 -32.66 -10.76
C GLU C 36 -44.73 -31.37 -10.37
N PHE C 37 -44.97 -31.19 -9.08
CA PHE C 37 -45.56 -29.95 -8.57
C PHE C 37 -44.63 -28.79 -8.77
N LEU C 38 -43.35 -29.00 -8.47
CA LEU C 38 -42.36 -27.93 -8.53
C LEU C 38 -42.18 -27.41 -9.95
N ASP C 39 -42.23 -28.28 -10.95
CA ASP C 39 -42.16 -27.73 -12.31
C ASP C 39 -43.52 -27.23 -12.78
N LYS C 40 -44.62 -27.83 -12.32
CA LYS C 40 -45.94 -27.40 -12.73
C LYS C 40 -46.26 -26.00 -12.26
N LEU C 41 -45.73 -25.61 -11.12
CA LEU C 41 -46.07 -24.32 -10.56
C LEU C 41 -45.39 -23.18 -11.30
N MET C 42 -44.11 -23.32 -11.61
CA MET C 42 -43.31 -22.28 -12.25
C MET C 42 -42.58 -22.78 -13.49
N GLY C 43 -43.23 -23.54 -14.38
CA GLY C 43 -42.49 -24.02 -15.53
C GLY C 43 -43.12 -23.68 -16.87
N LYS C 44 -43.08 -24.66 -17.79
CA LYS C 44 -43.53 -24.43 -19.16
C LYS C 44 -45.03 -24.55 -19.31
N VAL C 45 -45.69 -25.34 -18.48
CA VAL C 45 -47.14 -25.43 -18.57
C VAL C 45 -47.75 -24.20 -17.93
N SER C 46 -47.07 -23.65 -16.92
CA SER C 46 -47.52 -22.43 -16.26
C SER C 46 -47.15 -21.25 -17.13
N GLY C 47 -48.08 -20.33 -17.28
CA GLY C 47 -47.85 -19.12 -18.05
C GLY C 47 -47.04 -18.05 -17.33
N TYR C 48 -46.24 -18.43 -16.35
CA TYR C 48 -45.48 -17.49 -15.54
C TYR C 48 -44.25 -17.06 -16.31
N ASP C 49 -44.31 -15.87 -16.88
CA ASP C 49 -43.22 -15.28 -17.62
C ASP C 49 -42.47 -14.37 -16.66
N ALA C 50 -41.16 -14.53 -16.56
CA ALA C 50 -40.37 -13.71 -15.66
C ALA C 50 -40.09 -12.32 -16.20
N ARG C 51 -40.60 -12.01 -17.37
CA ARG C 51 -40.43 -10.71 -17.99
C ARG C 51 -41.60 -9.78 -17.74
N ILE C 52 -42.66 -10.24 -17.09
CA ILE C 52 -43.84 -9.44 -16.86
C ILE C 52 -43.96 -9.14 -15.38
N ARG C 53 -44.21 -7.87 -15.06
CA ARG C 53 -44.43 -7.45 -13.69
C ARG C 53 -45.75 -8.03 -13.18
N PRO C 54 -45.81 -8.46 -11.92
CA PRO C 54 -47.08 -8.90 -11.35
C PRO C 54 -48.05 -7.73 -11.23
N ASN C 55 -49.35 -8.05 -11.39
CA ASN C 55 -50.44 -7.07 -11.44
C ASN C 55 -50.21 -6.02 -12.53
N PHE C 56 -49.90 -6.50 -13.72
CA PHE C 56 -49.65 -5.65 -14.87
C PHE C 56 -50.91 -4.86 -15.24
N LYS C 57 -50.71 -3.59 -15.64
CA LYS C 57 -51.79 -2.61 -15.86
C LYS C 57 -52.63 -2.42 -14.60
N GLY C 58 -51.95 -2.37 -13.45
CA GLY C 58 -52.61 -2.31 -12.18
C GLY C 58 -51.85 -1.48 -11.17
N PRO C 59 -52.42 -1.36 -9.96
CA PRO C 59 -51.79 -0.57 -8.88
C PRO C 59 -50.38 -1.03 -8.56
N PRO C 60 -49.48 -0.09 -8.25
CA PRO C 60 -48.09 -0.39 -7.95
C PRO C 60 -47.86 -1.46 -6.88
N VAL C 61 -46.89 -2.32 -7.13
CA VAL C 61 -46.55 -3.43 -6.25
C VAL C 61 -45.77 -2.96 -5.03
N ASN C 62 -46.39 -3.09 -3.85
CA ASN C 62 -45.76 -2.66 -2.62
C ASN C 62 -44.75 -3.70 -2.18
N VAL C 63 -43.51 -3.28 -1.93
CA VAL C 63 -42.43 -4.15 -1.50
C VAL C 63 -41.97 -3.70 -0.11
N THR C 64 -41.85 -4.62 0.84
CA THR C 64 -41.40 -4.23 2.18
C THR C 64 -40.01 -4.78 2.44
N CYS C 65 -39.10 -3.92 2.93
CA CYS C 65 -37.72 -4.32 3.14
C CYS C 65 -37.28 -4.34 4.61
N ASN C 66 -36.67 -5.45 5.01
CA ASN C 66 -36.11 -5.66 6.34
C ASN C 66 -34.59 -5.84 6.26
N ILE C 67 -33.82 -5.07 7.04
CA ILE C 67 -32.37 -5.12 6.94
C ILE C 67 -31.73 -5.55 8.26
N PHE C 68 -30.84 -6.55 8.23
CA PHE C 68 -30.12 -6.96 9.43
C PHE C 68 -28.61 -6.76 9.24
N ILE C 69 -27.94 -6.14 10.20
CA ILE C 69 -26.52 -5.82 10.09
C ILE C 69 -25.69 -6.97 10.66
N ASN C 70 -25.05 -7.77 9.80
CA ASN C 70 -24.18 -8.83 10.31
C ASN C 70 -22.93 -8.28 11.00
N SER C 71 -22.28 -7.28 10.40
CA SER C 71 -21.07 -6.71 10.97
C SER C 71 -20.86 -5.30 10.44
N PHE C 72 -20.03 -4.54 11.16
CA PHE C 72 -19.67 -3.18 10.76
C PHE C 72 -18.16 -3.05 10.88
N GLY C 73 -17.56 -2.18 10.09
CA GLY C 73 -16.13 -1.95 10.23
C GLY C 73 -15.58 -1.16 9.06
N SER C 74 -14.23 -1.11 8.98
CA SER C 74 -13.51 -0.43 7.88
C SER C 74 -13.88 1.03 7.71
N ILE C 75 -13.97 1.80 8.79
CA ILE C 75 -14.27 3.22 8.66
C ILE C 75 -13.02 4.06 8.86
N ALA C 76 -12.64 4.80 7.82
CA ALA C 76 -11.48 5.68 7.92
C ALA C 76 -11.79 6.98 7.17
N GLU C 77 -11.18 8.06 7.66
CA GLU C 77 -11.40 9.40 7.10
C GLU C 77 -10.93 9.55 5.66
N THR C 78 -9.74 9.03 5.32
CA THR C 78 -9.19 9.19 3.98
C THR C 78 -10.04 8.48 2.95
N THR C 79 -10.45 7.26 3.26
CA THR C 79 -11.23 6.42 2.35
C THR C 79 -12.62 7.03 2.13
N MET C 80 -13.22 7.62 3.19
CA MET C 80 -14.55 8.22 3.22
C MET C 80 -15.63 7.20 2.88
N ASP C 81 -15.41 5.96 3.29
CA ASP C 81 -16.39 4.91 3.10
C ASP C 81 -16.34 3.92 4.25
N TYR C 82 -17.43 3.19 4.43
CA TYR C 82 -17.60 2.17 5.45
C TYR C 82 -18.03 0.86 4.80
N ARG C 83 -17.46 -0.26 5.23
CA ARG C 83 -17.86 -1.56 4.74
C ARG C 83 -18.76 -2.30 5.73
N VAL C 84 -19.98 -2.62 5.30
CA VAL C 84 -20.96 -3.27 6.19
C VAL C 84 -21.51 -4.55 5.55
N ASN C 85 -21.46 -5.65 6.28
CA ASN C 85 -22.07 -6.91 5.84
C ASN C 85 -23.55 -6.91 6.21
N ILE C 86 -24.46 -7.14 5.25
CA ILE C 86 -25.87 -7.04 5.58
C ILE C 86 -26.68 -8.19 4.98
N PHE C 87 -27.75 -8.54 5.68
CA PHE C 87 -28.73 -9.52 5.26
C PHE C 87 -29.98 -8.76 4.86
N LEU C 88 -30.39 -8.89 3.60
CA LEU C 88 -31.50 -8.14 3.05
C LEU C 88 -32.69 -9.04 2.79
N ARG C 89 -33.86 -8.70 3.36
CA ARG C 89 -35.09 -9.45 3.17
C ARG C 89 -36.12 -8.59 2.45
N GLN C 90 -36.63 -9.11 1.34
CA GLN C 90 -37.60 -8.41 0.50
C GLN C 90 -38.90 -9.20 0.50
N GLN C 91 -40.02 -8.59 0.87
CA GLN C 91 -41.27 -9.35 0.86
C GLN C 91 -42.26 -8.70 -0.09
N TRP C 92 -42.76 -9.46 -1.08
CA TRP C 92 -43.78 -8.90 -1.95
C TRP C 92 -44.89 -9.88 -2.26
N ASN C 93 -46.10 -9.36 -2.39
CA ASN C 93 -47.30 -10.15 -2.66
C ASN C 93 -47.35 -10.57 -4.14
N ASP C 94 -47.57 -11.85 -4.42
CA ASP C 94 -47.73 -12.29 -5.80
C ASP C 94 -49.06 -13.02 -5.93
N PRO C 95 -50.01 -12.54 -6.76
CA PRO C 95 -51.27 -13.31 -6.95
C PRO C 95 -51.01 -14.65 -7.60
N ARG C 96 -50.11 -14.69 -8.57
CA ARG C 96 -49.73 -15.91 -9.26
C ARG C 96 -48.86 -16.70 -8.29
N LEU C 97 -48.74 -18.02 -8.55
CA LEU C 97 -47.97 -19.00 -7.76
C LEU C 97 -48.70 -19.38 -6.47
N ALA C 98 -49.97 -19.01 -6.33
CA ALA C 98 -50.82 -19.34 -5.17
C ALA C 98 -51.42 -20.72 -5.44
N TYR C 99 -50.61 -21.74 -5.14
CA TYR C 99 -50.94 -23.13 -5.43
C TYR C 99 -52.19 -23.63 -4.71
N SER C 100 -52.32 -23.35 -3.40
CA SER C 100 -53.48 -23.72 -2.58
C SER C 100 -53.79 -25.23 -2.57
N GLU C 101 -52.81 -26.10 -2.79
CA GLU C 101 -53.07 -27.54 -2.81
C GLU C 101 -52.22 -28.35 -1.85
N TYR C 102 -51.34 -27.72 -1.08
CA TYR C 102 -50.42 -28.38 -0.18
C TYR C 102 -50.74 -28.02 1.26
N PRO C 103 -50.82 -29.00 2.17
CA PRO C 103 -51.21 -28.70 3.56
C PRO C 103 -50.24 -27.76 4.28
N ASP C 104 -48.92 -27.92 4.08
CA ASP C 104 -47.95 -27.08 4.75
C ASP C 104 -48.12 -25.61 4.33
N ASP C 105 -48.01 -24.70 5.30
CA ASP C 105 -48.22 -23.29 5.03
C ASP C 105 -47.22 -22.68 4.05
N SER C 106 -45.93 -23.03 4.16
CA SER C 106 -44.95 -22.42 3.29
C SER C 106 -43.99 -23.45 2.74
N LEU C 107 -43.42 -23.16 1.57
CA LEU C 107 -42.45 -24.07 0.99
C LEU C 107 -41.10 -23.40 0.78
N ASP C 108 -40.06 -23.99 1.37
CA ASP C 108 -38.69 -23.52 1.18
C ASP C 108 -38.20 -23.91 -0.22
N LEU C 109 -37.44 -23.03 -0.87
CA LEU C 109 -37.03 -23.37 -2.23
C LEU C 109 -35.55 -23.06 -2.44
N ASP C 110 -34.97 -23.72 -3.44
CA ASP C 110 -33.56 -23.61 -3.77
C ASP C 110 -33.17 -22.28 -4.42
N PRO C 111 -31.88 -21.91 -4.38
CA PRO C 111 -31.39 -20.69 -5.06
C PRO C 111 -31.61 -20.68 -6.57
N SER C 112 -31.50 -21.85 -7.20
CA SER C 112 -31.70 -22.00 -8.65
C SER C 112 -33.10 -21.57 -9.06
N MET C 113 -34.09 -21.87 -8.23
CA MET C 113 -35.49 -21.54 -8.49
C MET C 113 -35.72 -20.03 -8.57
N LEU C 114 -34.89 -19.23 -7.89
CA LEU C 114 -35.02 -17.76 -7.88
C LEU C 114 -34.93 -17.13 -9.26
N ASP C 115 -34.08 -17.66 -10.15
CA ASP C 115 -33.94 -17.04 -11.46
C ASP C 115 -35.26 -17.05 -12.22
N SER C 116 -36.03 -18.14 -12.10
CA SER C 116 -37.31 -18.23 -12.81
C SER C 116 -38.30 -17.16 -12.35
N ILE C 117 -38.33 -16.87 -11.05
CA ILE C 117 -39.25 -15.89 -10.48
C ILE C 117 -38.88 -14.45 -10.86
N TRP C 118 -39.90 -13.60 -10.98
CA TRP C 118 -39.69 -12.17 -11.22
C TRP C 118 -39.09 -11.55 -9.97
N LYS C 119 -38.05 -10.75 -10.12
CA LYS C 119 -37.41 -10.16 -8.95
C LYS C 119 -37.35 -8.64 -9.01
N PRO C 120 -37.74 -7.93 -7.96
CA PRO C 120 -37.60 -6.47 -7.95
C PRO C 120 -36.16 -5.98 -7.98
N ASP C 121 -35.92 -4.97 -8.81
CA ASP C 121 -34.60 -4.37 -8.92
C ASP C 121 -34.26 -3.54 -7.68
N LEU C 122 -33.03 -3.67 -7.18
CA LEU C 122 -32.54 -2.90 -6.04
C LEU C 122 -31.22 -2.25 -6.36
N PHE C 123 -31.13 -0.96 -6.06
CA PHE C 123 -29.94 -0.18 -6.24
C PHE C 123 -29.66 0.72 -5.05
N PHE C 124 -28.39 1.06 -4.86
CA PHE C 124 -27.93 1.88 -3.76
C PHE C 124 -27.38 3.15 -4.36
N ALA C 125 -27.72 4.29 -3.74
CA ALA C 125 -27.29 5.58 -4.28
C ALA C 125 -25.78 5.74 -4.33
N ASN C 126 -25.08 5.24 -3.32
CA ASN C 126 -23.62 5.31 -3.27
C ASN C 126 -23.05 3.92 -3.07
N GLU C 127 -23.04 3.13 -4.14
CA GLU C 127 -22.62 1.74 -4.11
C GLU C 127 -21.31 1.52 -4.85
N LYS C 128 -20.37 0.87 -4.19
CA LYS C 128 -19.08 0.45 -4.71
C LYS C 128 -18.95 -1.02 -4.32
N GLY C 129 -18.20 -1.80 -5.09
CA GLY C 129 -18.00 -3.20 -4.70
C GLY C 129 -19.33 -3.95 -4.69
N ALA C 130 -19.70 -4.47 -3.52
CA ALA C 130 -20.95 -5.20 -3.28
C ALA C 130 -21.07 -6.52 -4.03
N ASN C 131 -19.95 -7.20 -4.24
CA ASN C 131 -19.97 -8.50 -4.87
C ASN C 131 -20.65 -9.52 -3.96
N PHE C 132 -21.46 -10.41 -4.55
CA PHE C 132 -22.14 -11.45 -3.80
C PHE C 132 -21.18 -12.50 -3.29
N HIS C 133 -21.47 -13.04 -2.11
CA HIS C 133 -20.69 -14.13 -1.54
C HIS C 133 -21.19 -15.46 -2.08
N GLU C 134 -20.31 -16.26 -2.69
CA GLU C 134 -20.72 -17.53 -3.28
C GLU C 134 -19.76 -18.62 -2.82
N VAL C 135 -19.84 -19.02 -1.56
CA VAL C 135 -19.03 -20.12 -1.05
C VAL C 135 -19.89 -21.37 -0.96
N THR C 136 -19.46 -22.43 -1.65
CA THR C 136 -20.10 -23.74 -1.83
C THR C 136 -21.36 -23.63 -2.66
N THR C 137 -22.30 -22.81 -2.21
CA THR C 137 -23.55 -22.49 -2.88
C THR C 137 -23.77 -21.00 -2.71
N ASP C 138 -24.54 -20.42 -3.63
CA ASP C 138 -24.88 -19.00 -3.49
C ASP C 138 -25.73 -18.80 -2.23
N ASN C 139 -25.50 -17.69 -1.54
CA ASN C 139 -26.19 -17.42 -0.28
C ASN C 139 -27.55 -16.78 -0.59
N LYS C 140 -28.48 -17.60 -1.07
CA LYS C 140 -29.82 -17.12 -1.36
C LYS C 140 -30.91 -17.95 -0.69
N LEU C 141 -31.89 -17.30 -0.06
CA LEU C 141 -33.01 -18.01 0.58
C LEU C 141 -34.33 -17.61 -0.07
N LEU C 142 -35.13 -18.59 -0.48
CA LEU C 142 -36.46 -18.33 -1.03
C LEU C 142 -37.56 -19.01 -0.20
N ARG C 143 -38.57 -18.25 0.24
CA ARG C 143 -39.70 -18.85 0.94
C ARG C 143 -41.02 -18.44 0.29
N ILE C 144 -41.86 -19.40 -0.11
CA ILE C 144 -43.13 -19.06 -0.76
C ILE C 144 -44.31 -19.45 0.13
N SER C 145 -45.12 -18.46 0.56
CA SER C 145 -46.28 -18.78 1.38
C SER C 145 -47.47 -19.22 0.51
N LYS C 146 -48.51 -19.78 1.17
CA LYS C 146 -49.71 -20.24 0.44
C LYS C 146 -50.44 -19.11 -0.26
N ASN C 147 -50.51 -17.94 0.38
CA ASN C 147 -51.16 -16.77 -0.19
C ASN C 147 -50.37 -16.16 -1.32
N GLY C 148 -49.12 -16.58 -1.47
CA GLY C 148 -48.23 -16.17 -2.51
C GLY C 148 -47.30 -15.06 -2.13
N ASN C 149 -47.32 -14.64 -0.86
CA ASN C 149 -46.32 -13.67 -0.47
C ASN C 149 -44.97 -14.35 -0.59
N VAL C 150 -43.98 -13.63 -1.11
CA VAL C 150 -42.69 -14.25 -1.37
C VAL C 150 -41.61 -13.56 -0.54
N LEU C 151 -40.75 -14.34 0.12
CA LEU C 151 -39.69 -13.75 0.92
C LEU C 151 -38.42 -14.05 0.15
N TYR C 152 -37.63 -13.01 -0.17
CA TYR C 152 -36.37 -13.14 -0.89
C TYR C 152 -35.23 -12.69 0.05
N SER C 153 -34.27 -13.54 0.36
CA SER C 153 -33.20 -13.21 1.30
C SER C 153 -31.80 -13.34 0.68
N ILE C 154 -30.97 -12.30 0.84
CA ILE C 154 -29.62 -12.29 0.26
C ILE C 154 -28.65 -11.70 1.29
N ARG C 155 -27.39 -12.16 1.26
CA ARG C 155 -26.32 -11.62 2.09
C ARG C 155 -25.25 -10.93 1.25
N ILE C 156 -25.01 -9.64 1.47
CA ILE C 156 -24.03 -8.93 0.63
C ILE C 156 -23.23 -7.96 1.48
N THR C 157 -21.99 -7.68 1.06
CA THR C 157 -21.13 -6.67 1.69
C THR C 157 -21.07 -5.37 0.91
N LEU C 158 -21.62 -4.29 1.45
CA LEU C 158 -21.71 -3.04 0.71
C LEU C 158 -20.69 -2.03 1.21
N VAL C 159 -19.95 -1.43 0.28
CA VAL C 159 -19.02 -0.36 0.64
C VAL C 159 -19.77 0.89 0.22
N LEU C 160 -20.05 1.82 1.15
CA LEU C 160 -20.76 3.00 0.71
C LEU C 160 -20.03 4.26 1.13
N ALA C 161 -20.02 5.26 0.24
CA ALA C 161 -19.41 6.54 0.57
C ALA C 161 -20.15 7.24 1.70
N CYS C 162 -19.42 7.80 2.66
CA CYS C 162 -20.12 8.49 3.71
C CYS C 162 -19.63 9.93 3.65
N PRO C 163 -20.52 10.92 3.63
CA PRO C 163 -20.10 12.34 3.65
C PRO C 163 -19.81 12.77 5.09
N MET C 164 -18.67 12.32 5.61
CA MET C 164 -18.30 12.68 6.95
C MET C 164 -17.91 14.14 7.14
N ASP C 165 -18.23 14.61 8.34
CA ASP C 165 -18.01 15.96 8.85
C ASP C 165 -16.68 15.97 9.59
N LEU C 166 -15.77 16.82 9.18
CA LEU C 166 -14.47 16.88 9.83
C LEU C 166 -14.26 18.15 10.63
N LYS C 167 -15.35 18.84 10.98
CA LYS C 167 -15.30 20.12 11.70
C LYS C 167 -14.46 20.02 12.97
N ASN C 168 -14.88 19.20 13.93
CA ASN C 168 -14.11 19.11 15.16
C ASN C 168 -13.56 17.70 15.22
N PHE C 169 -12.26 17.56 14.94
CA PHE C 169 -11.63 16.23 14.91
C PHE C 169 -11.72 15.40 16.19
N PRO C 170 -11.42 15.94 17.42
CA PRO C 170 -11.45 15.07 18.60
C PRO C 170 -12.81 14.52 18.96
N MET C 171 -13.80 15.39 18.94
CA MET C 171 -15.16 15.00 19.27
C MET C 171 -16.09 15.40 18.15
N ASP C 172 -16.79 14.41 17.59
CA ASP C 172 -17.76 14.66 16.55
C ASP C 172 -18.73 13.50 16.49
N VAL C 173 -19.89 13.74 15.89
CA VAL C 173 -20.86 12.69 15.67
C VAL C 173 -21.02 12.56 14.17
N GLN C 174 -20.87 11.35 13.66
CA GLN C 174 -20.89 11.13 12.23
C GLN C 174 -22.15 10.36 11.86
N THR C 175 -22.89 10.85 10.87
CA THR C 175 -24.06 10.13 10.44
C THR C 175 -23.82 9.59 9.04
N CYS C 176 -24.02 8.29 8.88
CA CYS C 176 -23.82 7.62 7.61
C CYS C 176 -25.19 7.16 7.12
N ILE C 177 -25.48 7.45 5.85
CA ILE C 177 -26.78 7.19 5.26
C ILE C 177 -26.70 6.14 4.15
N MET C 178 -27.65 5.20 4.18
CA MET C 178 -27.76 4.19 3.14
C MET C 178 -29.06 4.39 2.39
N GLN C 179 -28.98 4.49 1.07
CA GLN C 179 -30.15 4.79 0.23
C GLN C 179 -30.43 3.66 -0.75
N LEU C 180 -31.69 3.22 -0.79
CA LEU C 180 -32.17 2.17 -1.69
C LEU C 180 -33.18 2.75 -2.68
N GLU C 181 -32.91 2.57 -3.97
CA GLU C 181 -33.71 3.12 -5.07
C GLU C 181 -33.94 2.05 -6.13
N SER C 182 -34.97 2.26 -6.95
CA SER C 182 -35.26 1.39 -8.09
C SER C 182 -34.73 1.99 -9.38
N PHE C 183 -33.69 1.37 -9.95
CA PHE C 183 -33.05 1.90 -11.14
C PHE C 183 -33.94 1.89 -12.37
N GLY C 184 -34.63 0.78 -12.62
CA GLY C 184 -35.40 0.64 -13.83
C GLY C 184 -36.86 0.98 -13.82
N TYR C 185 -37.46 1.15 -12.66
CA TYR C 185 -38.89 1.34 -12.57
C TYR C 185 -39.21 2.68 -11.94
N THR C 186 -40.27 3.33 -12.41
CA THR C 186 -40.66 4.62 -11.89
C THR C 186 -41.46 4.44 -10.61
N MET C 187 -41.93 5.56 -10.04
CA MET C 187 -42.73 5.55 -8.83
C MET C 187 -43.99 4.72 -9.05
N ASN C 188 -44.61 4.91 -10.20
CA ASN C 188 -45.74 4.08 -10.58
C ASN C 188 -45.18 2.71 -10.91
N ASP C 189 -45.90 1.66 -10.50
CA ASP C 189 -45.70 0.21 -10.68
C ASP C 189 -44.73 -0.48 -9.73
N LEU C 190 -44.11 0.20 -8.75
CA LEU C 190 -43.20 -0.35 -7.73
C LEU C 190 -42.88 0.67 -6.65
N ILE C 191 -43.32 0.37 -5.43
CA ILE C 191 -43.16 1.25 -4.28
C ILE C 191 -42.40 0.45 -3.23
N PHE C 192 -41.41 1.09 -2.61
CA PHE C 192 -40.64 0.49 -1.52
C PHE C 192 -40.98 1.12 -0.18
N GLU C 193 -41.31 0.27 0.79
CA GLU C 193 -41.73 0.69 2.10
C GLU C 193 -40.97 -0.07 3.18
N TRP C 194 -40.89 0.57 4.34
CA TRP C 194 -40.20 0.04 5.51
C TRP C 194 -41.15 -0.82 6.32
N ASP C 195 -40.57 -1.71 7.11
CA ASP C 195 -41.33 -2.59 7.97
C ASP C 195 -41.63 -1.83 9.25
N GLU C 196 -42.89 -1.85 9.67
CA GLU C 196 -43.31 -1.10 10.86
C GLU C 196 -42.60 -1.57 12.11
N LYS C 197 -42.42 -2.88 12.28
CA LYS C 197 -41.78 -3.40 13.48
C LYS C 197 -40.52 -4.15 13.07
N GLY C 198 -39.42 -3.88 13.78
CA GLY C 198 -38.14 -4.51 13.55
C GLY C 198 -37.59 -4.32 12.15
N ALA C 199 -37.67 -3.09 11.66
CA ALA C 199 -37.18 -2.76 10.32
C ALA C 199 -35.69 -2.99 10.16
N VAL C 200 -34.91 -2.61 11.17
CA VAL C 200 -33.45 -2.75 11.13
C VAL C 200 -33.00 -3.42 12.42
N GLN C 201 -32.25 -4.51 12.27
CA GLN C 201 -31.72 -5.24 13.40
C GLN C 201 -30.21 -5.23 13.31
N VAL C 202 -29.55 -5.43 14.44
CA VAL C 202 -28.10 -5.43 14.48
C VAL C 202 -27.67 -6.72 15.16
N ALA C 203 -26.50 -7.24 14.77
CA ALA C 203 -26.01 -8.47 15.36
C ALA C 203 -25.71 -8.25 16.84
N ASP C 204 -26.05 -9.24 17.65
CA ASP C 204 -25.83 -9.16 19.09
C ASP C 204 -24.34 -9.17 19.40
N GLY C 205 -23.96 -8.36 20.39
CA GLY C 205 -22.57 -8.25 20.80
C GLY C 205 -21.63 -7.82 19.70
N LEU C 206 -22.04 -6.83 18.91
CA LEU C 206 -21.25 -6.30 17.82
C LEU C 206 -20.69 -4.95 18.25
N THR C 207 -19.38 -4.79 18.17
CA THR C 207 -18.73 -3.55 18.57
C THR C 207 -17.70 -3.12 17.55
N LEU C 208 -17.43 -1.81 17.57
CA LEU C 208 -16.47 -1.13 16.74
C LEU C 208 -15.38 -0.54 17.62
N PRO C 209 -14.11 -0.69 17.26
CA PRO C 209 -13.03 -0.17 18.11
C PRO C 209 -13.01 1.34 18.26
N GLN C 210 -13.30 2.09 17.21
CA GLN C 210 -13.24 3.55 17.21
C GLN C 210 -14.55 4.22 17.59
N PHE C 211 -15.66 3.75 17.07
CA PHE C 211 -16.94 4.41 17.25
C PHE C 211 -17.91 3.58 18.07
N ILE C 212 -18.83 4.29 18.72
CA ILE C 212 -19.93 3.72 19.47
C ILE C 212 -21.20 3.93 18.65
N LEU C 213 -21.87 2.84 18.28
CA LEU C 213 -23.12 2.93 17.55
C LEU C 213 -24.24 3.40 18.47
N LYS C 214 -25.11 4.26 17.95
CA LYS C 214 -26.25 4.73 18.74
C LYS C 214 -27.50 3.96 18.38
N GLU C 215 -28.21 3.51 19.42
CA GLU C 215 -29.41 2.69 19.26
C GLU C 215 -30.64 3.58 19.05
N GLU C 216 -30.65 4.31 17.95
CA GLU C 216 -31.84 5.04 17.53
C GLU C 216 -32.28 4.64 16.13
N LYS C 217 -31.37 4.72 15.15
CA LYS C 217 -31.55 4.24 13.77
C LYS C 217 -32.79 4.80 13.06
N ASP C 218 -32.89 6.13 13.05
CA ASP C 218 -33.98 6.82 12.37
C ASP C 218 -34.01 6.57 10.85
N LEU C 219 -35.18 6.18 10.36
CA LEU C 219 -35.39 5.82 8.97
C LEU C 219 -36.37 6.78 8.31
N ARG C 220 -35.98 7.38 7.18
CA ARG C 220 -36.93 8.24 6.47
C ARG C 220 -36.79 8.02 4.97
N TYR C 221 -37.84 8.32 4.21
CA TYR C 221 -37.77 8.12 2.77
C TYR C 221 -37.97 9.39 1.98
N CYS C 222 -37.07 9.60 1.01
CA CYS C 222 -37.06 10.76 0.12
C CYS C 222 -37.12 10.28 -1.32
N THR C 223 -38.13 10.74 -2.06
CA THR C 223 -38.28 10.36 -3.46
C THR C 223 -37.21 11.02 -4.32
N LYS C 224 -36.93 10.42 -5.47
CA LYS C 224 -35.92 10.91 -6.40
C LYS C 224 -36.57 11.39 -7.70
N HIS C 225 -36.20 12.60 -8.12
CA HIS C 225 -36.70 13.17 -9.37
C HIS C 225 -35.57 13.27 -10.38
N TYR C 226 -35.83 12.76 -11.59
CA TYR C 226 -34.88 12.77 -12.69
C TYR C 226 -35.60 13.19 -13.95
N ASN C 227 -34.81 13.50 -14.98
CA ASN C 227 -35.36 13.87 -16.28
C ASN C 227 -36.19 12.73 -16.86
N THR C 228 -35.71 11.50 -16.72
CA THR C 228 -36.46 10.34 -17.20
C THR C 228 -37.77 10.16 -16.44
N GLY C 229 -37.75 10.34 -15.13
CA GLY C 229 -38.97 10.14 -14.36
C GLY C 229 -38.73 10.27 -12.87
N LYS C 230 -39.75 9.87 -12.11
CA LYS C 230 -39.73 9.90 -10.64
C LYS C 230 -39.57 8.47 -10.13
N PHE C 231 -38.55 8.26 -9.28
CA PHE C 231 -38.19 6.94 -8.77
C PHE C 231 -38.24 6.91 -7.24
N THR C 232 -38.85 5.86 -6.70
CA THR C 232 -38.98 5.70 -5.24
C THR C 232 -37.63 5.41 -4.58
N CYS C 233 -37.48 5.88 -3.35
CA CYS C 233 -36.27 5.61 -2.57
C CYS C 233 -36.57 5.62 -1.08
N ILE C 234 -35.74 4.91 -0.33
CA ILE C 234 -35.82 4.84 1.13
C ILE C 234 -34.42 5.03 1.71
N GLU C 235 -34.35 5.66 2.89
CA GLU C 235 -33.07 5.98 3.48
C GLU C 235 -33.03 5.50 4.93
N ALA C 236 -31.83 5.07 5.34
CA ALA C 236 -31.55 4.63 6.70
C ALA C 236 -30.39 5.43 7.25
N ARG C 237 -30.51 5.94 8.49
CA ARG C 237 -29.49 6.79 9.06
C ARG C 237 -28.86 6.15 10.30
N PHE C 238 -27.53 6.13 10.36
CA PHE C 238 -26.80 5.57 11.50
C PHE C 238 -25.93 6.65 12.13
N HIS C 239 -25.94 6.70 13.47
CA HIS C 239 -25.18 7.68 14.24
C HIS C 239 -24.02 7.00 14.93
N LEU C 240 -22.84 7.60 14.78
CA LEU C 240 -21.59 7.08 15.34
C LEU C 240 -20.95 8.13 16.23
N GLU C 241 -20.48 7.71 17.42
CA GLU C 241 -19.80 8.60 18.36
C GLU C 241 -18.34 8.17 18.52
N ARG C 242 -17.42 9.11 18.37
CA ARG C 242 -16.00 8.81 18.51
C ARG C 242 -15.59 8.52 19.95
N GLN C 243 -14.64 7.61 20.11
CA GLN C 243 -14.02 7.35 21.41
C GLN C 243 -12.86 8.33 21.57
N MET C 244 -12.88 9.08 22.67
CA MET C 244 -11.87 10.11 22.93
C MET C 244 -10.60 9.59 23.59
N GLY C 245 -10.60 8.33 24.02
CA GLY C 245 -9.48 7.80 24.80
C GLY C 245 -8.14 7.80 24.08
N TYR C 246 -8.13 7.36 22.81
CA TYR C 246 -6.87 7.26 22.07
C TYR C 246 -6.24 8.61 21.79
N TYR C 247 -7.06 9.59 21.41
CA TYR C 247 -6.55 10.89 20.98
C TYR C 247 -5.81 11.61 22.10
N LEU C 248 -6.31 11.48 23.34
CA LEU C 248 -5.68 12.15 24.48
C LEU C 248 -4.25 11.66 24.68
N ILE C 249 -4.09 10.34 24.78
CA ILE C 249 -2.80 9.71 24.99
C ILE C 249 -1.86 9.98 23.82
N GLN C 250 -2.39 9.87 22.60
CA GLN C 250 -1.58 10.06 21.40
C GLN C 250 -1.10 11.50 21.24
N MET C 251 -1.97 12.49 21.44
CA MET C 251 -1.60 13.85 21.12
C MET C 251 -1.59 14.82 22.29
N TYR C 252 -2.64 14.83 23.12
CA TYR C 252 -2.75 15.84 24.17
C TYR C 252 -1.65 15.71 25.22
N ILE C 253 -1.39 14.48 25.67
CA ILE C 253 -0.39 14.27 26.72
C ILE C 253 1.03 14.65 26.28
N PRO C 254 1.53 14.25 25.08
CA PRO C 254 2.91 14.67 24.73
C PRO C 254 3.07 16.17 24.62
N SER C 255 2.09 16.85 24.02
CA SER C 255 2.17 18.29 23.85
C SER C 255 2.21 18.97 25.21
N LEU C 256 1.38 18.50 26.14
CA LEU C 256 1.31 19.09 27.48
C LEU C 256 2.62 18.92 28.22
N LEU C 257 3.21 17.71 28.17
CA LEU C 257 4.50 17.49 28.84
C LEU C 257 5.57 18.40 28.25
N ILE C 258 5.54 18.56 26.92
CA ILE C 258 6.55 19.39 26.25
C ILE C 258 6.42 20.83 26.74
N VAL C 259 5.19 21.32 26.82
CA VAL C 259 4.92 22.69 27.23
C VAL C 259 5.42 22.91 28.65
N ILE C 260 5.15 21.94 29.54
CA ILE C 260 5.56 22.06 30.94
C ILE C 260 7.08 22.09 31.02
N LEU C 261 7.75 21.22 30.22
CA LEU C 261 9.22 21.14 30.27
C LEU C 261 9.81 22.45 29.85
N SER C 262 9.26 23.03 28.79
CA SER C 262 9.80 24.27 28.25
C SER C 262 9.66 25.38 29.26
N TRP C 263 8.49 25.48 29.90
CA TRP C 263 8.29 26.58 30.84
C TRP C 263 9.23 26.47 32.04
N VAL C 264 9.27 25.27 32.65
CA VAL C 264 10.10 25.03 33.83
C VAL C 264 11.56 25.33 33.52
N SER C 265 12.06 24.74 32.42
CA SER C 265 13.45 24.90 32.05
C SER C 265 13.76 26.36 31.76
N PHE C 266 12.83 27.06 31.09
CA PHE C 266 13.09 28.45 30.74
C PHE C 266 13.25 29.30 32.00
N TRP C 267 12.37 29.08 32.98
CA TRP C 267 12.42 29.87 34.21
C TRP C 267 13.70 29.64 34.99
N ILE C 268 14.16 28.39 35.07
CA ILE C 268 15.42 28.13 35.77
C ILE C 268 16.54 28.38 34.75
N ASN C 269 17.82 28.34 35.21
CA ASN C 269 19.04 28.52 34.38
C ASN C 269 19.01 29.82 33.56
N MET C 270 18.53 30.88 34.19
CA MET C 270 18.47 32.21 33.57
C MET C 270 19.84 32.77 33.23
N ASP C 271 20.84 32.58 34.09
CA ASP C 271 22.18 33.08 33.80
C ASP C 271 22.77 32.42 32.55
N ALA C 272 22.51 31.12 32.35
CA ALA C 272 23.02 30.38 31.20
C ALA C 272 22.12 30.57 29.98
N ALA C 273 22.37 31.71 29.31
CA ALA C 273 21.60 32.06 28.12
C ALA C 273 21.76 31.09 26.95
N PRO C 274 22.96 30.55 26.59
CA PRO C 274 22.99 29.55 25.51
C PRO C 274 22.15 28.33 25.83
N ALA C 275 22.19 27.92 27.10
CA ALA C 275 21.41 26.78 27.53
C ALA C 275 19.93 27.03 27.34
N ARG C 276 19.46 28.25 27.66
CA ARG C 276 18.04 28.57 27.53
C ARG C 276 17.60 28.62 26.08
N VAL C 277 18.41 29.27 25.23
CA VAL C 277 18.01 29.45 23.84
C VAL C 277 17.99 28.10 23.13
N GLY C 278 18.96 27.24 23.45
CA GLY C 278 19.02 25.92 22.83
C GLY C 278 17.81 25.10 23.22
N LEU C 279 17.41 25.17 24.50
CA LEU C 279 16.22 24.45 24.95
C LEU C 279 14.97 24.93 24.23
N GLY C 280 14.86 26.26 24.08
CA GLY C 280 13.66 26.82 23.47
C GLY C 280 13.53 26.38 22.03
N ILE C 281 14.63 26.45 21.29
CA ILE C 281 14.59 26.11 19.87
C ILE C 281 14.27 24.64 19.68
N THR C 282 14.88 23.76 20.49
CA THR C 282 14.63 22.33 20.34
C THR C 282 13.17 22.02 20.62
N THR C 283 12.62 22.70 21.63
CA THR C 283 11.23 22.51 22.02
C THR C 283 10.29 22.93 20.89
N VAL C 284 10.61 24.06 20.23
CA VAL C 284 9.80 24.54 19.10
C VAL C 284 9.85 23.53 17.96
N LEU C 285 11.04 22.99 17.68
CA LEU C 285 11.21 22.06 16.57
C LEU C 285 10.40 20.80 16.79
N THR C 286 10.40 20.31 18.02
CA THR C 286 9.59 19.14 18.33
C THR C 286 8.11 19.46 18.21
N MET C 287 7.71 20.66 18.64
CA MET C 287 6.30 21.03 18.58
C MET C 287 5.80 21.03 17.15
N THR C 288 6.55 21.68 16.24
CA THR C 288 6.11 21.76 14.85
C THR C 288 6.12 20.38 14.19
N THR C 289 7.16 19.57 14.42
CA THR C 289 7.18 18.24 13.80
C THR C 289 6.03 17.39 14.33
N GLN C 290 5.73 17.47 15.63
CA GLN C 290 4.62 16.72 16.20
C GLN C 290 3.30 17.17 15.58
N SER C 291 3.12 18.47 15.39
CA SER C 291 1.89 18.99 14.79
C SER C 291 1.73 18.48 13.36
N SER C 292 2.81 18.53 12.58
CA SER C 292 2.77 18.00 11.23
C SER C 292 2.46 16.51 11.24
N GLY C 293 3.06 15.77 12.19
CA GLY C 293 2.79 14.35 12.27
C GLY C 293 1.33 14.10 12.56
N SER C 294 0.75 14.94 13.43
CA SER C 294 -0.65 14.81 13.82
C SER C 294 -1.55 14.93 12.60
N ARG C 295 -1.23 15.90 11.75
CA ARG C 295 -2.02 16.10 10.54
C ARG C 295 -1.50 15.17 9.44
N ALA C 296 -1.82 13.89 9.56
CA ALA C 296 -1.38 12.96 8.53
C ALA C 296 -2.39 11.87 8.24
N SER C 297 -2.98 11.32 9.28
CA SER C 297 -3.98 10.26 9.15
C SER C 297 -5.25 10.74 8.44
N LEU C 298 -5.66 11.96 8.69
CA LEU C 298 -6.85 12.55 8.12
C LEU C 298 -6.58 13.25 6.79
N PRO C 299 -7.63 13.53 6.00
CA PRO C 299 -7.43 14.22 4.72
C PRO C 299 -7.37 15.74 4.89
N LYS C 300 -7.18 16.42 3.77
CA LYS C 300 -7.04 17.87 3.71
C LYS C 300 -8.40 18.55 3.56
N VAL C 301 -8.64 19.59 4.37
CA VAL C 301 -9.87 20.37 4.34
C VAL C 301 -9.53 21.84 4.55
N SER C 302 -10.38 22.71 3.98
CA SER C 302 -10.16 24.15 4.10
C SER C 302 -10.35 24.66 5.52
N TYR C 303 -11.40 24.20 6.20
CA TYR C 303 -11.74 24.69 7.52
C TYR C 303 -10.72 24.22 8.55
N VAL C 304 -10.70 24.90 9.70
CA VAL C 304 -9.72 24.65 10.75
C VAL C 304 -10.36 23.84 11.87
N LYS C 305 -9.76 22.69 12.15
CA LYS C 305 -10.19 21.76 13.19
C LYS C 305 -9.71 22.17 14.59
N ALA C 306 -10.38 21.58 15.58
CA ALA C 306 -10.06 21.85 16.98
C ALA C 306 -8.64 21.47 17.31
N ILE C 307 -8.18 20.32 16.78
CA ILE C 307 -6.81 19.87 17.03
C ILE C 307 -5.82 20.90 16.52
N ASP C 308 -6.13 21.50 15.36
CA ASP C 308 -5.31 22.56 14.80
C ASP C 308 -5.23 23.74 15.75
N ILE C 309 -6.39 24.10 16.32
CA ILE C 309 -6.43 25.22 17.27
C ILE C 309 -5.56 24.95 18.48
N TRP C 310 -5.64 23.73 19.02
CA TRP C 310 -4.85 23.35 20.18
C TRP C 310 -3.36 23.37 19.87
N MET C 311 -2.97 22.84 18.71
CA MET C 311 -1.57 22.84 18.32
C MET C 311 -1.07 24.26 18.14
N ALA C 312 -1.88 25.13 17.53
CA ALA C 312 -1.47 26.50 17.29
C ALA C 312 -1.25 27.27 18.58
N VAL C 313 -2.16 27.14 19.56
CA VAL C 313 -1.96 27.85 20.82
C VAL C 313 -0.73 27.32 21.57
N CYS C 314 -0.53 25.99 21.58
CA CYS C 314 0.63 25.44 22.28
C CYS C 314 1.93 25.93 21.64
N LEU C 315 1.95 25.97 20.31
CA LEU C 315 3.12 26.46 19.58
C LEU C 315 3.33 27.94 19.89
N LEU C 316 2.25 28.69 20.01
CA LEU C 316 2.35 30.13 20.32
C LEU C 316 2.97 30.34 21.70
N PHE C 317 2.56 29.54 22.69
CA PHE C 317 3.12 29.68 24.04
C PHE C 317 4.61 29.38 24.05
N VAL C 318 4.98 28.27 23.39
CA VAL C 318 6.36 27.85 23.32
C VAL C 318 7.19 28.89 22.58
N PHE C 319 6.60 29.46 21.52
CA PHE C 319 7.22 30.53 20.76
C PHE C 319 7.50 31.75 21.62
N SER C 320 6.47 32.24 22.30
CA SER C 320 6.53 33.40 23.19
C SER C 320 7.66 33.34 24.21
N ALA C 321 7.82 32.17 24.86
CA ALA C 321 8.87 31.97 25.86
C ALA C 321 10.26 32.41 25.41
N LEU C 322 10.62 32.07 24.16
CA LEU C 322 11.92 32.44 23.61
C LEU C 322 12.05 33.94 23.47
N LEU C 323 11.00 34.61 23.04
CA LEU C 323 11.02 36.06 22.92
C LEU C 323 11.19 36.72 24.28
N GLU C 324 10.56 36.14 25.31
CA GLU C 324 10.72 36.66 26.67
C GLU C 324 12.18 36.58 27.10
N TYR C 325 12.82 35.45 26.82
CA TYR C 325 14.23 35.28 27.15
C TYR C 325 15.10 36.28 26.37
N ALA C 326 14.78 36.48 25.10
CA ALA C 326 15.54 37.42 24.26
C ALA C 326 15.45 38.84 24.80
N ALA C 327 14.27 39.24 25.24
CA ALA C 327 14.09 40.58 25.80
C ALA C 327 14.93 40.75 27.07
N VAL C 328 14.89 39.73 27.95
CA VAL C 328 15.69 39.77 29.17
C VAL C 328 17.18 39.87 28.85
N ASN C 329 17.63 39.08 27.86
CA ASN C 329 19.04 39.08 27.46
C ASN C 329 19.43 40.46 26.93
N PHE C 330 18.55 41.09 26.15
CA PHE C 330 18.81 42.43 25.62
C PHE C 330 18.95 43.46 26.73
N ILE C 331 18.08 43.38 27.74
CA ILE C 331 18.17 44.29 28.88
C ILE C 331 19.46 44.09 29.64
N ALA C 332 19.87 42.81 29.82
CA ALA C 332 21.12 42.50 30.49
C ALA C 332 22.32 43.05 29.72
N ARG C 333 22.25 42.96 28.39
CA ARG C 333 23.29 43.49 27.53
C ARG C 333 23.41 44.99 27.71
N GLN C 334 22.26 45.68 27.81
CA GLN C 334 22.25 47.12 28.02
C GLN C 334 22.91 47.46 29.36
N HIS C 335 22.61 46.65 30.39
CA HIS C 335 23.21 46.85 31.70
C HIS C 335 24.73 46.70 31.68
N LYS C 336 25.22 45.63 31.03
CA LYS C 336 26.67 45.43 30.98
C LYS C 336 27.38 46.51 30.16
N GLU C 337 26.82 46.91 29.02
CA GLU C 337 27.46 47.96 28.21
C GLU C 337 27.51 49.28 28.97
N LEU C 338 26.40 49.64 29.64
CA LEU C 338 26.39 50.89 30.39
C LEU C 338 27.38 50.79 31.54
N LEU C 339 27.49 49.60 32.17
CA LEU C 339 28.42 49.44 33.29
C LEU C 339 29.84 49.66 32.79
N ARG C 340 30.12 49.14 31.58
CA ARG C 340 31.44 49.27 30.97
C ARG C 340 31.78 50.73 30.76
N PHE C 341 30.78 51.52 30.33
CA PHE C 341 30.91 52.98 30.10
C PHE C 341 31.50 53.71 31.31
N LYS C 394 27.90 55.58 42.65
CA LYS C 394 28.49 55.98 41.37
C LYS C 394 27.40 56.23 40.32
N THR C 395 27.82 56.71 39.16
CA THR C 395 26.88 56.99 38.08
C THR C 395 26.41 55.74 37.36
N VAL C 396 27.25 54.70 37.29
CA VAL C 396 26.81 53.46 36.68
C VAL C 396 26.17 52.51 37.68
N GLU C 397 26.54 52.60 38.96
CA GLU C 397 25.74 51.91 39.96
C GLU C 397 24.46 52.67 40.29
N GLU C 398 24.30 53.89 39.78
CA GLU C 398 23.00 54.54 39.86
C GLU C 398 21.98 53.79 39.04
N MET C 399 22.40 53.16 37.93
CA MET C 399 21.51 52.45 37.04
C MET C 399 21.67 50.94 37.12
N ARG C 400 22.65 50.45 37.88
CA ARG C 400 22.83 49.00 38.03
C ARG C 400 21.65 48.35 38.72
N LYS C 401 21.20 48.96 39.84
CA LYS C 401 20.07 48.43 40.60
C LYS C 401 18.79 48.45 39.77
N LEU C 402 18.60 49.53 39.02
CA LEU C 402 17.41 49.71 38.20
C LEU C 402 17.31 48.65 37.11
N PHE C 403 18.40 48.44 36.37
CA PHE C 403 18.36 47.47 35.28
C PHE C 403 18.27 46.04 35.80
N ILE C 404 19.03 45.68 36.84
CA ILE C 404 18.95 44.32 37.39
C ILE C 404 17.56 44.06 37.97
N SER C 405 17.00 45.04 38.70
CA SER C 405 15.66 44.92 39.27
C SER C 405 14.59 44.77 38.19
N ARG C 406 14.71 45.54 37.10
CA ARG C 406 13.73 45.45 36.01
C ARG C 406 13.77 44.08 35.34
N ALA C 407 14.97 43.58 35.06
CA ALA C 407 15.11 42.27 34.42
C ALA C 407 14.58 41.17 35.33
N LYS C 408 14.92 41.24 36.62
CA LYS C 408 14.43 40.26 37.57
C LYS C 408 12.91 40.36 37.70
N ARG C 409 12.36 41.58 37.68
CA ARG C 409 10.91 41.75 37.78
C ARG C 409 10.20 41.09 36.61
N ILE C 410 10.80 41.17 35.42
CA ILE C 410 10.29 40.47 34.25
C ILE C 410 10.26 38.96 34.48
N ASP C 411 11.43 38.40 34.83
CA ASP C 411 11.51 36.95 35.02
C ASP C 411 10.60 36.44 36.13
N THR C 412 10.55 37.15 37.26
CA THR C 412 9.72 36.74 38.39
C THR C 412 8.25 36.82 38.06
N VAL C 413 7.82 37.82 37.29
CA VAL C 413 6.40 37.91 37.02
C VAL C 413 6.00 36.86 36.00
N SER C 414 6.65 36.88 34.82
CA SER C 414 6.52 35.86 33.78
C SER C 414 6.43 34.41 34.25
N ARG C 415 7.26 34.07 35.23
CA ARG C 415 7.33 32.71 35.76
C ARG C 415 6.03 32.26 36.41
N VAL C 416 5.48 33.09 37.29
CA VAL C 416 4.19 32.78 37.90
C VAL C 416 3.04 32.99 36.91
N ALA C 417 3.13 34.01 36.05
CA ALA C 417 2.04 34.43 35.19
C ALA C 417 1.65 33.40 34.14
N PHE C 418 2.61 32.77 33.47
CA PHE C 418 2.24 31.91 32.34
C PHE C 418 1.37 30.68 32.63
N PRO C 419 1.60 29.86 33.69
CA PRO C 419 0.67 28.74 33.89
C PRO C 419 -0.78 29.15 34.14
N LEU C 420 -1.02 30.24 34.88
CA LEU C 420 -2.40 30.64 35.14
C LEU C 420 -3.10 31.03 33.84
N VAL C 421 -2.38 31.73 32.95
CA VAL C 421 -2.90 32.23 31.68
C VAL C 421 -2.91 31.09 30.66
N PHE C 422 -2.59 29.89 31.11
CA PHE C 422 -2.66 28.68 30.31
C PHE C 422 -3.75 27.76 30.81
N LEU C 423 -3.86 27.67 32.13
CA LEU C 423 -4.92 26.94 32.80
C LEU C 423 -6.29 27.52 32.48
N ILE C 424 -6.39 28.86 32.48
CA ILE C 424 -7.68 29.50 32.18
C ILE C 424 -8.10 29.21 30.74
N PHE C 425 -7.14 29.14 29.81
CA PHE C 425 -7.50 28.85 28.43
C PHE C 425 -7.94 27.39 28.31
N ASN C 426 -7.21 26.49 28.97
CA ASN C 426 -7.51 25.07 28.90
C ASN C 426 -8.92 24.79 29.40
N ILE C 427 -9.29 25.44 30.52
CA ILE C 427 -10.63 25.32 31.08
C ILE C 427 -11.67 25.86 30.11
N PHE C 428 -11.39 27.01 29.48
CA PHE C 428 -12.31 27.63 28.53
C PHE C 428 -12.54 26.72 27.33
N TYR C 429 -11.46 26.15 26.81
CA TYR C 429 -11.51 25.26 25.65
C TYR C 429 -12.36 24.04 25.92
N TRP C 430 -12.06 23.32 27.00
CA TRP C 430 -12.81 22.12 27.30
C TRP C 430 -14.30 22.40 27.56
N ILE C 431 -14.62 23.46 28.31
CA ILE C 431 -16.04 23.71 28.60
C ILE C 431 -16.81 24.06 27.32
N THR C 432 -16.23 24.88 26.43
CA THR C 432 -16.97 25.22 25.21
C THR C 432 -17.16 24.00 24.32
N TYR C 433 -16.15 23.13 24.19
CA TYR C 433 -16.33 21.95 23.37
C TYR C 433 -17.36 20.99 23.99
N LYS C 434 -17.31 20.84 25.32
CA LYS C 434 -18.27 19.95 26.01
C LYS C 434 -19.71 20.42 25.84
N ILE C 435 -19.96 21.73 25.99
CA ILE C 435 -21.33 22.21 25.78
C ILE C 435 -21.71 22.04 24.32
N ILE C 436 -20.77 22.28 23.38
CA ILE C 436 -21.09 22.16 21.96
C ILE C 436 -21.47 20.72 21.62
N ARG C 437 -20.71 19.73 22.12
CA ARG C 437 -21.03 18.33 21.85
C ARG C 437 -22.38 17.95 22.47
N SER C 438 -22.63 18.43 23.70
CA SER C 438 -23.89 18.14 24.37
C SER C 438 -25.09 18.69 23.62
N GLU C 439 -25.01 19.95 23.16
CA GLU C 439 -26.13 20.51 22.41
C GLU C 439 -26.30 19.89 21.02
N ASP C 440 -25.21 19.62 20.29
CA ASP C 440 -25.38 19.11 18.91
C ASP C 440 -26.05 17.73 18.81
N MET D 32 -55.35 -8.27 -25.39
CA MET D 32 -54.18 -8.89 -25.99
C MET D 32 -53.18 -9.30 -24.90
N PRO D 33 -52.49 -10.41 -25.09
CA PRO D 33 -51.50 -10.84 -24.11
C PRO D 33 -50.20 -10.08 -24.26
N PRO D 34 -49.52 -9.78 -23.16
CA PRO D 34 -48.25 -9.05 -23.27
C PRO D 34 -47.12 -9.92 -23.77
N SER D 35 -47.08 -11.19 -23.35
CA SER D 35 -45.99 -12.08 -23.71
C SER D 35 -45.94 -12.32 -25.21
N GLU D 36 -47.10 -12.59 -25.81
CA GLU D 36 -47.16 -12.87 -27.25
C GLU D 36 -46.69 -11.69 -28.07
N PHE D 37 -47.05 -10.49 -27.64
CA PHE D 37 -46.60 -9.26 -28.30
C PHE D 37 -45.09 -9.08 -28.12
N LEU D 38 -44.62 -9.33 -26.89
CA LEU D 38 -43.23 -9.11 -26.56
C LEU D 38 -42.31 -10.02 -27.36
N ASP D 39 -42.71 -11.27 -27.59
CA ASP D 39 -41.86 -12.09 -28.44
C ASP D 39 -42.09 -11.81 -29.92
N LYS D 40 -43.32 -11.43 -30.30
CA LYS D 40 -43.63 -11.16 -31.70
C LYS D 40 -42.87 -9.96 -32.22
N LEU D 41 -42.60 -9.00 -31.35
CA LEU D 41 -41.96 -7.78 -31.81
C LEU D 41 -40.48 -7.99 -32.11
N MET D 42 -39.78 -8.67 -31.22
CA MET D 42 -38.34 -8.88 -31.32
C MET D 42 -37.94 -10.35 -31.21
N GLY D 43 -38.63 -11.26 -31.90
CA GLY D 43 -38.25 -12.66 -31.75
C GLY D 43 -37.95 -13.37 -33.06
N LYS D 44 -38.42 -14.62 -33.14
CA LYS D 44 -38.10 -15.48 -34.27
C LYS D 44 -38.99 -15.22 -35.48
N VAL D 45 -40.22 -14.77 -35.26
CA VAL D 45 -41.08 -14.47 -36.39
C VAL D 45 -40.67 -13.14 -36.97
N SER D 46 -40.16 -12.24 -36.14
CA SER D 46 -39.67 -10.96 -36.58
C SER D 46 -38.30 -11.15 -37.20
N GLY D 47 -38.07 -10.51 -38.33
CA GLY D 47 -36.78 -10.56 -39.00
C GLY D 47 -35.72 -9.66 -38.41
N TYR D 48 -35.85 -9.31 -37.13
CA TYR D 48 -34.92 -8.39 -36.48
C TYR D 48 -33.67 -9.14 -36.09
N ASP D 49 -32.63 -8.97 -36.88
CA ASP D 49 -31.33 -9.57 -36.64
C ASP D 49 -30.48 -8.54 -35.90
N ALA D 50 -29.89 -8.94 -34.79
CA ALA D 50 -29.08 -8.01 -34.01
C ALA D 50 -27.69 -7.81 -34.59
N ARG D 51 -27.40 -8.44 -35.72
CA ARG D 51 -26.12 -8.31 -36.39
C ARG D 51 -26.15 -7.28 -37.50
N ILE D 52 -27.30 -6.70 -37.82
CA ILE D 52 -27.41 -5.74 -38.90
C ILE D 52 -27.68 -4.36 -38.33
N ARG D 53 -26.94 -3.38 -38.83
CA ARG D 53 -27.14 -1.99 -38.44
C ARG D 53 -28.49 -1.50 -38.97
N PRO D 54 -29.22 -0.70 -38.20
CA PRO D 54 -30.45 -0.09 -38.73
C PRO D 54 -30.14 0.89 -39.84
N ASN D 55 -31.07 0.98 -40.80
CA ASN D 55 -30.92 1.77 -42.04
C ASN D 55 -29.67 1.37 -42.82
N PHE D 56 -29.52 0.06 -43.01
CA PHE D 56 -28.37 -0.48 -43.74
C PHE D 56 -28.39 0.00 -45.19
N LYS D 57 -27.19 0.28 -45.72
CA LYS D 57 -26.97 0.93 -47.02
C LYS D 57 -27.67 2.28 -47.08
N GLY D 58 -27.58 3.03 -45.99
CA GLY D 58 -28.29 4.27 -45.86
C GLY D 58 -27.50 5.30 -45.06
N PRO D 59 -28.09 6.49 -44.90
CA PRO D 59 -27.44 7.58 -44.16
C PRO D 59 -27.09 7.21 -42.74
N PRO D 60 -25.94 7.68 -42.24
CA PRO D 60 -25.47 7.35 -40.89
C PRO D 60 -26.47 7.59 -39.77
N VAL D 61 -26.51 6.66 -38.83
CA VAL D 61 -27.43 6.69 -37.70
C VAL D 61 -26.99 7.70 -36.64
N ASN D 62 -27.78 8.75 -36.46
CA ASN D 62 -27.45 9.79 -35.50
C ASN D 62 -27.80 9.30 -34.10
N VAL D 63 -26.85 9.35 -33.17
CA VAL D 63 -27.04 8.93 -31.79
C VAL D 63 -26.83 10.15 -30.90
N THR D 64 -27.75 10.40 -29.96
CA THR D 64 -27.58 11.54 -29.07
C THR D 64 -27.29 11.06 -27.65
N CYS D 65 -26.26 11.64 -27.02
CA CYS D 65 -25.83 11.20 -25.69
C CYS D 65 -26.04 12.24 -24.59
N ASN D 66 -26.67 11.81 -23.49
CA ASN D 66 -26.90 12.60 -22.29
C ASN D 66 -26.15 12.00 -21.11
N ILE D 67 -25.35 12.81 -20.38
CA ILE D 67 -24.53 12.27 -19.30
C ILE D 67 -24.88 12.93 -17.97
N PHE D 68 -25.13 12.13 -16.92
CA PHE D 68 -25.39 12.67 -15.59
C PHE D 68 -24.33 12.17 -14.61
N ILE D 69 -23.75 13.08 -13.83
CA ILE D 69 -22.66 12.74 -12.91
C ILE D 69 -23.24 12.36 -11.55
N ASN D 70 -23.24 11.07 -11.21
CA ASN D 70 -23.70 10.67 -9.88
C ASN D 70 -22.78 11.14 -8.77
N SER D 71 -21.47 11.00 -8.95
CA SER D 71 -20.50 11.41 -7.92
C SER D 71 -19.15 11.65 -8.55
N PHE D 72 -18.30 12.37 -7.84
CA PHE D 72 -16.95 12.66 -8.27
C PHE D 72 -16.02 12.39 -7.09
N GLY D 73 -14.76 12.03 -7.36
CA GLY D 73 -13.82 11.84 -6.28
C GLY D 73 -12.56 11.15 -6.76
N SER D 74 -11.73 10.73 -5.77
CA SER D 74 -10.49 9.99 -6.04
C SER D 74 -9.51 10.72 -6.97
N ILE D 75 -9.29 12.00 -6.76
CA ILE D 75 -8.33 12.72 -7.58
C ILE D 75 -7.04 12.97 -6.82
N ALA D 76 -5.94 12.41 -7.34
CA ALA D 76 -4.64 12.61 -6.74
C ALA D 76 -3.59 12.78 -7.84
N GLU D 77 -2.55 13.55 -7.52
CA GLU D 77 -1.49 13.86 -8.47
C GLU D 77 -0.68 12.64 -8.92
N THR D 78 -0.32 11.76 -7.99
CA THR D 78 0.52 10.60 -8.31
C THR D 78 -0.21 9.64 -9.24
N THR D 79 -1.48 9.38 -8.95
CA THR D 79 -2.29 8.45 -9.71
C THR D 79 -2.55 9.00 -11.12
N MET D 80 -2.74 10.32 -11.23
CA MET D 80 -3.05 11.04 -12.48
C MET D 80 -4.34 10.55 -13.11
N ASP D 81 -5.31 10.18 -12.26
CA ASP D 81 -6.61 9.76 -12.73
C ASP D 81 -7.68 10.16 -11.71
N TYR D 82 -8.91 10.24 -12.20
CA TYR D 82 -10.10 10.58 -11.42
C TYR D 82 -11.16 9.50 -11.61
N ARG D 83 -11.82 9.11 -10.52
CA ARG D 83 -12.91 8.14 -10.60
C ARG D 83 -14.27 8.81 -10.52
N VAL D 84 -15.10 8.66 -11.55
CA VAL D 84 -16.39 9.32 -11.60
C VAL D 84 -17.51 8.30 -11.88
N ASN D 85 -18.54 8.30 -11.05
CA ASN D 85 -19.72 7.47 -11.28
C ASN D 85 -20.69 8.19 -12.24
N ILE D 86 -21.09 7.57 -13.34
CA ILE D 86 -21.92 8.29 -14.30
C ILE D 86 -23.08 7.46 -14.80
N PHE D 87 -24.16 8.14 -15.13
CA PHE D 87 -25.35 7.58 -15.75
C PHE D 87 -25.36 8.02 -17.20
N LEU D 88 -25.32 7.05 -18.12
CA LEU D 88 -25.22 7.33 -19.55
C LEU D 88 -26.52 7.00 -20.26
N ARG D 89 -27.08 7.98 -20.98
CA ARG D 89 -28.30 7.80 -21.75
C ARG D 89 -28.01 7.95 -23.23
N GLN D 90 -28.38 6.95 -24.02
CA GLN D 90 -28.15 6.92 -25.46
C GLN D 90 -29.50 6.88 -26.16
N GLN D 91 -29.78 7.82 -27.06
CA GLN D 91 -31.06 7.77 -27.75
C GLN D 91 -30.85 7.65 -29.25
N TRP D 92 -31.43 6.60 -29.85
CA TRP D 92 -31.32 6.49 -31.30
C TRP D 92 -32.63 6.05 -31.95
N ASN D 93 -32.87 6.58 -33.15
CA ASN D 93 -34.08 6.29 -33.92
C ASN D 93 -33.99 4.90 -34.56
N ASP D 94 -35.02 4.08 -34.41
CA ASP D 94 -35.05 2.78 -35.08
C ASP D 94 -36.33 2.69 -35.90
N PRO D 95 -36.27 2.56 -37.24
CA PRO D 95 -37.51 2.36 -38.02
C PRO D 95 -38.20 1.06 -37.66
N ARG D 96 -37.43 0.01 -37.46
CA ARG D 96 -37.95 -1.30 -37.08
C ARG D 96 -38.36 -1.18 -35.61
N LEU D 97 -39.22 -2.10 -35.16
CA LEU D 97 -39.78 -2.21 -33.79
C LEU D 97 -40.86 -1.15 -33.54
N ALA D 98 -41.33 -0.49 -34.59
CA ALA D 98 -42.41 0.52 -34.51
C ALA D 98 -43.73 -0.25 -34.61
N TYR D 99 -44.15 -0.77 -33.45
CA TYR D 99 -45.32 -1.62 -33.33
C TYR D 99 -46.62 -0.94 -33.75
N SER D 100 -46.87 0.28 -33.26
CA SER D 100 -48.05 1.10 -33.59
C SER D 100 -49.39 0.42 -33.26
N GLU D 101 -49.44 -0.51 -32.30
CA GLU D 101 -50.69 -1.19 -31.98
C GLU D 101 -51.10 -1.09 -30.52
N TYR D 102 -50.34 -0.40 -29.69
CA TYR D 102 -50.59 -0.28 -28.26
C TYR D 102 -50.92 1.15 -27.89
N PRO D 103 -51.99 1.38 -27.12
CA PRO D 103 -52.38 2.77 -26.80
C PRO D 103 -51.32 3.55 -26.03
N ASP D 104 -50.64 2.93 -25.07
CA ASP D 104 -49.63 3.63 -24.29
C ASP D 104 -48.48 4.10 -25.18
N ASP D 105 -48.00 5.32 -24.92
CA ASP D 105 -46.95 5.91 -25.75
C ASP D 105 -45.63 5.14 -25.71
N SER D 106 -45.21 4.67 -24.54
CA SER D 106 -43.91 4.01 -24.46
C SER D 106 -44.00 2.75 -23.63
N LEU D 107 -43.11 1.79 -23.90
CA LEU D 107 -43.10 0.57 -23.13
C LEU D 107 -41.75 0.36 -22.44
N ASP D 108 -41.79 0.22 -21.12
CA ASP D 108 -40.59 -0.09 -20.33
C ASP D 108 -40.20 -1.54 -20.54
N LEU D 109 -38.91 -1.84 -20.62
CA LEU D 109 -38.53 -3.23 -20.88
C LEU D 109 -37.39 -3.66 -19.97
N ASP D 110 -37.29 -4.98 -19.80
CA ASP D 110 -36.30 -5.60 -18.93
C ASP D 110 -34.86 -5.55 -19.46
N PRO D 111 -33.86 -5.69 -18.57
CA PRO D 111 -32.45 -5.74 -19.01
C PRO D 111 -32.12 -6.89 -19.96
N SER D 112 -32.77 -8.04 -19.77
CA SER D 112 -32.57 -9.21 -20.62
C SER D 112 -32.91 -8.92 -22.08
N MET D 113 -33.95 -8.11 -22.29
CA MET D 113 -34.42 -7.73 -23.63
C MET D 113 -33.36 -6.96 -24.41
N LEU D 114 -32.47 -6.24 -23.71
CA LEU D 114 -31.43 -5.43 -24.35
C LEU D 114 -30.50 -6.23 -25.23
N ASP D 115 -30.15 -7.46 -24.84
CA ASP D 115 -29.22 -8.24 -25.64
C ASP D 115 -29.75 -8.48 -27.05
N SER D 116 -31.06 -8.72 -27.18
CA SER D 116 -31.65 -8.96 -28.50
C SER D 116 -31.51 -7.75 -29.42
N ILE D 117 -31.70 -6.55 -28.89
CA ILE D 117 -31.63 -5.31 -29.66
C ILE D 117 -30.20 -4.98 -30.10
N TRP D 118 -30.08 -4.33 -31.26
CA TRP D 118 -28.80 -3.84 -31.76
C TRP D 118 -28.36 -2.69 -30.88
N LYS D 119 -27.10 -2.70 -30.45
CA LYS D 119 -26.63 -1.64 -29.56
C LYS D 119 -25.41 -0.92 -30.12
N PRO D 120 -25.39 0.41 -30.14
CA PRO D 120 -24.19 1.14 -30.57
C PRO D 120 -22.99 0.95 -29.66
N ASP D 121 -21.82 0.74 -30.27
CA ASP D 121 -20.58 0.58 -29.54
C ASP D 121 -20.11 1.91 -28.94
N LEU D 122 -19.66 1.88 -27.68
CA LEU D 122 -19.11 3.05 -27.00
C LEU D 122 -17.77 2.75 -26.40
N PHE D 123 -16.82 3.64 -26.65
CA PHE D 123 -15.49 3.56 -26.11
C PHE D 123 -14.99 4.90 -25.62
N PHE D 124 -14.07 4.85 -24.68
CA PHE D 124 -13.49 6.03 -24.05
C PHE D 124 -12.02 6.06 -24.41
N ALA D 125 -11.53 7.24 -24.77
CA ALA D 125 -10.13 7.37 -25.20
C ALA D 125 -9.13 6.96 -24.12
N ASN D 126 -9.41 7.30 -22.88
CA ASN D 126 -8.54 6.96 -21.75
C ASN D 126 -9.36 6.23 -20.68
N GLU D 127 -9.64 4.96 -20.95
CA GLU D 127 -10.48 4.14 -20.09
C GLU D 127 -9.69 3.04 -19.39
N LYS D 128 -9.86 2.97 -18.08
CA LYS D 128 -9.29 1.95 -17.20
C LYS D 128 -10.45 1.47 -16.35
N GLY D 129 -10.40 0.21 -15.88
CA GLY D 129 -11.48 -0.26 -15.01
C GLY D 129 -12.81 -0.25 -15.75
N ALA D 130 -13.77 0.53 -15.23
CA ALA D 130 -15.11 0.71 -15.80
C ALA D 130 -15.98 -0.55 -15.79
N ASN D 131 -15.80 -1.39 -14.79
CA ASN D 131 -16.63 -2.58 -14.65
C ASN D 131 -18.08 -2.17 -14.31
N PHE D 132 -19.03 -2.87 -14.91
CA PHE D 132 -20.44 -2.61 -14.66
C PHE D 132 -20.85 -3.03 -13.26
N HIS D 133 -21.78 -2.28 -12.68
CA HIS D 133 -22.34 -2.62 -11.38
C HIS D 133 -23.49 -3.60 -11.55
N GLU D 134 -23.43 -4.75 -10.89
CA GLU D 134 -24.48 -5.77 -11.04
C GLU D 134 -24.89 -6.26 -9.65
N VAL D 135 -25.61 -5.42 -8.92
CA VAL D 135 -26.15 -5.82 -7.62
C VAL D 135 -27.62 -6.16 -7.77
N THR D 136 -27.98 -7.38 -7.41
CA THR D 136 -29.31 -8.02 -7.50
C THR D 136 -29.69 -8.27 -8.95
N THR D 137 -29.74 -7.19 -9.74
CA THR D 137 -30.01 -7.20 -11.16
C THR D 137 -29.03 -6.24 -11.81
N ASP D 138 -28.75 -6.44 -13.09
CA ASP D 138 -27.90 -5.49 -13.80
C ASP D 138 -28.59 -4.14 -13.88
N ASN D 139 -27.81 -3.07 -13.76
CA ASN D 139 -28.37 -1.72 -13.74
C ASN D 139 -28.55 -1.23 -15.17
N LYS D 140 -29.57 -1.77 -15.83
CA LYS D 140 -29.89 -1.37 -17.20
C LYS D 140 -31.34 -0.95 -17.38
N LEU D 141 -31.58 0.18 -18.06
CA LEU D 141 -32.94 0.64 -18.32
C LEU D 141 -33.20 0.72 -19.82
N LEU D 142 -34.29 0.12 -20.29
CA LEU D 142 -34.69 0.20 -21.70
C LEU D 142 -36.07 0.82 -21.85
N ARG D 143 -36.19 1.87 -22.68
CA ARG D 143 -37.50 2.45 -22.97
C ARG D 143 -37.75 2.52 -24.47
N ILE D 144 -38.84 1.94 -24.97
CA ILE D 144 -39.11 1.98 -26.41
C ILE D 144 -40.34 2.82 -26.71
N SER D 145 -40.17 3.92 -27.48
CA SER D 145 -41.32 4.76 -27.83
C SER D 145 -42.08 4.18 -29.04
N LYS D 146 -43.29 4.70 -29.28
CA LYS D 146 -44.11 4.23 -30.41
C LYS D 146 -43.44 4.47 -31.76
N ASN D 147 -42.79 5.61 -31.92
CA ASN D 147 -42.08 5.96 -33.15
C ASN D 147 -40.83 5.13 -33.35
N GLY D 148 -40.41 4.43 -32.32
CA GLY D 148 -39.28 3.54 -32.32
C GLY D 148 -38.01 4.17 -31.81
N ASN D 149 -38.07 5.40 -31.33
CA ASN D 149 -36.87 5.94 -30.72
C ASN D 149 -36.58 5.09 -29.50
N VAL D 150 -35.32 4.76 -29.27
CA VAL D 150 -34.98 3.86 -28.18
C VAL D 150 -34.09 4.57 -27.18
N LEU D 151 -34.39 4.45 -25.88
CA LEU D 151 -33.57 5.08 -24.85
C LEU D 151 -32.85 3.93 -24.18
N TYR D 152 -31.51 4.01 -24.12
CA TYR D 152 -30.68 2.99 -23.47
C TYR D 152 -29.96 3.64 -22.28
N SER D 153 -30.17 3.17 -21.06
CA SER D 153 -29.57 3.78 -19.87
C SER D 153 -28.71 2.81 -19.08
N ILE D 154 -27.47 3.23 -18.73
CA ILE D 154 -26.52 2.39 -18.00
C ILE D 154 -25.83 3.23 -16.94
N ARG D 155 -25.45 2.61 -15.81
CA ARG D 155 -24.67 3.24 -14.76
C ARG D 155 -23.29 2.61 -14.63
N ILE D 156 -22.22 3.38 -14.80
CA ILE D 156 -20.87 2.80 -14.75
C ILE D 156 -19.92 3.76 -14.06
N THR D 157 -18.88 3.20 -13.43
CA THR D 157 -17.79 3.98 -12.81
C THR D 157 -16.54 4.02 -13.65
N LEU D 158 -16.18 5.17 -14.20
CA LEU D 158 -15.05 5.24 -15.11
C LEU D 158 -13.84 5.88 -14.45
N VAL D 159 -12.69 5.24 -14.57
CA VAL D 159 -11.44 5.81 -14.08
C VAL D 159 -10.78 6.35 -15.33
N LEU D 160 -10.49 7.65 -15.40
CA LEU D 160 -9.87 8.13 -16.62
C LEU D 160 -8.60 8.90 -16.32
N ALA D 161 -7.57 8.71 -17.14
CA ALA D 161 -6.34 9.45 -16.97
C ALA D 161 -6.55 10.94 -17.21
N CYS D 162 -5.98 11.79 -16.36
CA CYS D 162 -6.15 13.20 -16.61
C CYS D 162 -4.75 13.76 -16.81
N PRO D 163 -4.49 14.52 -17.86
CA PRO D 163 -3.17 15.16 -18.06
C PRO D 163 -3.08 16.44 -17.25
N MET D 164 -2.93 16.29 -15.94
CA MET D 164 -2.84 17.45 -15.08
C MET D 164 -1.55 18.26 -15.23
N ASP D 165 -1.72 19.56 -15.02
CA ASP D 165 -0.71 20.60 -15.09
C ASP D 165 -0.18 20.82 -13.69
N LEU D 166 1.12 20.67 -13.51
CA LEU D 166 1.72 20.83 -12.19
C LEU D 166 2.59 22.08 -12.09
N LYS D 167 2.39 23.04 -13.00
CA LYS D 167 3.20 24.26 -13.07
C LYS D 167 3.22 24.98 -11.73
N ASN D 168 2.07 25.45 -11.24
CA ASN D 168 2.08 26.17 -9.98
C ASN D 168 1.30 25.32 -9.01
N PHE D 169 2.00 24.65 -8.10
CA PHE D 169 1.35 23.75 -7.15
C PHE D 169 0.29 24.37 -6.24
N PRO D 170 0.52 25.55 -5.56
CA PRO D 170 -0.52 26.05 -4.65
C PRO D 170 -1.82 26.46 -5.30
N MET D 171 -1.71 27.18 -6.40
CA MET D 171 -2.88 27.64 -7.13
C MET D 171 -2.78 27.21 -8.58
N ASP D 172 -3.76 26.46 -9.03
CA ASP D 172 -3.81 26.03 -10.42
C ASP D 172 -5.25 25.67 -10.76
N VAL D 173 -5.54 25.65 -12.06
CA VAL D 173 -6.84 25.21 -12.53
C VAL D 173 -6.59 23.97 -13.38
N GLN D 174 -7.29 22.89 -13.08
CA GLN D 174 -7.06 21.63 -13.76
C GLN D 174 -8.25 21.31 -14.63
N THR D 175 -8.01 20.99 -15.89
CA THR D 175 -9.10 20.60 -16.76
C THR D 175 -8.97 19.13 -17.10
N CYS D 176 -10.03 18.38 -16.86
CA CYS D 176 -10.07 16.95 -17.11
C CYS D 176 -11.04 16.72 -18.24
N ILE D 177 -10.63 15.93 -19.23
CA ILE D 177 -11.40 15.71 -20.45
C ILE D 177 -11.83 14.25 -20.57
N MET D 178 -13.10 14.06 -20.94
CA MET D 178 -13.64 12.73 -21.18
C MET D 178 -14.00 12.60 -22.66
N GLN D 179 -13.49 11.57 -23.33
CA GLN D 179 -13.69 11.40 -24.76
C GLN D 179 -14.42 10.11 -25.07
N LEU D 180 -15.46 10.21 -25.89
CA LEU D 180 -16.28 9.08 -26.34
C LEU D 180 -16.12 8.88 -27.84
N GLU D 181 -15.73 7.67 -28.25
CA GLU D 181 -15.44 7.31 -29.63
C GLU D 181 -16.09 5.97 -29.96
N SER D 182 -16.27 5.72 -31.26
CA SER D 182 -16.77 4.44 -31.75
C SER D 182 -15.63 3.56 -32.24
N PHE D 183 -15.35 2.47 -31.50
CA PHE D 183 -14.23 1.61 -31.83
C PHE D 183 -14.38 0.87 -33.15
N GLY D 184 -15.55 0.30 -33.39
CA GLY D 184 -15.75 -0.53 -34.57
C GLY D 184 -16.32 0.08 -35.81
N TYR D 185 -16.87 1.28 -35.73
CA TYR D 185 -17.56 1.86 -36.85
C TYR D 185 -16.90 3.17 -37.27
N THR D 186 -16.87 3.42 -38.57
CA THR D 186 -16.25 4.64 -39.08
C THR D 186 -17.21 5.81 -38.97
N MET D 187 -16.77 6.98 -39.46
CA MET D 187 -17.61 8.18 -39.43
C MET D 187 -18.89 7.94 -40.21
N ASN D 188 -18.76 7.28 -41.35
CA ASN D 188 -19.93 6.89 -42.11
C ASN D 188 -20.56 5.74 -41.35
N ASP D 189 -21.90 5.73 -41.30
CA ASP D 189 -22.86 4.79 -40.70
C ASP D 189 -23.11 4.90 -39.20
N LEU D 190 -22.52 5.85 -38.47
CA LEU D 190 -22.73 6.13 -37.03
C LEU D 190 -22.08 7.43 -36.60
N ILE D 191 -22.92 8.39 -36.20
CA ILE D 191 -22.48 9.72 -35.81
C ILE D 191 -22.97 9.92 -34.38
N PHE D 192 -22.10 10.46 -33.53
CA PHE D 192 -22.44 10.80 -32.15
C PHE D 192 -22.55 12.30 -31.95
N GLU D 193 -23.67 12.73 -31.38
CA GLU D 193 -23.97 14.14 -31.18
C GLU D 193 -24.43 14.38 -29.75
N TRP D 194 -24.24 15.63 -29.32
CA TRP D 194 -24.60 16.09 -28.00
C TRP D 194 -26.04 16.57 -27.99
N ASP D 195 -26.62 16.56 -26.80
CA ASP D 195 -27.98 17.02 -26.62
C ASP D 195 -27.94 18.54 -26.45
N GLU D 196 -28.79 19.23 -27.20
CA GLU D 196 -28.80 20.70 -27.19
C GLU D 196 -29.13 21.25 -25.82
N LYS D 197 -30.08 20.66 -25.10
CA LYS D 197 -30.47 21.16 -23.79
C LYS D 197 -30.20 20.07 -22.75
N GLY D 198 -29.58 20.47 -21.64
CA GLY D 198 -29.27 19.58 -20.54
C GLY D 198 -28.40 18.40 -20.91
N ALA D 199 -27.36 18.66 -21.69
CA ALA D 199 -26.44 17.62 -22.14
C ALA D 199 -25.72 16.94 -20.98
N VAL D 200 -25.28 17.72 -19.99
CA VAL D 200 -24.55 17.19 -18.85
C VAL D 200 -25.18 17.74 -17.58
N GLN D 201 -25.55 16.84 -16.68
CA GLN D 201 -26.15 17.21 -15.40
C GLN D 201 -25.24 16.71 -14.30
N VAL D 202 -25.36 17.32 -13.13
CA VAL D 202 -24.54 16.93 -11.99
C VAL D 202 -25.50 16.67 -10.83
N ALA D 203 -25.11 15.75 -9.94
CA ALA D 203 -25.94 15.45 -8.80
C ALA D 203 -26.04 16.66 -7.88
N ASP D 204 -27.24 16.89 -7.35
CA ASP D 204 -27.47 18.03 -6.47
C ASP D 204 -26.72 17.84 -5.14
N GLY D 205 -26.17 18.94 -4.65
CA GLY D 205 -25.42 18.93 -3.40
C GLY D 205 -24.22 18.00 -3.42
N LEU D 206 -23.47 18.00 -4.51
CA LEU D 206 -22.29 17.17 -4.66
C LEU D 206 -21.07 18.05 -4.51
N THR D 207 -20.18 17.68 -3.59
CA THR D 207 -18.97 18.46 -3.34
C THR D 207 -17.74 17.57 -3.25
N LEU D 208 -16.60 18.18 -3.51
CA LEU D 208 -15.28 17.60 -3.47
C LEU D 208 -14.46 18.29 -2.39
N PRO D 209 -13.76 17.55 -1.54
CA PRO D 209 -13.00 18.19 -0.46
C PRO D 209 -11.87 19.10 -0.93
N GLN D 210 -11.14 18.71 -1.98
CA GLN D 210 -9.99 19.47 -2.47
C GLN D 210 -10.33 20.50 -3.53
N PHE D 211 -11.18 20.16 -4.48
CA PHE D 211 -11.44 21.03 -5.62
C PHE D 211 -12.87 21.55 -5.62
N ILE D 212 -13.04 22.68 -6.27
CA ILE D 212 -14.33 23.31 -6.51
C ILE D 212 -14.65 23.14 -7.99
N LEU D 213 -15.75 22.47 -8.29
CA LEU D 213 -16.17 22.29 -9.67
C LEU D 213 -16.72 23.60 -10.22
N LYS D 214 -16.42 23.88 -11.49
CA LYS D 214 -16.92 25.10 -12.13
C LYS D 214 -18.13 24.78 -12.99
N GLU D 215 -19.17 25.58 -12.83
CA GLU D 215 -20.43 25.37 -13.54
C GLU D 215 -20.40 26.03 -14.92
N GLU D 216 -19.51 25.51 -15.77
CA GLU D 216 -19.51 25.90 -17.17
C GLU D 216 -19.66 24.70 -18.09
N LYS D 217 -18.80 23.70 -17.93
CA LYS D 217 -18.86 22.40 -18.61
C LYS D 217 -18.92 22.48 -20.14
N ASP D 218 -17.96 23.19 -20.72
CA ASP D 218 -17.85 23.31 -22.16
C ASP D 218 -17.61 21.98 -22.88
N LEU D 219 -18.44 21.72 -23.89
CA LEU D 219 -18.43 20.48 -24.64
C LEU D 219 -18.05 20.73 -26.09
N ARG D 220 -17.04 20.03 -26.61
CA ARG D 220 -16.71 20.17 -28.02
C ARG D 220 -16.36 18.81 -28.62
N TYR D 221 -16.50 18.67 -29.94
CA TYR D 221 -16.20 17.39 -30.54
C TYR D 221 -15.10 17.47 -31.59
N CYS D 222 -14.14 16.55 -31.47
CA CYS D 222 -12.99 16.42 -32.36
C CYS D 222 -12.96 15.04 -32.98
N THR D 223 -12.98 14.98 -34.31
CA THR D 223 -12.94 13.70 -35.01
C THR D 223 -11.57 13.03 -34.87
N LYS D 224 -11.54 11.72 -35.03
CA LYS D 224 -10.32 10.93 -34.92
C LYS D 224 -9.93 10.33 -36.27
N HIS D 225 -8.68 10.51 -36.67
CA HIS D 225 -8.16 9.95 -37.90
C HIS D 225 -7.14 8.87 -37.60
N TYR D 226 -7.32 7.71 -38.23
CA TYR D 226 -6.46 6.54 -38.08
C TYR D 226 -6.18 5.96 -39.45
N ASN D 227 -5.18 5.08 -39.48
CA ASN D 227 -4.83 4.38 -40.72
C ASN D 227 -6.01 3.56 -41.24
N THR D 228 -6.73 2.90 -40.33
CA THR D 228 -7.90 2.13 -40.73
C THR D 228 -9.01 3.03 -41.28
N GLY D 229 -9.25 4.17 -40.66
CA GLY D 229 -10.32 5.03 -41.11
C GLY D 229 -10.52 6.22 -40.19
N LYS D 230 -11.63 6.93 -40.45
CA LYS D 230 -12.02 8.11 -39.68
C LYS D 230 -13.18 7.74 -38.76
N PHE D 231 -13.01 8.01 -37.46
CA PHE D 231 -13.97 7.63 -36.42
C PHE D 231 -14.47 8.85 -35.65
N THR D 232 -15.79 8.93 -35.45
CA THR D 232 -16.40 10.04 -34.74
C THR D 232 -16.04 10.03 -33.25
N CYS D 233 -15.96 11.23 -32.67
CA CYS D 233 -15.71 11.35 -31.23
C CYS D 233 -16.32 12.64 -30.70
N ILE D 234 -16.60 12.64 -29.39
CA ILE D 234 -17.14 13.80 -28.68
C ILE D 234 -16.37 13.96 -27.37
N GLU D 235 -16.18 15.20 -26.94
CA GLU D 235 -15.38 15.48 -25.76
C GLU D 235 -16.14 16.37 -24.80
N ALA D 236 -15.92 16.14 -23.51
CA ALA D 236 -16.50 16.93 -22.43
C ALA D 236 -15.38 17.44 -21.53
N ARG D 237 -15.42 18.73 -21.18
CA ARG D 237 -14.35 19.34 -20.41
C ARG D 237 -14.85 19.81 -19.05
N PHE D 238 -14.13 19.48 -17.98
CA PHE D 238 -14.48 19.89 -16.62
C PHE D 238 -13.34 20.69 -16.03
N HIS D 239 -13.70 21.79 -15.36
CA HIS D 239 -12.74 22.70 -14.75
C HIS D 239 -12.79 22.57 -13.23
N LEU D 240 -11.62 22.42 -12.61
CA LEU D 240 -11.47 22.23 -11.18
C LEU D 240 -10.56 23.30 -10.61
N GLU D 241 -10.96 23.91 -9.49
CA GLU D 241 -10.18 24.93 -8.79
C GLU D 241 -9.72 24.41 -7.43
N ARG D 242 -8.43 24.50 -7.15
CA ARG D 242 -7.89 24.06 -5.86
C ARG D 242 -8.30 24.94 -4.70
N GLN D 243 -8.52 24.31 -3.54
CA GLN D 243 -8.74 25.05 -2.30
C GLN D 243 -7.37 25.35 -1.68
N MET D 244 -7.12 26.62 -1.41
CA MET D 244 -5.84 27.07 -0.89
C MET D 244 -5.72 26.97 0.63
N GLY D 245 -6.81 26.67 1.33
CA GLY D 245 -6.80 26.68 2.79
C GLY D 245 -5.83 25.70 3.44
N TYR D 246 -5.79 24.46 2.96
CA TYR D 246 -4.93 23.45 3.58
C TYR D 246 -3.46 23.74 3.41
N TYR D 247 -3.06 24.18 2.23
CA TYR D 247 -1.64 24.36 1.92
C TYR D 247 -1.00 25.43 2.80
N LEU D 248 -1.74 26.50 3.10
CA LEU D 248 -1.20 27.58 3.93
C LEU D 248 -0.83 27.07 5.31
N ILE D 249 -1.78 26.41 5.98
CA ILE D 249 -1.59 25.87 7.33
C ILE D 249 -0.51 24.81 7.33
N GLN D 250 -0.54 23.93 6.33
CA GLN D 250 0.41 22.84 6.27
C GLN D 250 1.84 23.30 6.01
N MET D 251 2.05 24.23 5.08
CA MET D 251 3.41 24.58 4.70
C MET D 251 3.81 26.02 4.95
N TYR D 252 2.99 27.00 4.58
CA TYR D 252 3.38 28.40 4.65
C TYR D 252 3.60 28.86 6.10
N ILE D 253 2.69 28.50 6.99
CA ILE D 253 2.78 28.94 8.38
C ILE D 253 4.00 28.38 9.10
N PRO D 254 4.34 27.06 9.01
CA PRO D 254 5.54 26.60 9.74
C PRO D 254 6.82 27.23 9.24
N SER D 255 6.96 27.40 7.92
CA SER D 255 8.16 27.98 7.36
C SER D 255 8.32 29.42 7.85
N LEU D 256 7.21 30.16 7.87
CA LEU D 256 7.23 31.56 8.28
C LEU D 256 7.62 31.69 9.75
N LEU D 257 7.04 30.85 10.63
CA LEU D 257 7.41 30.90 12.05
C LEU D 257 8.89 30.59 12.23
N ILE D 258 9.40 29.62 11.45
CA ILE D 258 10.80 29.21 11.57
C ILE D 258 11.69 30.38 11.20
N VAL D 259 11.34 31.07 10.10
CA VAL D 259 12.14 32.19 9.60
C VAL D 259 12.17 33.30 10.65
N ILE D 260 11.00 33.59 11.26
CA ILE D 260 10.92 34.65 12.26
C ILE D 260 11.78 34.29 13.45
N LEU D 261 11.73 33.02 13.89
CA LEU D 261 12.48 32.58 15.06
C LEU D 261 13.95 32.75 14.81
N SER D 262 14.40 32.35 13.62
CA SER D 262 15.81 32.41 13.30
C SER D 262 16.29 33.84 13.32
N TRP D 263 15.52 34.75 12.70
CA TRP D 263 15.97 36.14 12.63
C TRP D 263 16.06 36.76 14.02
N VAL D 264 14.99 36.61 14.80
CA VAL D 264 14.93 37.19 16.15
C VAL D 264 16.08 36.68 17.00
N SER D 265 16.24 35.35 17.03
CA SER D 265 17.26 34.73 17.85
C SER D 265 18.64 35.16 17.40
N PHE D 266 18.84 35.26 16.07
CA PHE D 266 20.17 35.63 15.59
C PHE D 266 20.54 37.03 16.04
N TRP D 267 19.57 37.97 15.95
CA TRP D 267 19.87 39.35 16.34
C TRP D 267 20.19 39.49 17.82
N ILE D 268 19.47 38.75 18.67
CA ILE D 268 19.78 38.81 20.10
C ILE D 268 20.90 37.81 20.34
N ASN D 269 21.46 37.78 21.58
CA ASN D 269 22.54 36.86 22.02
C ASN D 269 23.76 36.88 21.09
N MET D 270 24.12 38.09 20.65
CA MET D 270 25.29 38.29 19.79
C MET D 270 26.60 37.91 20.46
N ASP D 271 26.77 38.22 21.75
CA ASP D 271 28.00 37.85 22.44
C ASP D 271 28.20 36.33 22.49
N ALA D 272 27.10 35.57 22.67
CA ALA D 272 27.15 34.11 22.74
C ALA D 272 27.16 33.49 21.34
N ALA D 273 28.36 33.48 20.77
CA ALA D 273 28.55 32.92 19.43
C ALA D 273 28.24 31.43 19.30
N PRO D 274 28.60 30.52 20.24
CA PRO D 274 28.18 29.12 20.07
C PRO D 274 26.66 28.99 20.04
N ALA D 275 26.00 29.78 20.89
CA ALA D 275 24.55 29.76 20.93
C ALA D 275 23.96 30.16 19.59
N ARG D 276 24.54 31.20 18.96
CA ARG D 276 24.01 31.67 17.67
C ARG D 276 24.23 30.65 16.57
N VAL D 277 25.43 30.09 16.49
CA VAL D 277 25.76 29.17 15.41
C VAL D 277 24.90 27.91 15.52
N GLY D 278 24.71 27.42 16.76
CA GLY D 278 23.90 26.24 16.97
C GLY D 278 22.47 26.46 16.54
N LEU D 279 21.92 27.65 16.87
CA LEU D 279 20.57 27.98 16.46
C LEU D 279 20.44 28.03 14.95
N GLY D 280 21.44 28.63 14.29
CA GLY D 280 21.37 28.77 12.85
C GLY D 280 21.37 27.43 12.16
N ILE D 281 22.27 26.55 12.59
CA ILE D 281 22.41 25.25 11.96
C ILE D 281 21.15 24.42 12.15
N THR D 282 20.57 24.44 13.37
CA THR D 282 19.38 23.64 13.63
C THR D 282 18.23 24.13 12.77
N THR D 283 18.14 25.47 12.63
CA THR D 283 17.09 26.07 11.82
C THR D 283 17.22 25.66 10.36
N VAL D 284 18.46 25.63 9.84
CA VAL D 284 18.69 25.20 8.46
C VAL D 284 18.28 23.75 8.27
N LEU D 285 18.63 22.89 9.24
CA LEU D 285 18.33 21.46 9.14
C LEU D 285 16.83 21.23 9.10
N THR D 286 16.09 21.96 9.93
CA THR D 286 14.64 21.84 9.89
C THR D 286 14.10 22.33 8.58
N MET D 287 14.66 23.42 8.05
CA MET D 287 14.17 23.98 6.79
C MET D 287 14.30 22.98 5.65
N THR D 288 15.49 22.36 5.53
CA THR D 288 15.70 21.42 4.43
C THR D 288 14.84 20.17 4.61
N THR D 289 14.75 19.63 5.84
CA THR D 289 13.92 18.44 6.02
C THR D 289 12.45 18.75 5.72
N GLN D 290 11.97 19.93 6.14
CA GLN D 290 10.58 20.30 5.86
C GLN D 290 10.36 20.43 4.36
N SER D 291 11.32 21.00 3.63
CA SER D 291 11.20 21.15 2.19
C SER D 291 11.13 19.79 1.50
N SER D 292 12.00 18.87 1.92
CA SER D 292 11.97 17.52 1.38
C SER D 292 10.65 16.85 1.70
N GLY D 293 10.14 17.06 2.93
CA GLY D 293 8.87 16.45 3.29
C GLY D 293 7.76 16.98 2.41
N SER D 294 7.83 18.29 2.10
CA SER D 294 6.81 18.94 1.28
C SER D 294 6.76 18.29 -0.08
N ARG D 295 7.94 18.02 -0.65
CA ARG D 295 8.00 17.37 -1.96
C ARG D 295 7.89 15.86 -1.79
N ALA D 296 6.68 15.39 -1.49
CA ALA D 296 6.53 13.94 -1.34
C ALA D 296 5.20 13.43 -1.88
N SER D 297 4.13 14.16 -1.57
CA SER D 297 2.80 13.80 -2.03
C SER D 297 2.64 13.85 -3.54
N LEU D 298 3.28 14.80 -4.18
CA LEU D 298 3.21 14.99 -5.61
C LEU D 298 4.30 14.21 -6.36
N PRO D 299 4.15 14.02 -7.68
CA PRO D 299 5.17 13.31 -8.45
C PRO D 299 6.33 14.22 -8.88
N LYS D 300 7.28 13.61 -9.57
CA LYS D 300 8.49 14.28 -10.02
C LYS D 300 8.30 14.91 -11.40
N VAL D 301 8.71 16.17 -11.55
CA VAL D 301 8.62 16.90 -12.81
C VAL D 301 9.89 17.74 -12.98
N SER D 302 10.23 17.98 -14.25
CA SER D 302 11.43 18.76 -14.56
C SER D 302 11.31 20.23 -14.16
N TYR D 303 10.15 20.83 -14.44
CA TYR D 303 9.96 22.25 -14.19
C TYR D 303 9.87 22.54 -12.69
N VAL D 304 10.07 23.80 -12.34
CA VAL D 304 10.13 24.23 -10.95
C VAL D 304 8.82 24.90 -10.56
N LYS D 305 8.18 24.35 -9.53
CA LYS D 305 6.92 24.83 -8.97
C LYS D 305 7.11 26.02 -8.03
N ALA D 306 5.98 26.71 -7.81
CA ALA D 306 5.95 27.88 -6.94
C ALA D 306 6.38 27.53 -5.53
N ILE D 307 5.91 26.38 -5.03
CA ILE D 307 6.26 25.95 -3.67
C ILE D 307 7.77 25.77 -3.57
N ASP D 308 8.39 25.25 -4.62
CA ASP D 308 9.84 25.11 -4.68
C ASP D 308 10.52 26.46 -4.56
N ILE D 309 9.97 27.46 -5.29
CA ILE D 309 10.53 28.81 -5.25
C ILE D 309 10.46 29.39 -3.84
N TRP D 310 9.32 29.21 -3.17
CA TRP D 310 9.13 29.72 -1.82
C TRP D 310 10.10 29.04 -0.84
N MET D 311 10.24 27.72 -0.96
CA MET D 311 11.15 27.00 -0.08
C MET D 311 12.59 27.44 -0.31
N ALA D 312 12.97 27.64 -1.57
CA ALA D 312 14.33 28.05 -1.90
C ALA D 312 14.67 29.42 -1.33
N VAL D 313 13.76 30.40 -1.48
CA VAL D 313 14.05 31.73 -0.94
C VAL D 313 14.13 31.69 0.59
N CYS D 314 13.21 30.96 1.24
CA CYS D 314 13.25 30.89 2.71
C CYS D 314 14.54 30.26 3.19
N LEU D 315 14.98 29.20 2.51
CA LEU D 315 16.23 28.54 2.84
C LEU D 315 17.40 29.48 2.63
N LEU D 316 17.33 30.29 1.57
CA LEU D 316 18.39 31.26 1.27
C LEU D 316 18.51 32.29 2.39
N PHE D 317 17.38 32.79 2.90
CA PHE D 317 17.40 33.79 3.97
C PHE D 317 18.01 33.20 5.24
N VAL D 318 17.57 31.99 5.58
CA VAL D 318 18.05 31.31 6.77
C VAL D 318 19.54 31.01 6.63
N PHE D 319 19.95 30.64 5.42
CA PHE D 319 21.35 30.40 5.10
C PHE D 319 22.20 31.64 5.31
N SER D 320 21.79 32.75 4.68
CA SER D 320 22.46 34.05 4.77
C SER D 320 22.75 34.50 6.19
N ALA D 321 21.75 34.38 7.08
CA ALA D 321 21.91 34.76 8.49
C ALA D 321 23.17 34.22 9.16
N LEU D 322 23.47 32.95 8.92
CA LEU D 322 24.65 32.31 9.48
C LEU D 322 25.93 32.95 8.97
N LEU D 323 25.97 33.25 7.68
CA LEU D 323 27.14 33.91 7.09
C LEU D 323 27.33 35.29 7.69
N GLU D 324 26.23 36.00 7.94
CA GLU D 324 26.33 37.32 8.58
C GLU D 324 26.96 37.21 9.96
N TYR D 325 26.54 36.20 10.74
CA TYR D 325 27.13 35.96 12.05
C TYR D 325 28.61 35.61 11.95
N ALA D 326 28.96 34.77 10.97
CA ALA D 326 30.35 34.38 10.77
C ALA D 326 31.24 35.56 10.46
N ALA D 327 30.74 36.48 9.62
CA ALA D 327 31.50 37.68 9.28
C ALA D 327 31.74 38.54 10.52
N VAL D 328 30.68 38.73 11.32
CA VAL D 328 30.81 39.50 12.56
C VAL D 328 31.82 38.86 13.51
N ASN D 329 31.76 37.52 13.64
CA ASN D 329 32.68 36.79 14.50
C ASN D 329 34.12 36.97 14.02
N PHE D 330 34.33 36.94 12.70
CA PHE D 330 35.66 37.12 12.13
C PHE D 330 36.21 38.50 12.44
N ILE D 331 35.36 39.53 12.32
CA ILE D 331 35.78 40.90 12.62
C ILE D 331 36.13 41.02 14.11
N ALA D 332 35.34 40.38 14.98
CA ALA D 332 35.61 40.39 16.41
C ALA D 332 36.94 39.72 16.72
N ARG D 333 37.22 38.62 16.02
CA ARG D 333 38.48 37.90 16.18
C ARG D 333 39.64 38.80 15.81
N GLN D 334 39.48 39.57 14.71
CA GLN D 334 40.52 40.49 14.28
C GLN D 334 40.77 41.55 15.35
N HIS D 335 39.68 42.04 15.97
CA HIS D 335 39.79 43.03 17.03
C HIS D 335 40.54 42.49 18.25
N LYS D 336 40.20 41.27 18.68
CA LYS D 336 40.88 40.70 19.85
C LYS D 336 42.35 40.40 19.57
N GLU D 337 42.68 39.85 18.39
CA GLU D 337 44.08 39.56 18.08
C GLU D 337 44.90 40.84 18.01
N LEU D 338 44.35 41.89 17.37
CA LEU D 338 45.08 43.14 17.30
C LEU D 338 45.24 43.73 18.70
N LEU D 339 44.20 43.58 19.55
CA LEU D 339 44.27 44.13 20.90
C LEU D 339 45.39 43.43 21.66
N ARG D 340 45.52 42.11 21.43
CA ARG D 340 46.54 41.30 22.08
C ARG D 340 47.92 41.79 21.69
N PHE D 341 48.09 42.15 20.41
CA PHE D 341 49.34 42.69 19.86
C PHE D 341 49.89 43.87 20.67
N LYS D 394 45.98 54.99 23.09
CA LYS D 394 46.98 54.00 22.73
C LYS D 394 46.87 53.60 21.25
N THR D 395 47.82 52.80 20.79
CA THR D 395 47.82 52.36 19.40
C THR D 395 46.79 51.26 19.14
N VAL D 396 46.50 50.42 20.12
CA VAL D 396 45.47 49.40 19.93
C VAL D 396 44.07 49.92 20.32
N GLU D 397 43.98 50.88 21.23
CA GLU D 397 42.70 51.56 21.39
C GLU D 397 42.46 52.58 20.30
N GLU D 398 43.46 52.86 19.45
CA GLU D 398 43.21 53.65 18.26
C GLU D 398 42.28 52.89 17.31
N MET D 399 42.37 51.55 17.31
CA MET D 399 41.57 50.73 16.42
C MET D 399 40.47 49.95 17.14
N ARG D 400 40.43 50.03 18.47
CA ARG D 400 39.39 49.33 19.23
C ARG D 400 38.00 49.91 18.92
N LYS D 401 37.89 51.24 18.92
CA LYS D 401 36.62 51.91 18.65
C LYS D 401 36.15 51.61 17.23
N LEU D 402 37.09 51.64 16.29
CA LEU D 402 36.80 51.42 14.87
C LEU D 402 36.24 50.02 14.64
N PHE D 403 36.92 49.00 15.16
CA PHE D 403 36.47 47.63 14.93
C PHE D 403 35.16 47.33 15.66
N ILE D 404 35.01 47.76 16.92
CA ILE D 404 33.76 47.52 17.64
C ILE D 404 32.60 48.26 16.98
N SER D 405 32.82 49.51 16.55
CA SER D 405 31.80 50.29 15.87
C SER D 405 31.40 49.66 14.54
N ARG D 406 32.37 49.15 13.78
CA ARG D 406 32.07 48.51 12.51
C ARG D 406 31.23 47.25 12.68
N ALA D 407 31.61 46.42 13.65
CA ALA D 407 30.87 45.18 13.91
C ALA D 407 29.45 45.49 14.38
N LYS D 408 29.33 46.46 15.29
CA LYS D 408 28.02 46.87 15.76
C LYS D 408 27.19 47.46 14.63
N ARG D 409 27.81 48.25 13.74
CA ARG D 409 27.10 48.83 12.62
C ARG D 409 26.53 47.77 11.70
N ILE D 410 27.29 46.67 11.53
CA ILE D 410 26.79 45.51 10.78
C ILE D 410 25.56 44.93 11.44
N ASP D 411 25.68 44.56 12.72
CA ASP D 411 24.56 43.94 13.43
C ASP D 411 23.33 44.84 13.49
N THR D 412 23.51 46.12 13.78
CA THR D 412 22.40 47.06 13.88
C THR D 412 21.72 47.27 12.55
N VAL D 413 22.46 47.29 11.44
CA VAL D 413 21.80 47.54 10.18
C VAL D 413 21.08 46.29 9.72
N SER D 414 21.80 45.16 9.62
CA SER D 414 21.25 43.83 9.35
C SER D 414 19.94 43.48 10.06
N ARG D 415 19.86 43.86 11.34
CA ARG D 415 18.71 43.55 12.18
C ARG D 415 17.43 44.21 11.67
N VAL D 416 17.49 45.51 11.40
CA VAL D 416 16.35 46.22 10.84
C VAL D 416 16.14 45.86 9.36
N ALA D 417 17.23 45.68 8.61
CA ALA D 417 17.17 45.53 7.16
C ALA D 417 16.48 44.26 6.69
N PHE D 418 16.74 43.11 7.33
CA PHE D 418 16.20 41.87 6.78
C PHE D 418 14.66 41.72 6.71
N PRO D 419 13.86 42.07 7.73
CA PRO D 419 12.40 41.92 7.54
C PRO D 419 11.84 42.76 6.41
N LEU D 420 12.32 43.99 6.21
CA LEU D 420 11.76 44.81 5.13
C LEU D 420 12.04 44.17 3.77
N VAL D 421 13.25 43.61 3.60
CA VAL D 421 13.72 42.99 2.35
C VAL D 421 13.12 41.58 2.23
N PHE D 422 12.25 41.23 3.16
CA PHE D 422 11.52 39.99 3.15
C PHE D 422 10.05 40.23 2.90
N LEU D 423 9.54 41.27 3.54
CA LEU D 423 8.17 41.73 3.34
C LEU D 423 7.94 42.18 1.91
N ILE D 424 8.89 42.91 1.33
CA ILE D 424 8.75 43.37 -0.05
C ILE D 424 8.71 42.19 -1.01
N PHE D 425 9.47 41.13 -0.74
CA PHE D 425 9.44 39.97 -1.62
C PHE D 425 8.12 39.24 -1.49
N ASN D 426 7.64 39.09 -0.24
CA ASN D 426 6.39 38.38 0.02
C ASN D 426 5.24 39.06 -0.71
N ILE D 427 5.20 40.40 -0.64
CA ILE D 427 4.19 41.17 -1.34
C ILE D 427 4.28 40.98 -2.85
N PHE D 428 5.52 40.99 -3.38
CA PHE D 428 5.75 40.82 -4.81
C PHE D 428 5.27 39.45 -5.27
N TYR D 429 5.60 38.41 -4.51
CA TYR D 429 5.22 37.03 -4.82
C TYR D 429 3.72 36.86 -4.89
N TRP D 430 3.02 37.28 -3.83
CA TRP D 430 1.58 37.11 -3.80
C TRP D 430 0.88 37.88 -4.91
N ILE D 431 1.29 39.14 -5.17
CA ILE D 431 0.60 39.92 -6.19
C ILE D 431 0.80 39.30 -7.58
N THR D 432 2.02 38.84 -7.90
CA THR D 432 2.22 38.25 -9.23
C THR D 432 1.43 36.95 -9.39
N TYR D 433 1.37 36.11 -8.35
CA TYR D 433 0.60 34.88 -8.48
C TYR D 433 -0.90 35.18 -8.58
N LYS D 434 -1.39 36.16 -7.81
CA LYS D 434 -2.81 36.53 -7.85
C LYS D 434 -3.21 37.05 -9.22
N ILE D 435 -2.39 37.93 -9.83
CA ILE D 435 -2.74 38.41 -11.16
C ILE D 435 -2.66 37.26 -12.16
N ILE D 436 -1.67 36.36 -12.01
CA ILE D 436 -1.53 35.24 -12.95
C ILE D 436 -2.75 34.33 -12.89
N ARG D 437 -3.23 34.01 -11.68
CA ARG D 437 -4.41 33.15 -11.54
C ARG D 437 -5.65 33.84 -12.11
N SER D 438 -5.79 35.14 -11.86
CA SER D 438 -6.92 35.91 -12.37
C SER D 438 -6.95 35.94 -13.89
N GLU D 439 -5.81 36.19 -14.53
CA GLU D 439 -5.79 36.22 -15.98
C GLU D 439 -5.96 34.83 -16.62
N ASP D 440 -5.34 33.78 -16.05
CA ASP D 440 -5.42 32.46 -16.71
C ASP D 440 -6.84 31.86 -16.77
N MET E 32 -30.51 -8.53 -52.65
CA MET E 32 -30.13 -9.68 -51.83
C MET E 32 -30.20 -9.30 -50.34
N PRO E 33 -30.60 -10.25 -49.49
CA PRO E 33 -30.65 -9.96 -48.07
C PRO E 33 -29.28 -10.06 -47.44
N PRO E 34 -28.99 -9.22 -46.44
CA PRO E 34 -27.67 -9.30 -45.80
C PRO E 34 -27.54 -10.49 -44.87
N SER E 35 -28.62 -10.82 -44.15
CA SER E 35 -28.58 -11.89 -43.17
C SER E 35 -28.29 -13.24 -43.82
N GLU E 36 -28.99 -13.53 -44.93
CA GLU E 36 -28.81 -14.81 -45.62
C GLU E 36 -27.39 -14.97 -46.12
N PHE E 37 -26.80 -13.90 -46.63
CA PHE E 37 -25.41 -13.93 -47.07
C PHE E 37 -24.47 -14.12 -45.90
N LEU E 38 -24.74 -13.40 -44.80
CA LEU E 38 -23.87 -13.43 -43.64
C LEU E 38 -23.82 -14.81 -43.01
N ASP E 39 -24.94 -15.54 -42.98
CA ASP E 39 -24.83 -16.89 -42.46
C ASP E 39 -24.32 -17.86 -43.52
N LYS E 40 -24.62 -17.62 -44.79
CA LYS E 40 -24.18 -18.50 -45.87
C LYS E 40 -22.67 -18.51 -46.01
N LEU E 41 -22.03 -17.39 -45.71
CA LEU E 41 -20.59 -17.30 -45.90
C LEU E 41 -19.82 -18.07 -44.84
N MET E 42 -20.21 -17.93 -43.58
CA MET E 42 -19.52 -18.54 -42.46
C MET E 42 -20.45 -19.34 -41.55
N GLY E 43 -21.34 -20.17 -42.10
CA GLY E 43 -22.23 -20.88 -41.20
C GLY E 43 -22.24 -22.39 -41.39
N LYS E 44 -23.44 -22.97 -41.33
CA LYS E 44 -23.57 -24.44 -41.35
C LYS E 44 -23.54 -25.00 -42.75
N VAL E 45 -23.96 -24.23 -43.75
CA VAL E 45 -23.89 -24.73 -45.11
C VAL E 45 -22.46 -24.62 -45.61
N SER E 46 -21.73 -23.63 -45.11
CA SER E 46 -20.33 -23.46 -45.45
C SER E 46 -19.51 -24.45 -44.65
N GLY E 47 -18.56 -25.09 -45.30
CA GLY E 47 -17.67 -26.04 -44.65
C GLY E 47 -16.54 -25.40 -43.84
N TYR E 48 -16.72 -24.15 -43.41
CA TYR E 48 -15.69 -23.41 -42.71
C TYR E 48 -15.65 -23.86 -41.26
N ASP E 49 -14.69 -24.70 -40.94
CA ASP E 49 -14.48 -25.20 -39.59
C ASP E 49 -13.43 -24.32 -38.95
N ALA E 50 -13.72 -23.81 -37.75
CA ALA E 50 -12.77 -22.93 -37.07
C ALA E 50 -11.65 -23.70 -36.39
N ARG E 51 -11.64 -25.01 -36.51
CA ARG E 51 -10.62 -25.85 -35.94
C ARG E 51 -9.51 -26.20 -36.92
N ILE E 52 -9.63 -25.81 -38.18
CA ILE E 52 -8.65 -26.15 -39.19
C ILE E 52 -7.91 -24.90 -39.62
N ARG E 53 -6.59 -25.00 -39.67
CA ARG E 53 -5.75 -23.91 -40.15
C ARG E 53 -5.99 -23.68 -41.64
N PRO E 54 -6.02 -22.44 -42.10
CA PRO E 54 -6.10 -22.19 -43.54
C PRO E 54 -4.85 -22.65 -44.26
N ASN E 55 -5.03 -23.11 -45.50
CA ASN E 55 -3.98 -23.72 -46.32
C ASN E 55 -3.35 -24.92 -45.62
N PHE E 56 -4.20 -25.80 -45.11
CA PHE E 56 -3.75 -27.01 -44.41
C PHE E 56 -2.96 -27.91 -45.37
N LYS E 57 -1.90 -28.53 -44.81
CA LYS E 57 -0.91 -29.31 -45.57
C LYS E 57 -0.25 -28.45 -46.64
N GLY E 58 0.06 -27.21 -46.28
CA GLY E 58 0.58 -26.24 -47.22
C GLY E 58 1.57 -25.30 -46.59
N PRO E 59 2.10 -24.38 -47.40
CA PRO E 59 3.10 -23.39 -46.92
C PRO E 59 2.59 -22.56 -45.77
N PRO E 60 3.47 -22.25 -44.81
CA PRO E 60 3.09 -21.47 -43.62
C PRO E 60 2.36 -20.15 -43.90
N VAL E 61 1.35 -19.88 -43.09
CA VAL E 61 0.52 -18.68 -43.22
C VAL E 61 1.23 -17.44 -42.69
N ASN E 62 1.54 -16.52 -43.60
CA ASN E 62 2.23 -15.29 -43.23
C ASN E 62 1.25 -14.32 -42.60
N VAL E 63 1.57 -13.83 -41.40
CA VAL E 63 0.73 -12.89 -40.66
C VAL E 63 1.52 -11.60 -40.49
N THR E 64 0.91 -10.46 -40.80
CA THR E 64 1.63 -9.19 -40.64
C THR E 64 1.01 -8.39 -39.49
N CYS E 65 1.86 -7.88 -38.59
CA CYS E 65 1.38 -7.17 -37.41
C CYS E 65 1.73 -5.69 -37.38
N ASN E 66 0.72 -4.85 -37.14
CA ASN E 66 0.84 -3.40 -36.98
C ASN E 66 0.47 -2.98 -35.55
N ILE E 67 1.33 -2.23 -34.87
CA ILE E 67 1.07 -1.87 -33.48
C ILE E 67 0.99 -0.35 -33.31
N PHE E 68 -0.08 0.13 -32.64
CA PHE E 68 -0.20 1.56 -32.35
C PHE E 68 -0.27 1.77 -30.84
N ILE E 69 0.53 2.72 -30.33
CA ILE E 69 0.62 2.95 -28.89
C ILE E 69 -0.39 4.02 -28.48
N ASN E 70 -1.49 3.62 -27.82
CA ASN E 70 -2.44 4.60 -27.33
C ASN E 70 -1.89 5.48 -26.22
N SER E 71 -1.18 4.88 -25.25
CA SER E 71 -0.63 5.63 -24.13
C SER E 71 0.52 4.85 -23.51
N PHE E 72 1.35 5.57 -22.75
CA PHE E 72 2.46 4.97 -22.05
C PHE E 72 2.45 5.50 -20.62
N GLY E 73 2.96 4.73 -19.66
CA GLY E 73 3.04 5.24 -18.30
C GLY E 73 3.38 4.12 -17.33
N SER E 74 3.24 4.45 -16.02
CA SER E 74 3.47 3.49 -14.93
C SER E 74 4.84 2.84 -14.94
N ILE E 75 5.90 3.62 -15.14
CA ILE E 75 7.24 3.06 -15.10
C ILE E 75 7.94 3.42 -13.80
N ALA E 76 8.29 2.39 -13.03
CA ALA E 76 9.01 2.59 -11.77
C ALA E 76 10.06 1.50 -11.62
N GLU E 77 11.15 1.86 -10.94
CA GLU E 77 12.27 0.95 -10.74
C GLU E 77 11.94 -0.28 -9.90
N THR E 78 11.20 -0.10 -8.80
CA THR E 78 10.88 -1.21 -7.90
C THR E 78 10.01 -2.25 -8.59
N THR E 79 8.99 -1.78 -9.30
CA THR E 79 8.04 -2.64 -9.99
C THR E 79 8.72 -3.41 -11.11
N MET E 80 9.66 -2.75 -11.82
CA MET E 80 10.40 -3.28 -12.98
C MET E 80 9.47 -3.67 -14.12
N ASP E 81 8.39 -2.91 -14.28
CA ASP E 81 7.45 -3.12 -15.36
C ASP E 81 6.86 -1.79 -15.80
N TYR E 82 6.36 -1.77 -17.03
CA TYR E 82 5.71 -0.63 -17.66
C TYR E 82 4.33 -1.04 -18.16
N ARG E 83 3.33 -0.18 -17.96
CA ARG E 83 2.00 -0.43 -18.48
C ARG E 83 1.71 0.39 -19.73
N VAL E 84 1.42 -0.29 -20.85
CA VAL E 84 1.20 0.39 -22.12
C VAL E 84 -0.13 -0.04 -22.74
N ASN E 85 -0.98 0.93 -23.09
CA ASN E 85 -2.22 0.65 -23.82
C ASN E 85 -1.93 0.55 -25.32
N ILE E 86 -2.32 -0.54 -25.98
CA ILE E 86 -1.95 -0.70 -27.38
C ILE E 86 -3.11 -1.21 -28.22
N PHE E 87 -3.10 -0.79 -29.49
CA PHE E 87 -4.04 -1.23 -30.51
C PHE E 87 -3.28 -2.16 -31.44
N LEU E 88 -3.73 -3.41 -31.53
CA LEU E 88 -3.04 -4.45 -32.29
C LEU E 88 -3.83 -4.81 -33.54
N ARG E 89 -3.19 -4.72 -34.71
CA ARG E 89 -3.80 -5.07 -35.98
C ARG E 89 -3.08 -6.26 -36.59
N GLN E 90 -3.83 -7.31 -36.91
CA GLN E 90 -3.30 -8.55 -37.48
C GLN E 90 -3.90 -8.74 -38.86
N GLN E 91 -3.07 -8.89 -39.89
CA GLN E 91 -3.64 -9.08 -41.22
C GLN E 91 -3.17 -10.41 -41.79
N TRP E 92 -4.13 -11.28 -42.15
CA TRP E 92 -3.72 -12.53 -42.79
C TRP E 92 -4.62 -12.91 -43.96
N ASN E 93 -4.01 -13.51 -44.98
CA ASN E 93 -4.69 -13.93 -46.20
C ASN E 93 -5.51 -15.20 -45.95
N ASP E 94 -6.79 -15.20 -46.35
CA ASP E 94 -7.60 -16.41 -46.23
C ASP E 94 -8.16 -16.75 -47.61
N PRO E 95 -7.83 -17.92 -48.21
CA PRO E 95 -8.46 -18.29 -49.50
C PRO E 95 -9.96 -18.48 -49.37
N ARG E 96 -10.40 -19.08 -48.28
CA ARG E 96 -11.79 -19.30 -47.99
C ARG E 96 -12.37 -17.95 -47.58
N LEU E 97 -13.70 -17.82 -47.67
CA LEU E 97 -14.50 -16.62 -47.34
C LEU E 97 -14.38 -15.55 -48.42
N ALA E 98 -13.83 -15.91 -49.59
CA ALA E 98 -13.70 -15.01 -50.74
C ALA E 98 -15.01 -15.10 -51.53
N TYR E 99 -15.99 -14.32 -51.05
CA TYR E 99 -17.35 -14.33 -51.57
C TYR E 99 -17.45 -13.92 -53.04
N SER E 100 -16.79 -12.83 -53.43
CA SER E 100 -16.75 -12.32 -54.81
C SER E 100 -18.14 -12.03 -55.42
N GLU E 101 -19.16 -11.73 -54.61
CA GLU E 101 -20.49 -11.46 -55.14
C GLU E 101 -21.07 -10.12 -54.74
N TYR E 102 -20.35 -9.31 -53.98
CA TYR E 102 -20.83 -8.03 -53.47
C TYR E 102 -20.02 -6.90 -54.06
N PRO E 103 -20.68 -5.85 -54.57
CA PRO E 103 -19.93 -4.75 -55.23
C PRO E 103 -18.95 -4.03 -54.30
N ASP E 104 -19.32 -3.79 -53.05
CA ASP E 104 -18.43 -3.08 -52.12
C ASP E 104 -17.16 -3.88 -51.88
N ASP E 105 -16.03 -3.18 -51.82
CA ASP E 105 -14.73 -3.85 -51.68
C ASP E 105 -14.58 -4.60 -50.36
N SER E 106 -15.04 -4.03 -49.25
CA SER E 106 -14.83 -4.69 -47.96
C SER E 106 -16.09 -4.65 -47.13
N LEU E 107 -16.24 -5.63 -46.23
CA LEU E 107 -17.40 -5.65 -45.35
C LEU E 107 -16.97 -5.60 -43.89
N ASP E 108 -17.50 -4.61 -43.17
CA ASP E 108 -17.28 -4.49 -41.73
C ASP E 108 -18.11 -5.54 -41.00
N LEU E 109 -17.58 -6.12 -39.93
CA LEU E 109 -18.35 -7.16 -39.26
C LEU E 109 -18.31 -6.99 -37.75
N ASP E 110 -19.30 -7.58 -37.09
CA ASP E 110 -19.47 -7.49 -35.64
C ASP E 110 -18.45 -8.30 -34.84
N PRO E 111 -18.24 -7.96 -33.56
CA PRO E 111 -17.35 -8.75 -32.68
C PRO E 111 -17.77 -10.21 -32.50
N SER E 112 -19.07 -10.47 -32.47
CA SER E 112 -19.61 -11.82 -32.32
C SER E 112 -19.16 -12.73 -33.46
N MET E 113 -19.07 -12.18 -34.67
CA MET E 113 -18.66 -12.92 -35.86
C MET E 113 -17.23 -13.45 -35.75
N LEU E 114 -16.38 -12.77 -34.97
CA LEU E 114 -14.97 -13.16 -34.80
C LEU E 114 -14.79 -14.56 -34.24
N ASP E 115 -15.65 -14.99 -33.32
CA ASP E 115 -15.48 -16.31 -32.73
C ASP E 115 -15.56 -17.41 -33.79
N SER E 116 -16.45 -17.26 -34.77
CA SER E 116 -16.59 -18.27 -35.81
C SER E 116 -15.32 -18.41 -36.65
N ILE E 117 -14.65 -17.30 -36.96
CA ILE E 117 -13.44 -17.29 -37.77
C ILE E 117 -12.23 -17.88 -37.03
N TRP E 118 -11.34 -18.52 -37.78
CA TRP E 118 -10.08 -19.03 -37.24
C TRP E 118 -9.20 -17.85 -36.87
N LYS E 119 -8.61 -17.88 -35.68
CA LYS E 119 -7.78 -16.76 -35.25
C LYS E 119 -6.38 -17.18 -34.87
N PRO E 120 -5.35 -16.50 -35.36
CA PRO E 120 -3.98 -16.82 -34.94
C PRO E 120 -3.69 -16.53 -33.47
N ASP E 121 -3.02 -17.47 -32.83
CA ASP E 121 -2.64 -17.33 -31.42
C ASP E 121 -1.53 -16.29 -31.24
N LEU E 122 -1.66 -15.43 -30.24
CA LEU E 122 -0.65 -14.43 -29.90
C LEU E 122 -0.29 -14.50 -28.44
N PHE E 123 1.00 -14.50 -28.18
CA PHE E 123 1.54 -14.51 -26.84
C PHE E 123 2.72 -13.55 -26.70
N PHE E 124 2.93 -13.09 -25.48
CA PHE E 124 3.98 -12.14 -25.16
C PHE E 124 4.95 -12.85 -24.22
N ALA E 125 6.24 -12.66 -24.47
CA ALA E 125 7.26 -13.34 -23.67
C ALA E 125 7.20 -12.97 -22.19
N ASN E 126 6.94 -11.72 -21.89
CA ASN E 126 6.84 -11.25 -20.50
C ASN E 126 5.51 -10.55 -20.30
N GLU E 127 4.45 -11.33 -20.19
CA GLU E 127 3.09 -10.84 -20.07
C GLU E 127 2.50 -11.08 -18.69
N LYS E 128 1.96 -10.01 -18.10
CA LYS E 128 1.25 -10.00 -16.83
C LYS E 128 -0.03 -9.24 -17.11
N GLY E 129 -1.10 -9.53 -16.36
CA GLY E 129 -2.34 -8.76 -16.55
C GLY E 129 -2.87 -8.97 -17.96
N ALA E 130 -2.97 -7.87 -18.71
CA ALA E 130 -3.44 -7.84 -20.11
C ALA E 130 -4.90 -8.24 -20.30
N ASN E 131 -5.74 -7.94 -19.32
CA ASN E 131 -7.17 -8.18 -19.45
C ASN E 131 -7.78 -7.29 -20.53
N PHE E 132 -8.68 -7.87 -21.32
CA PHE E 132 -9.36 -7.12 -22.37
C PHE E 132 -10.33 -6.09 -21.80
N HIS E 133 -10.46 -4.97 -22.49
CA HIS E 133 -11.42 -3.93 -22.11
C HIS E 133 -12.77 -4.25 -22.72
N GLU E 134 -13.82 -4.34 -21.90
CA GLU E 134 -15.15 -4.69 -22.40
C GLU E 134 -16.16 -3.72 -21.81
N VAL E 135 -16.16 -2.48 -22.29
CA VAL E 135 -17.15 -1.49 -21.87
C VAL E 135 -18.19 -1.36 -22.96
N THR E 136 -19.46 -1.61 -22.60
CA THR E 136 -20.68 -1.63 -23.43
C THR E 136 -20.66 -2.80 -24.39
N THR E 137 -19.63 -2.86 -25.22
CA THR E 137 -19.38 -3.93 -26.17
C THR E 137 -17.89 -4.22 -26.11
N ASP E 138 -17.51 -5.45 -26.50
CA ASP E 138 -16.09 -5.77 -26.57
C ASP E 138 -15.43 -4.92 -27.65
N ASN E 139 -14.20 -4.48 -27.39
CA ASN E 139 -13.48 -3.61 -28.31
C ASN E 139 -12.80 -4.44 -29.38
N LYS E 140 -13.60 -4.97 -30.31
CA LYS E 140 -13.06 -5.76 -31.40
C LYS E 140 -13.52 -5.26 -32.77
N LEU E 141 -12.60 -5.14 -33.73
CA LEU E 141 -12.94 -4.70 -35.08
C LEU E 141 -12.59 -5.80 -36.09
N LEU E 142 -13.55 -6.17 -36.95
CA LEU E 142 -13.29 -7.14 -38.02
C LEU E 142 -13.56 -6.54 -39.40
N ARG E 143 -12.57 -6.62 -40.30
CA ARG E 143 -12.80 -6.17 -41.68
C ARG E 143 -12.44 -7.26 -42.68
N ILE E 144 -13.36 -7.65 -43.57
CA ILE E 144 -13.07 -8.71 -44.53
C ILE E 144 -13.04 -8.15 -45.96
N SER E 145 -11.88 -8.24 -46.63
CA SER E 145 -11.80 -7.76 -48.01
C SER E 145 -12.31 -8.80 -49.00
N LYS E 146 -12.53 -8.37 -50.26
CA LYS E 146 -13.03 -9.28 -51.30
C LYS E 146 -12.08 -10.44 -51.58
N ASN E 147 -10.77 -10.16 -51.58
CA ASN E 147 -9.74 -11.17 -51.82
C ASN E 147 -9.61 -12.12 -50.65
N GLY E 148 -10.21 -11.78 -49.52
CA GLY E 148 -10.24 -12.58 -48.34
C GLY E 148 -9.18 -12.21 -47.33
N ASN E 149 -8.40 -11.16 -47.57
CA ASN E 149 -7.49 -10.74 -46.54
C ASN E 149 -8.33 -10.28 -45.36
N VAL E 150 -7.94 -10.65 -44.16
CA VAL E 150 -8.76 -10.34 -42.99
C VAL E 150 -7.99 -9.43 -42.04
N LEU E 151 -8.64 -8.36 -41.56
CA LEU E 151 -7.98 -7.46 -40.63
C LEU E 151 -8.65 -7.72 -39.29
N TYR E 152 -7.85 -8.02 -38.26
CA TYR E 152 -8.34 -8.27 -36.91
C TYR E 152 -7.78 -7.19 -35.98
N SER E 153 -8.62 -6.40 -35.32
CA SER E 153 -8.16 -5.30 -34.47
C SER E 153 -8.64 -5.42 -33.04
N ILE E 154 -7.71 -5.28 -32.07
CA ILE E 154 -8.04 -5.41 -30.64
C ILE E 154 -7.30 -4.32 -29.87
N ARG E 155 -7.89 -3.85 -28.77
CA ARG E 155 -7.27 -2.90 -27.85
C ARG E 155 -6.99 -3.53 -26.49
N ILE E 156 -5.73 -3.58 -26.04
CA ILE E 156 -5.44 -4.23 -24.77
C ILE E 156 -4.36 -3.46 -24.03
N THR E 157 -4.38 -3.54 -22.69
CA THR E 157 -3.34 -2.95 -21.83
C THR E 157 -2.34 -3.98 -21.31
N LEU E 158 -1.09 -3.92 -21.76
CA LEU E 158 -0.13 -4.94 -21.40
C LEU E 158 0.85 -4.42 -20.35
N VAL E 159 1.06 -5.20 -19.30
CA VAL E 159 2.07 -4.86 -18.30
C VAL E 159 3.22 -5.78 -18.65
N LEU E 160 4.40 -5.24 -18.95
CA LEU E 160 5.48 -6.15 -19.28
C LEU E 160 6.71 -5.86 -18.44
N ALA E 161 7.39 -6.93 -18.00
CA ALA E 161 8.62 -6.76 -17.24
C ALA E 161 9.71 -6.11 -18.09
N CYS E 162 10.44 -5.15 -17.53
CA CYS E 162 11.49 -4.57 -18.31
C CYS E 162 12.79 -4.84 -17.55
N PRO E 163 13.82 -5.37 -18.18
CA PRO E 163 15.12 -5.57 -17.51
C PRO E 163 15.91 -4.27 -17.50
N MET E 164 15.50 -3.35 -16.65
CA MET E 164 16.20 -2.07 -16.56
C MET E 164 17.59 -2.15 -15.95
N ASP E 165 18.43 -1.25 -16.46
CA ASP E 165 19.83 -1.06 -16.11
C ASP E 165 19.89 0.02 -15.04
N LEU E 166 20.47 -0.29 -13.89
CA LEU E 166 20.56 0.68 -12.82
C LEU E 166 21.97 1.16 -12.57
N LYS E 167 22.86 0.98 -13.54
CA LYS E 167 24.28 1.34 -13.42
C LYS E 167 24.45 2.78 -12.97
N ASN E 168 24.02 3.75 -13.78
CA ASN E 168 24.20 5.14 -13.38
C ASN E 168 22.81 5.70 -13.16
N PHE E 169 22.44 5.88 -11.89
CA PHE E 169 21.10 6.36 -11.55
C PHE E 169 20.70 7.72 -12.12
N PRO E 170 21.54 8.81 -12.04
CA PRO E 170 21.07 10.11 -12.55
C PRO E 170 20.82 10.17 -14.04
N MET E 171 21.75 9.63 -14.80
CA MET E 171 21.66 9.63 -16.24
C MET E 171 21.81 8.23 -16.76
N ASP E 172 20.80 7.74 -17.48
CA ASP E 172 20.85 6.42 -18.08
C ASP E 172 19.86 6.38 -19.22
N VAL E 173 20.05 5.42 -20.11
CA VAL E 173 19.11 5.19 -21.19
C VAL E 173 18.55 3.79 -20.99
N GLN E 174 17.25 3.66 -20.96
CA GLN E 174 16.61 2.39 -20.66
C GLN E 174 15.93 1.86 -21.92
N THR E 175 16.20 0.62 -22.27
CA THR E 175 15.53 0.05 -23.41
C THR E 175 14.57 -1.04 -22.94
N CYS E 176 13.32 -0.92 -23.35
CA CYS E 176 12.28 -1.86 -22.98
C CYS E 176 11.87 -2.62 -24.24
N ILE E 177 11.79 -3.94 -24.14
CA ILE E 177 11.54 -4.80 -25.28
C ILE E 177 10.21 -5.54 -25.13
N MET E 178 9.45 -5.57 -26.22
CA MET E 178 8.19 -6.30 -26.27
C MET E 178 8.32 -7.43 -27.28
N GLN E 179 8.02 -8.66 -26.84
CA GLN E 179 8.19 -9.84 -27.68
C GLN E 179 6.87 -10.56 -27.92
N LEU E 180 6.60 -10.86 -29.19
CA LEU E 180 5.40 -11.57 -29.63
C LEU E 180 5.77 -12.93 -30.22
N GLU E 181 5.18 -14.00 -29.67
CA GLU E 181 5.48 -15.38 -30.04
C GLU E 181 4.18 -16.16 -30.20
N SER E 182 4.27 -17.28 -30.93
CA SER E 182 3.14 -18.19 -31.09
C SER E 182 3.27 -19.38 -30.14
N PHE E 183 2.38 -19.44 -29.14
CA PHE E 183 2.45 -20.48 -28.12
C PHE E 183 2.19 -21.88 -28.66
N GLY E 184 1.15 -22.02 -29.47
CA GLY E 184 0.74 -23.34 -29.93
C GLY E 184 1.25 -23.85 -31.24
N TYR E 185 1.83 -23.01 -32.06
CA TYR E 185 2.21 -23.41 -33.40
C TYR E 185 3.71 -23.24 -33.60
N THR E 186 4.31 -24.16 -34.34
CA THR E 186 5.74 -24.11 -34.58
C THR E 186 6.05 -23.14 -35.71
N MET E 187 7.34 -23.04 -36.06
CA MET E 187 7.78 -22.15 -37.13
C MET E 187 7.10 -22.53 -38.44
N ASN E 188 7.00 -23.82 -38.69
CA ASN E 188 6.25 -24.31 -39.84
C ASN E 188 4.79 -24.10 -39.49
N ASP E 189 4.00 -23.67 -40.49
CA ASP E 189 2.55 -23.42 -40.56
C ASP E 189 2.05 -22.07 -40.02
N LEU E 190 2.91 -21.17 -39.54
CA LEU E 190 2.58 -19.82 -39.04
C LEU E 190 3.82 -18.98 -38.81
N ILE E 191 3.96 -17.91 -39.60
CA ILE E 191 5.11 -17.02 -39.56
C ILE E 191 4.57 -15.63 -39.27
N PHE E 192 5.23 -14.92 -38.36
CA PHE E 192 4.90 -13.54 -38.03
C PHE E 192 5.93 -12.56 -38.56
N GLU E 193 5.46 -11.55 -39.29
CA GLU E 193 6.30 -10.57 -39.94
C GLU E 193 5.80 -9.17 -39.63
N TRP E 194 6.74 -8.23 -39.73
CA TRP E 194 6.51 -6.82 -39.49
C TRP E 194 6.04 -6.15 -40.77
N ASP E 195 5.36 -5.03 -40.59
CA ASP E 195 4.89 -4.24 -41.71
C ASP E 195 6.02 -3.34 -42.16
N GLU E 196 6.28 -3.33 -43.47
CA GLU E 196 7.39 -2.55 -44.01
C GLU E 196 7.23 -1.06 -43.75
N LYS E 197 6.03 -0.52 -43.89
CA LYS E 197 5.80 0.90 -43.69
C LYS E 197 4.81 1.09 -42.54
N GLY E 198 5.14 2.01 -41.64
CA GLY E 198 4.32 2.34 -40.49
C GLY E 198 4.02 1.17 -39.58
N ALA E 199 5.05 0.38 -39.28
CA ALA E 199 4.91 -0.79 -38.41
C ALA E 199 4.46 -0.43 -37.00
N VAL E 200 5.02 0.64 -36.45
CA VAL E 200 4.70 1.07 -35.10
C VAL E 200 4.38 2.56 -35.12
N GLN E 201 3.21 2.92 -34.60
CA GLN E 201 2.80 4.31 -34.53
C GLN E 201 2.58 4.68 -33.07
N VAL E 202 2.66 5.96 -32.78
CA VAL E 202 2.49 6.43 -31.42
C VAL E 202 1.41 7.51 -31.44
N ALA E 203 0.67 7.63 -30.34
CA ALA E 203 -0.39 8.63 -30.27
C ALA E 203 0.22 10.02 -30.32
N ASP E 204 -0.44 10.92 -31.05
CA ASP E 204 0.04 12.28 -31.18
C ASP E 204 -0.05 13.02 -29.85
N GLY E 205 0.95 13.84 -29.58
CA GLY E 205 1.00 14.62 -28.34
C GLY E 205 0.98 13.78 -27.09
N LEU E 206 1.73 12.68 -27.08
CA LEU E 206 1.81 11.78 -25.94
C LEU E 206 3.15 12.00 -25.26
N THR E 207 3.11 12.29 -23.96
CA THR E 207 4.31 12.54 -23.20
C THR E 207 4.30 11.79 -21.88
N LEU E 208 5.51 11.58 -21.37
CA LEU E 208 5.80 10.92 -20.11
C LEU E 208 6.48 11.92 -19.18
N PRO E 209 6.06 12.00 -17.92
CA PRO E 209 6.68 12.98 -17.00
C PRO E 209 8.16 12.75 -16.72
N GLN E 210 8.59 11.50 -16.57
CA GLN E 210 9.96 11.16 -16.23
C GLN E 210 10.88 10.95 -17.43
N PHE E 211 10.41 10.25 -18.44
CA PHE E 211 11.25 9.87 -19.56
C PHE E 211 10.83 10.55 -20.85
N ILE E 212 11.80 10.69 -21.75
CA ILE E 212 11.62 11.20 -23.10
C ILE E 212 11.74 10.01 -24.04
N LEU E 213 10.68 9.74 -24.80
CA LEU E 213 10.71 8.67 -25.77
C LEU E 213 11.56 9.06 -26.97
N LYS E 214 12.32 8.11 -27.50
CA LYS E 214 13.15 8.37 -28.68
C LYS E 214 12.46 7.87 -29.94
N GLU E 215 12.43 8.72 -30.96
CA GLU E 215 11.76 8.41 -32.22
C GLU E 215 12.69 7.63 -33.16
N GLU E 216 13.06 6.43 -32.73
CA GLU E 216 13.77 5.51 -33.60
C GLU E 216 13.03 4.19 -33.75
N LYS E 217 12.70 3.53 -32.62
CA LYS E 217 11.87 2.34 -32.55
C LYS E 217 12.34 1.17 -33.41
N ASP E 218 13.61 0.80 -33.24
CA ASP E 218 14.19 -0.33 -33.96
C ASP E 218 13.50 -1.67 -33.65
N LEU E 219 13.14 -2.37 -34.72
CA LEU E 219 12.41 -3.64 -34.64
C LEU E 219 13.25 -4.77 -35.20
N ARG E 220 13.43 -5.85 -34.44
CA ARG E 220 14.15 -7.00 -34.97
C ARG E 220 13.48 -8.29 -34.51
N TYR E 221 13.68 -9.37 -35.25
CA TYR E 221 13.04 -10.63 -34.86
C TYR E 221 14.04 -11.74 -34.58
N CYS E 222 13.85 -12.40 -33.44
CA CYS E 222 14.68 -13.51 -32.97
C CYS E 222 13.80 -14.75 -32.76
N THR E 223 14.14 -15.84 -33.44
CA THR E 223 13.39 -17.08 -33.31
C THR E 223 13.62 -17.71 -31.94
N LYS E 224 12.68 -18.54 -31.50
CA LYS E 224 12.73 -19.22 -30.21
C LYS E 224 12.89 -20.71 -30.40
N HIS E 225 13.85 -21.31 -29.70
CA HIS E 225 14.10 -22.74 -29.74
C HIS E 225 13.75 -23.37 -28.40
N TYR E 226 12.94 -24.42 -28.44
CA TYR E 226 12.50 -25.15 -27.26
C TYR E 226 12.62 -26.64 -27.54
N ASN E 227 12.51 -27.42 -26.46
CA ASN E 227 12.54 -28.88 -26.58
C ASN E 227 11.40 -29.38 -27.45
N THR E 228 10.21 -28.80 -27.28
CA THR E 228 9.07 -29.18 -28.10
C THR E 228 9.28 -28.82 -29.57
N GLY E 229 9.84 -27.65 -29.86
CA GLY E 229 10.02 -27.26 -31.24
C GLY E 229 10.55 -25.85 -31.36
N LYS E 230 10.54 -25.35 -32.60
CA LYS E 230 10.98 -24.01 -32.95
C LYS E 230 9.77 -23.12 -33.21
N PHE E 231 9.70 -22.00 -32.51
CA PHE E 231 8.56 -21.08 -32.57
C PHE E 231 8.98 -19.68 -33.01
N THR E 232 8.23 -19.10 -33.93
CA THR E 232 8.53 -17.77 -34.45
C THR E 232 8.28 -16.68 -33.40
N CYS E 233 9.08 -15.62 -33.48
CA CYS E 233 8.91 -14.48 -32.59
C CYS E 233 9.39 -13.19 -33.25
N ILE E 234 8.84 -12.07 -32.80
CA ILE E 234 9.22 -10.74 -33.26
C ILE E 234 9.39 -9.83 -32.06
N GLU E 235 10.33 -8.88 -32.14
CA GLU E 235 10.65 -8.03 -31.01
C GLU E 235 10.62 -6.56 -31.44
N ALA E 236 10.19 -5.71 -30.50
CA ALA E 236 10.14 -4.27 -30.67
C ALA E 236 10.92 -3.61 -29.55
N ARG E 237 11.77 -2.64 -29.87
CA ARG E 237 12.63 -2.02 -28.87
C ARG E 237 12.31 -0.54 -28.74
N PHE E 238 12.14 -0.07 -27.50
CA PHE E 238 11.87 1.33 -27.21
C PHE E 238 12.96 1.91 -26.32
N HIS E 239 13.41 3.12 -26.66
CA HIS E 239 14.47 3.81 -25.94
C HIS E 239 13.89 4.98 -25.15
N LEU E 240 14.26 5.05 -23.87
CA LEU E 240 13.79 6.05 -22.94
C LEU E 240 14.96 6.81 -22.34
N GLU E 241 14.86 8.14 -22.29
CA GLU E 241 15.90 8.99 -21.70
C GLU E 241 15.36 9.70 -20.45
N ARG E 242 16.10 9.58 -19.34
CA ARG E 242 15.68 10.22 -18.09
C ARG E 242 15.78 11.74 -18.13
N GLN E 243 14.84 12.41 -17.46
CA GLN E 243 14.91 13.84 -17.25
C GLN E 243 15.73 14.11 -16.00
N MET E 244 16.78 14.91 -16.14
CA MET E 244 17.70 15.20 -15.05
C MET E 244 17.25 16.33 -14.12
N GLY E 245 16.19 17.04 -14.48
CA GLY E 245 15.78 18.21 -13.73
C GLY E 245 15.39 17.96 -12.28
N TYR E 246 14.60 16.90 -12.04
CA TYR E 246 14.13 16.63 -10.68
C TYR E 246 15.25 16.21 -9.74
N TYR E 247 16.16 15.37 -10.22
CA TYR E 247 17.21 14.81 -9.36
C TYR E 247 18.13 15.89 -8.80
N LEU E 248 18.44 16.90 -9.61
CA LEU E 248 19.32 17.98 -9.16
C LEU E 248 18.75 18.71 -7.97
N ILE E 249 17.51 19.19 -8.11
CA ILE E 249 16.81 19.92 -7.06
C ILE E 249 16.60 19.06 -5.83
N GLN E 250 16.21 17.80 -6.04
CA GLN E 250 15.93 16.90 -4.94
C GLN E 250 17.18 16.52 -4.15
N MET E 251 18.29 16.21 -4.82
CA MET E 251 19.44 15.67 -4.11
C MET E 251 20.70 16.52 -4.21
N TYR E 252 21.09 16.97 -5.40
CA TYR E 252 22.37 17.65 -5.57
C TYR E 252 22.42 18.98 -4.82
N ILE E 253 21.36 19.78 -4.93
CA ILE E 253 21.35 21.10 -4.30
C ILE E 253 21.40 21.03 -2.77
N PRO E 254 20.61 20.17 -2.06
CA PRO E 254 20.73 20.15 -0.59
C PRO E 254 22.10 19.72 -0.11
N SER E 255 22.68 18.71 -0.75
CA SER E 255 23.99 18.22 -0.34
C SER E 255 25.03 19.31 -0.51
N LEU E 256 24.97 20.04 -1.62
CA LEU E 256 25.93 21.10 -1.91
C LEU E 256 25.82 22.23 -0.90
N LEU E 257 24.59 22.66 -0.57
CA LEU E 257 24.42 23.71 0.43
C LEU E 257 24.97 23.27 1.78
N ILE E 258 24.75 22.00 2.14
CA ILE E 258 25.20 21.47 3.42
C ILE E 258 26.72 21.52 3.47
N VAL E 259 27.37 21.10 2.38
CA VAL E 259 28.82 21.05 2.30
C VAL E 259 29.39 22.47 2.46
N ILE E 260 28.77 23.44 1.77
CA ILE E 260 29.24 24.83 1.84
C ILE E 260 29.10 25.35 3.26
N LEU E 261 27.97 25.04 3.93
CA LEU E 261 27.72 25.54 5.28
C LEU E 261 28.77 25.00 6.21
N SER E 262 29.06 23.71 6.09
CA SER E 262 30.01 23.07 6.98
C SER E 262 31.38 23.69 6.82
N TRP E 263 31.80 23.90 5.57
CA TRP E 263 33.15 24.43 5.36
C TRP E 263 33.28 25.84 5.92
N VAL E 264 32.33 26.71 5.56
CA VAL E 264 32.34 28.10 6.00
C VAL E 264 32.35 28.19 7.52
N SER E 265 31.41 27.47 8.15
CA SER E 265 31.29 27.50 9.60
C SER E 265 32.54 26.97 10.26
N PHE E 266 33.12 25.90 9.69
CA PHE E 266 34.30 25.31 10.31
C PHE E 266 35.45 26.31 10.31
N TRP E 267 35.65 27.00 9.18
CA TRP E 267 36.76 27.94 9.08
C TRP E 267 36.62 29.11 10.05
N ILE E 268 35.40 29.62 10.22
CA ILE E 268 35.20 30.71 11.17
C ILE E 268 34.99 30.06 12.55
N ASN E 269 34.93 30.87 13.62
CA ASN E 269 34.72 30.43 15.02
C ASN E 269 35.69 29.34 15.48
N MET E 270 36.95 29.51 15.06
CA MET E 270 38.03 28.59 15.43
C MET E 270 38.30 28.55 16.94
N ASP E 271 38.25 29.69 17.62
CA ASP E 271 38.47 29.70 19.07
C ASP E 271 37.40 28.89 19.80
N ALA E 272 36.14 28.96 19.35
CA ALA E 272 35.03 28.23 19.97
C ALA E 272 34.97 26.79 19.48
N ALA E 273 35.81 25.96 20.10
CA ALA E 273 35.89 24.54 19.76
C ALA E 273 34.60 23.75 20.01
N PRO E 274 33.84 23.93 21.12
CA PRO E 274 32.57 23.18 21.22
C PRO E 274 31.62 23.53 20.10
N ALA E 275 31.60 24.81 19.72
CA ALA E 275 30.73 25.26 18.64
C ALA E 275 31.10 24.57 17.35
N ARG E 276 32.41 24.42 17.08
CA ARG E 276 32.85 23.81 15.82
C ARG E 276 32.52 22.32 15.79
N VAL E 277 32.79 21.61 16.89
CA VAL E 277 32.59 20.17 16.91
C VAL E 277 31.10 19.85 16.79
N GLY E 278 30.26 20.65 17.46
CA GLY E 278 28.83 20.44 17.41
C GLY E 278 28.31 20.63 15.99
N LEU E 279 28.82 21.67 15.31
CA LEU E 279 28.41 21.91 13.92
C LEU E 279 28.80 20.76 13.03
N GLY E 280 30.03 20.25 13.22
CA GLY E 280 30.54 19.19 12.36
C GLY E 280 29.71 17.93 12.50
N ILE E 281 29.41 17.56 13.75
CA ILE E 281 28.68 16.33 14.01
C ILE E 281 27.27 16.42 13.45
N THR E 282 26.60 17.57 13.64
CA THR E 282 25.22 17.71 13.15
C THR E 282 25.21 17.61 11.63
N THR E 283 26.21 18.22 11.00
CA THR E 283 26.32 18.20 9.55
C THR E 283 26.50 16.77 9.04
N VAL E 284 27.34 15.98 9.73
CA VAL E 284 27.55 14.58 9.35
C VAL E 284 26.25 13.79 9.48
N LEU E 285 25.51 14.02 10.57
CA LEU E 285 24.28 13.28 10.82
C LEU E 285 23.25 13.56 9.74
N THR E 286 23.14 14.82 9.33
CA THR E 286 22.24 15.15 8.25
C THR E 286 22.68 14.52 6.95
N MET E 287 24.00 14.49 6.70
CA MET E 287 24.51 13.92 5.46
C MET E 287 24.15 12.45 5.34
N THR E 288 24.40 11.68 6.41
CA THR E 288 24.12 10.25 6.37
C THR E 288 22.62 9.98 6.26
N THR E 289 21.79 10.71 7.03
CA THR E 289 20.35 10.48 6.94
C THR E 289 19.83 10.83 5.54
N GLN E 290 20.34 11.92 4.94
CA GLN E 290 19.93 12.30 3.60
C GLN E 290 20.33 11.22 2.59
N SER E 291 21.53 10.67 2.74
CA SER E 291 22.00 9.62 1.83
C SER E 291 21.11 8.38 1.93
N SER E 292 20.79 7.98 3.17
CA SER E 292 19.90 6.84 3.37
C SER E 292 18.52 7.14 2.78
N GLY E 293 18.04 8.38 2.94
CA GLY E 293 16.75 8.72 2.38
C GLY E 293 16.77 8.62 0.87
N SER E 294 17.91 9.03 0.27
CA SER E 294 18.06 9.00 -1.18
C SER E 294 17.93 7.59 -1.68
N ARG E 295 18.56 6.65 -0.98
CA ARG E 295 18.49 5.25 -1.37
C ARG E 295 17.22 4.62 -0.80
N ALA E 296 16.08 4.96 -1.40
CA ALA E 296 14.84 4.39 -0.90
C ALA E 296 13.84 4.07 -2.00
N SER E 297 13.70 5.00 -2.94
CA SER E 297 12.79 4.84 -4.07
C SER E 297 13.19 3.69 -4.98
N LEU E 298 14.46 3.49 -5.19
CA LEU E 298 14.99 2.46 -6.06
C LEU E 298 15.24 1.14 -5.33
N PRO E 299 15.40 0.03 -6.06
CA PRO E 299 15.66 -1.26 -5.41
C PRO E 299 17.13 -1.46 -5.08
N LYS E 300 17.42 -2.61 -4.48
CA LYS E 300 18.76 -2.98 -4.05
C LYS E 300 19.53 -3.70 -5.15
N VAL E 301 20.78 -3.28 -5.37
CA VAL E 301 21.66 -3.87 -6.37
C VAL E 301 23.07 -3.95 -5.81
N SER E 302 23.84 -4.93 -6.29
CA SER E 302 25.21 -5.12 -5.82
C SER E 302 26.13 -4.00 -6.26
N TYR E 303 26.02 -3.57 -7.51
CA TYR E 303 26.93 -2.57 -8.06
C TYR E 303 26.66 -1.21 -7.46
N VAL E 304 27.65 -0.32 -7.59
CA VAL E 304 27.59 1.00 -6.98
C VAL E 304 27.24 2.05 -8.02
N LYS E 305 26.15 2.78 -7.78
CA LYS E 305 25.64 3.83 -8.63
C LYS E 305 26.38 5.16 -8.45
N ALA E 306 26.21 6.02 -9.46
CA ALA E 306 26.83 7.34 -9.46
C ALA E 306 26.40 8.17 -8.26
N ILE E 307 25.10 8.11 -7.93
CA ILE E 307 24.57 8.86 -6.79
C ILE E 307 25.27 8.42 -5.51
N ASP E 308 25.53 7.12 -5.39
CA ASP E 308 26.26 6.58 -4.26
C ASP E 308 27.66 7.19 -4.19
N ILE E 309 28.32 7.28 -5.35
CA ILE E 309 29.66 7.85 -5.41
C ILE E 309 29.66 9.30 -4.94
N TRP E 310 28.67 10.07 -5.41
CA TRP E 310 28.56 11.47 -5.03
C TRP E 310 28.30 11.63 -3.53
N MET E 311 27.41 10.81 -2.98
CA MET E 311 27.12 10.87 -1.56
C MET E 311 28.35 10.50 -0.74
N ALA E 312 29.08 9.49 -1.18
CA ALA E 312 30.26 9.04 -0.46
C ALA E 312 31.35 10.11 -0.42
N VAL E 313 31.63 10.77 -1.55
CA VAL E 313 32.66 11.82 -1.54
C VAL E 313 32.22 13.00 -0.68
N CYS E 314 30.95 13.40 -0.76
CA CYS E 314 30.48 14.53 0.05
C CYS E 314 30.60 14.21 1.54
N LEU E 315 30.23 12.98 1.91
CA LEU E 315 30.34 12.54 3.29
C LEU E 315 31.80 12.52 3.72
N LEU E 316 32.69 12.11 2.81
CA LEU E 316 34.12 12.08 3.12
C LEU E 316 34.66 13.47 3.40
N PHE E 317 34.24 14.47 2.61
CA PHE E 317 34.71 15.84 2.82
C PHE E 317 34.24 16.37 4.16
N VAL E 318 32.96 16.15 4.46
CA VAL E 318 32.35 16.61 5.70
C VAL E 318 33.02 15.91 6.88
N PHE E 319 33.33 14.62 6.70
CA PHE E 319 34.03 13.83 7.70
C PHE E 319 35.41 14.41 8.00
N SER E 320 36.21 14.60 6.94
CA SER E 320 37.57 15.15 7.02
C SER E 320 37.67 16.45 7.82
N ALA E 321 36.74 17.38 7.56
CA ALA E 321 36.71 18.68 8.27
C ALA E 321 36.81 18.56 9.79
N LEU E 322 36.08 17.61 10.37
CA LEU E 322 36.11 17.39 11.80
C LEU E 322 37.47 16.94 12.29
N LEU E 323 38.12 16.05 11.52
CA LEU E 323 39.45 15.58 11.86
C LEU E 323 40.45 16.73 11.81
N GLU E 324 40.29 17.62 10.84
CA GLU E 324 41.17 18.80 10.76
C GLU E 324 41.03 19.66 12.01
N TYR E 325 39.80 19.88 12.46
CA TYR E 325 39.57 20.64 13.68
C TYR E 325 40.17 19.94 14.90
N ALA E 326 40.02 18.61 14.97
CA ALA E 326 40.57 17.84 16.08
C ALA E 326 42.08 17.95 16.15
N ALA E 327 42.74 17.91 15.00
CA ALA E 327 44.20 18.04 14.96
C ALA E 327 44.62 19.41 15.47
N VAL E 328 43.93 20.46 15.00
CA VAL E 328 44.24 21.82 15.46
C VAL E 328 44.04 21.95 16.97
N ASN E 329 42.95 21.37 17.49
CA ASN E 329 42.66 21.41 18.92
C ASN E 329 43.76 20.70 19.71
N PHE E 330 44.24 19.56 19.19
CA PHE E 330 45.31 18.83 19.85
C PHE E 330 46.60 19.64 19.91
N ILE E 331 46.94 20.32 18.81
CA ILE E 331 48.13 21.16 18.79
C ILE E 331 47.99 22.31 19.78
N ALA E 332 46.79 22.90 19.86
CA ALA E 332 46.54 23.99 20.82
C ALA E 332 46.68 23.49 22.25
N ARG E 333 46.21 22.27 22.51
CA ARG E 333 46.33 21.66 23.82
C ARG E 333 47.80 21.49 24.19
N GLN E 334 48.61 21.06 23.21
CA GLN E 334 50.04 20.90 23.44
C GLN E 334 50.68 22.23 23.79
N HIS E 335 50.26 23.30 23.10
CA HIS E 335 50.77 24.64 23.37
C HIS E 335 50.41 25.11 24.78
N LYS E 336 49.16 24.93 25.20
CA LYS E 336 48.78 25.37 26.54
C LYS E 336 49.46 24.56 27.64
N GLU E 337 49.57 23.23 27.48
CA GLU E 337 50.25 22.42 28.49
C GLU E 337 51.72 22.80 28.61
N LEU E 338 52.40 23.00 27.47
CA LEU E 338 53.80 23.38 27.53
C LEU E 338 53.93 24.77 28.15
N LEU E 339 52.97 25.67 27.85
CA LEU E 339 53.03 27.02 28.41
C LEU E 339 52.92 26.93 29.93
N ARG E 340 52.04 26.02 30.40
CA ARG E 340 51.82 25.83 31.83
C ARG E 340 53.10 25.37 32.50
N PHE E 341 53.85 24.48 31.83
CA PHE E 341 55.13 23.95 32.30
C PHE E 341 56.12 25.06 32.70
N LYS E 394 61.69 33.95 26.82
CA LYS E 394 61.62 32.85 27.76
C LYS E 394 61.68 31.50 27.06
N THR E 395 61.74 30.42 27.85
CA THR E 395 61.82 29.09 27.27
C THR E 395 60.46 28.60 26.76
N VAL E 396 59.35 29.04 27.37
CA VAL E 396 58.05 28.65 26.86
C VAL E 396 57.53 29.63 25.80
N GLU E 397 57.95 30.90 25.85
CA GLU E 397 57.69 31.74 24.69
C GLU E 397 58.65 31.48 23.56
N GLU E 398 59.68 30.65 23.79
CA GLU E 398 60.50 30.18 22.67
C GLU E 398 59.66 29.30 21.75
N MET E 399 58.68 28.57 22.31
CA MET E 399 57.86 27.66 21.54
C MET E 399 56.43 28.15 21.36
N ARG E 400 56.07 29.27 22.01
CA ARG E 400 54.72 29.82 21.85
C ARG E 400 54.45 30.27 20.42
N LYS E 401 55.42 31.00 19.83
CA LYS E 401 55.28 31.50 18.46
C LYS E 401 55.21 30.35 17.48
N LEU E 402 56.04 29.32 17.70
CA LEU E 402 56.11 28.17 16.81
C LEU E 402 54.80 27.41 16.79
N PHE E 403 54.24 27.11 17.96
CA PHE E 403 53.00 26.34 18.00
C PHE E 403 51.81 27.14 17.49
N ILE E 404 51.69 28.41 17.88
CA ILE E 404 50.59 29.23 17.38
C ILE E 404 50.68 29.42 15.87
N SER E 405 51.89 29.67 15.36
CA SER E 405 52.10 29.82 13.91
C SER E 405 51.78 28.56 13.15
N ARG E 406 52.16 27.39 13.69
CA ARG E 406 51.88 26.12 13.04
C ARG E 406 50.38 25.85 12.95
N ALA E 407 49.67 26.07 14.06
CA ALA E 407 48.23 25.86 14.09
C ALA E 407 47.53 26.81 13.13
N LYS E 408 47.93 28.08 13.15
CA LYS E 408 47.35 29.05 12.23
C LYS E 408 47.67 28.70 10.79
N ARG E 409 48.89 28.21 10.52
CA ARG E 409 49.26 27.82 9.16
C ARG E 409 48.37 26.70 8.65
N ILE E 410 48.02 25.77 9.54
CA ILE E 410 47.07 24.71 9.21
C ILE E 410 45.72 25.28 8.82
N ASP E 411 45.14 26.09 9.72
CA ASP E 411 43.81 26.65 9.46
C ASP E 411 43.77 27.53 8.20
N THR E 412 44.79 28.38 8.02
CA THR E 412 44.84 29.27 6.87
C THR E 412 45.00 28.52 5.57
N VAL E 413 45.76 27.42 5.56
CA VAL E 413 45.95 26.73 4.30
C VAL E 413 44.71 25.92 3.97
N SER E 414 44.29 25.04 4.89
CA SER E 414 43.03 24.29 4.83
C SER E 414 41.81 25.05 4.32
N ARG E 415 41.68 26.31 4.79
CA ARG E 415 40.54 27.15 4.46
C ARG E 415 40.46 27.46 2.97
N VAL E 416 41.58 27.90 2.39
CA VAL E 416 41.62 28.16 0.96
C VAL E 416 41.67 26.84 0.16
N ALA E 417 42.37 25.82 0.67
CA ALA E 417 42.65 24.60 -0.07
C ALA E 417 41.41 23.77 -0.38
N PHE E 418 40.50 23.61 0.59
CA PHE E 418 39.39 22.67 0.35
C PHE E 418 38.43 22.98 -0.81
N PRO E 419 37.94 24.22 -1.03
CA PRO E 419 37.05 24.41 -2.19
C PRO E 419 37.69 24.11 -3.52
N LEU E 420 38.97 24.44 -3.73
CA LEU E 420 39.59 24.17 -5.01
C LEU E 420 39.65 22.67 -5.28
N VAL E 421 39.98 21.89 -4.23
CA VAL E 421 40.14 20.43 -4.28
C VAL E 421 38.75 19.78 -4.28
N PHE E 422 37.71 20.59 -4.33
CA PHE E 422 36.33 20.13 -4.43
C PHE E 422 35.76 20.50 -5.78
N LEU E 423 36.08 21.71 -6.24
CA LEU E 423 35.70 22.18 -7.56
C LEU E 423 36.33 21.33 -8.65
N ILE E 424 37.62 20.97 -8.49
CA ILE E 424 38.28 20.15 -9.50
C ILE E 424 37.65 18.76 -9.59
N PHE E 425 37.18 18.21 -8.46
CA PHE E 425 36.53 16.90 -8.51
C PHE E 425 35.18 17.03 -9.18
N ASN E 426 34.43 18.08 -8.85
CA ASN E 426 33.10 18.28 -9.40
C ASN E 426 33.17 18.39 -10.92
N ILE E 427 34.16 19.15 -11.42
CA ILE E 427 34.37 19.29 -12.86
C ILE E 427 34.72 17.95 -13.48
N PHE E 428 35.60 17.17 -12.82
CA PHE E 428 36.01 15.87 -13.32
C PHE E 428 34.82 14.91 -13.43
N TYR E 429 33.99 14.90 -12.39
CA TYR E 429 32.82 14.03 -12.32
C TYR E 429 31.84 14.33 -13.45
N TRP E 430 31.46 15.60 -13.59
CA TRP E 430 30.48 15.96 -14.61
C TRP E 430 31.00 15.68 -16.02
N ILE E 431 32.28 16.01 -16.30
CA ILE E 431 32.79 15.78 -17.66
C ILE E 431 32.82 14.29 -18.01
N THR E 432 33.27 13.43 -17.06
CA THR E 432 33.31 12.01 -17.38
C THR E 432 31.92 11.43 -17.59
N TYR E 433 30.94 11.84 -16.77
CA TYR E 433 29.60 11.33 -16.99
C TYR E 433 29.00 11.84 -18.29
N LYS E 434 29.24 13.10 -18.63
CA LYS E 434 28.72 13.68 -19.88
C LYS E 434 29.30 12.97 -21.10
N ILE E 435 30.62 12.70 -21.11
CA ILE E 435 31.17 11.98 -22.25
C ILE E 435 30.63 10.56 -22.29
N ILE E 436 30.46 9.92 -21.11
CA ILE E 436 29.97 8.55 -21.08
C ILE E 436 28.55 8.47 -21.65
N ARG E 437 27.66 9.42 -21.26
CA ARG E 437 26.29 9.42 -21.77
C ARG E 437 26.29 9.68 -23.28
N SER E 438 27.13 10.61 -23.74
CA SER E 438 27.22 10.93 -25.16
C SER E 438 27.68 9.73 -25.99
N GLU E 439 28.71 9.02 -25.54
CA GLU E 439 29.16 7.86 -26.29
C GLU E 439 28.19 6.68 -26.23
N ASP E 440 27.57 6.41 -25.08
CA ASP E 440 26.71 5.22 -24.99
C ASP E 440 25.45 5.25 -25.88
C1 NAG F . 3.96 -47.81 -14.56
C2 NAG F . 3.14 -48.98 -15.13
C3 NAG F . 3.23 -50.21 -14.23
C4 NAG F . 4.68 -50.55 -13.91
C5 NAG F . 5.37 -49.32 -13.32
C6 NAG F . 6.83 -49.57 -13.06
C7 NAG F . 1.10 -48.78 -16.50
C8 NAG F . 1.87 -49.41 -17.63
N2 NAG F . 1.75 -48.61 -15.35
O3 NAG F . 2.61 -51.31 -14.88
O4 NAG F . 4.73 -51.62 -12.98
O5 NAG F . 5.30 -48.24 -14.25
O6 NAG F . 7.60 -49.40 -14.25
O7 NAG F . -0.08 -48.45 -16.63
N GLY G . 6.18 -23.73 -26.27
CA GLY G . 5.11 -24.25 -25.43
C GLY G . 5.60 -25.23 -24.39
O GLY G . 6.63 -25.89 -24.56
OXT GLY G . 4.98 -25.39 -23.34
N GLY H . -6.95 -35.36 -0.17
CA GLY H . -8.20 -34.65 -0.35
C GLY H . -8.98 -34.47 0.93
O GLY H . -8.85 -35.25 1.88
OXT GLY H . -9.77 -33.55 1.06
C1 NAG I . -30.00 -37.75 13.33
C2 NAG I . -31.18 -38.59 12.84
C3 NAG I . -32.34 -38.54 13.85
C4 NAG I . -31.86 -38.88 15.25
C5 NAG I . -30.70 -37.97 15.63
C6 NAG I . -30.12 -38.32 16.98
C7 NAG I . -31.81 -38.98 10.50
C8 NAG I . -31.51 -40.43 10.72
N2 NAG I . -31.64 -38.15 11.53
O3 NAG I . -33.34 -39.45 13.45
O4 NAG I . -32.92 -38.72 16.18
O5 NAG I . -29.64 -38.12 14.68
O6 NAG I . -29.21 -39.39 16.87
O7 NAG I . -32.20 -38.57 9.41
N GLY J . -30.97 -16.54 7.88
CA GLY J . -31.10 -15.95 6.57
C GLY J . -31.79 -14.60 6.57
O GLY J . -32.59 -14.29 7.46
OXT GLY J . -31.57 -13.77 5.69
C1 NAG K . -49.99 -0.48 -2.00
C2 NAG K . -51.17 -0.97 -2.85
C3 NAG K . -52.09 0.20 -3.23
C4 NAG K . -52.48 1.00 -2.00
C5 NAG K . -51.24 1.45 -1.25
C6 NAG K . -51.57 2.18 0.03
C7 NAG K . -51.13 -2.87 -4.42
C8 NAG K . -52.13 -3.53 -3.52
N2 NAG K . -50.70 -1.65 -4.04
O3 NAG K . -53.25 -0.32 -3.86
O4 NAG K . -53.25 2.13 -2.38
O5 NAG K . -50.47 0.30 -0.88
O6 NAG K . -51.83 1.26 1.08
O7 NAG K . -50.71 -3.41 -5.44
N GLY L . -32.73 6.63 -13.50
CA GLY L . -31.96 5.92 -14.51
C GLY L . -31.33 6.83 -15.54
O GLY L . -31.82 7.94 -15.80
OXT GLY L . -30.31 6.50 -16.14
C1 NAG M . -28.36 12.64 -39.23
C2 NAG M . -29.15 12.05 -40.40
C3 NAG M . -28.67 12.61 -41.74
C4 NAG M . -28.64 14.13 -41.71
C5 NAG M . -27.80 14.61 -40.53
C6 NAG M . -27.80 16.11 -40.38
C7 NAG M . -30.14 9.79 -40.48
C8 NAG M . -31.49 10.45 -40.54
N2 NAG M . -29.08 10.59 -40.41
O3 NAG M . -29.54 12.17 -42.77
O4 NAG M . -28.09 14.63 -42.92
O5 NAG M . -28.36 14.08 -39.31
O6 NAG M . -28.97 16.55 -39.70
O7 NAG M . -30.02 8.56 -40.49
N GLY N . -9.72 2.08 -34.56
CA GLY N . -9.54 0.68 -34.23
C GLY N . -8.17 0.15 -34.61
O GLY N . -7.52 0.65 -35.53
OXT GLY N . -7.68 -0.81 -34.03
C1 NAG O . 5.00 -16.54 -46.95
C2 NAG O . 4.43 -17.56 -47.95
C3 NAG O . 5.53 -18.46 -48.48
C4 NAG O . 6.70 -17.65 -49.01
C5 NAG O . 7.20 -16.71 -47.93
C6 NAG O . 8.31 -15.81 -48.42
C7 NAG O . 2.16 -18.51 -47.90
C8 NAG O . 1.92 -17.82 -49.21
N2 NAG O . 3.37 -18.34 -47.34
O3 NAG O . 5.00 -19.27 -49.52
O4 NAG O . 7.76 -18.53 -49.39
O5 NAG O . 6.12 -15.85 -47.53
O6 NAG O . 7.78 -14.69 -49.11
O7 NAG O . 1.29 -19.19 -47.35
#